data_8UPY
# 
_entry.id   8UPY 
# 
_audit_conform.dict_name       mmcif_pdbx.dic 
_audit_conform.dict_version    5.395 
_audit_conform.dict_location   http://mmcif.pdb.org/dictionaries/ascii/mmcif_pdbx.dic 
# 
loop_
_database_2.database_id 
_database_2.database_code 
_database_2.pdbx_database_accession 
_database_2.pdbx_DOI 
PDB   8UPY         pdb_00008upy 10.2210/pdb8upy/pdb 
WWPDB D_1000278556 ?            ?                   
EMDB  EMD-42457    ?            ?                   
# 
_pdbx_audit_revision_history.ordinal             1 
_pdbx_audit_revision_history.data_content_type   'Structure model' 
_pdbx_audit_revision_history.major_revision      1 
_pdbx_audit_revision_history.minor_revision      0 
_pdbx_audit_revision_history.revision_date       2024-09-04 
# 
_pdbx_audit_revision_details.ordinal             1 
_pdbx_audit_revision_details.revision_ordinal    1 
_pdbx_audit_revision_details.data_content_type   'Structure model' 
_pdbx_audit_revision_details.provider            repository 
_pdbx_audit_revision_details.type                'Initial release' 
_pdbx_audit_revision_details.description         ? 
_pdbx_audit_revision_details.details             ? 
# 
_pdbx_database_status.status_code                     REL 
_pdbx_database_status.status_code_sf                  ? 
_pdbx_database_status.status_code_mr                  ? 
_pdbx_database_status.entry_id                        8UPY 
_pdbx_database_status.recvd_initial_deposition_date   2023-10-23 
_pdbx_database_status.SG_entry                        N 
_pdbx_database_status.deposit_site                    RCSB 
_pdbx_database_status.process_site                    RCSB 
_pdbx_database_status.status_code_cs                  ? 
_pdbx_database_status.status_code_nmr_data            ? 
_pdbx_database_status.methods_development_category    ? 
_pdbx_database_status.pdb_format_compatible           Y 
# 
_pdbx_database_related.db_name        EMDB 
_pdbx_database_related.details        'Methanosarcine mazei tRNAPyl in A-site of ribosome' 
_pdbx_database_related.db_id          EMD-42457 
_pdbx_database_related.content_type   'associated EM volume' 
# 
_pdbx_contact_author.id                 3 
_pdbx_contact_author.email              dieter.soll@yale.edu 
_pdbx_contact_author.name_first         Dieter 
_pdbx_contact_author.name_last          Soll 
_pdbx_contact_author.name_mi            ? 
_pdbx_contact_author.role               'principal investigator/group leader' 
_pdbx_contact_author.identifier_ORCID   0000-0002-3077-8986 
# 
loop_
_audit_author.name 
_audit_author.pdbx_ordinal 
_audit_author.identifier_ORCID 
'Krahn, N.'      1  0000-0003-0696-433X 
'Zhang, J.'      2  ?                   
'Melnikov, S.V.' 3  ?                   
'Tharp, J.M.'    4  0000-0002-2362-3249 
'Villa, A.'      5  ?                   
'Patel, A.'      6  ?                   
'Howard, R.J.'   7  0000-0003-2049-3378 
'Gabir, H.'      8  ?                   
'Patel, T.R.'    9  0000-0003-0627-2923 
'Stetefeld, J.'  10 0000-0003-1478-3248 
'Puglisi, J.'    11 ?                   
'Soll, D.'       12 0000-0002-3077-8986 
# 
_citation.abstract                  ? 
_citation.abstract_id_CAS           ? 
_citation.book_id_ISBN              ? 
_citation.book_publisher            ? 
_citation.book_publisher_city       ? 
_citation.book_title                ? 
_citation.coordinate_linkage        ? 
_citation.country                   UK 
_citation.database_id_Medline       ? 
_citation.details                   ? 
_citation.id                        primary 
_citation.journal_abbrev            'Nucleic Acids Res.' 
_citation.journal_id_ASTM           NARHAD 
_citation.journal_id_CSD            0389 
_citation.journal_id_ISSN           1362-4962 
_citation.journal_full              ? 
_citation.journal_issue             ? 
_citation.journal_volume            52 
_citation.language                  ? 
_citation.page_first                513 
_citation.page_last                 524 
_citation.title                     
'tRNA shape is an identity element for an archaeal pyrrolysyl-tRNA synthetase from the human gut.' 
_citation.year                      2024 
_citation.database_id_CSD           ? 
_citation.pdbx_database_id_DOI      10.1093/nar/gkad1188 
_citation.pdbx_database_id_PubMed   38100361 
_citation.pdbx_database_id_patent   ? 
_citation.unpublished_flag          ? 
# 
loop_
_citation_author.citation_id 
_citation_author.name 
_citation_author.ordinal 
_citation_author.identifier_ORCID 
primary 'Krahn, N.'      1  0000-0003-0696-433X 
primary 'Zhang, J.'      2  ?                   
primary 'Melnikov, S.V.' 3  ?                   
primary 'Tharp, J.M.'    4  ?                   
primary 'Villa, A.'      5  ?                   
primary 'Patel, A.'      6  ?                   
primary 'Howard, R.J.'   7  ?                   
primary 'Gabir, H.'      8  ?                   
primary 'Patel, T.R.'    9  0000-0003-0627-2923 
primary 'Stetefeld, J.'  10 ?                   
primary 'Puglisi, J.'    11 0000-0001-9268-5112 
primary 'Soll, D.'       12 0000-0002-3077-8986 
# 
_entity.id                         1 
_entity.type                       polymer 
_entity.src_method                 man 
_entity.pdbx_description           'RNA (72-MER)' 
_entity.formula_weight             23114.709 
_entity.pdbx_number_of_molecules   1 
_entity.pdbx_ec                    ? 
_entity.pdbx_mutation              ? 
_entity.pdbx_fragment              ? 
_entity.details                    ? 
# 
_entity_poly.entity_id                      1 
_entity_poly.type                           polyribonucleotide 
_entity_poly.nstd_linkage                   no 
_entity_poly.nstd_monomer                   no 
_entity_poly.pdbx_seq_one_letter_code       GGAAACCUGAUCAUGUAGAUCGAAUGGACUCUAAAUCCGUUCAGCCGGGUUAGAUUCCCGGGGUUUCCGCCA 
_entity_poly.pdbx_seq_one_letter_code_can   GGAAACCUGAUCAUGUAGAUCGAAUGGACUCUAAAUCCGUUCAGCCGGGUUAGAUUCCCGGGGUUUCCGCCA 
_entity_poly.pdbx_strand_id                 C 
_entity_poly.pdbx_target_identifier         ? 
# 
loop_
_entity_poly_seq.entity_id 
_entity_poly_seq.num 
_entity_poly_seq.mon_id 
_entity_poly_seq.hetero 
1 1  G n 
1 2  G n 
1 3  A n 
1 4  A n 
1 5  A n 
1 6  C n 
1 7  C n 
1 8  U n 
1 9  G n 
1 10 A n 
1 11 U n 
1 12 C n 
1 13 A n 
1 14 U n 
1 15 G n 
1 16 U n 
1 17 A n 
1 18 G n 
1 19 A n 
1 20 U n 
1 21 C n 
1 22 G n 
1 23 A n 
1 24 A n 
1 25 U n 
1 26 G n 
1 27 G n 
1 28 A n 
1 29 C n 
1 30 U n 
1 31 C n 
1 32 U n 
1 33 A n 
1 34 A n 
1 35 A n 
1 36 U n 
1 37 C n 
1 38 C n 
1 39 G n 
1 40 U n 
1 41 U n 
1 42 C n 
1 43 A n 
1 44 G n 
1 45 C n 
1 46 C n 
1 47 G n 
1 48 G n 
1 49 G n 
1 50 U n 
1 51 U n 
1 52 A n 
1 53 G n 
1 54 A n 
1 55 U n 
1 56 U n 
1 57 C n 
1 58 C n 
1 59 C n 
1 60 G n 
1 61 G n 
1 62 G n 
1 63 G n 
1 64 U n 
1 65 U n 
1 66 U n 
1 67 C n 
1 68 C n 
1 69 G n 
1 70 C n 
1 71 C n 
1 72 A n 
# 
_entity_src_gen.entity_id                          1 
_entity_src_gen.pdbx_src_id                        1 
_entity_src_gen.pdbx_alt_source_flag               sample 
_entity_src_gen.pdbx_seq_type                      'Biological sequence' 
_entity_src_gen.pdbx_beg_seq_num                   1 
_entity_src_gen.pdbx_end_seq_num                   72 
_entity_src_gen.gene_src_common_name               ? 
_entity_src_gen.gene_src_genus                     ? 
_entity_src_gen.pdbx_gene_src_gene                 pylT 
_entity_src_gen.gene_src_species                   ? 
_entity_src_gen.gene_src_strain                    ? 
_entity_src_gen.gene_src_tissue                    ? 
_entity_src_gen.gene_src_tissue_fraction           ? 
_entity_src_gen.gene_src_details                   ? 
_entity_src_gen.pdbx_gene_src_fragment             ? 
_entity_src_gen.pdbx_gene_src_scientific_name      'Methanosarcina mazei' 
_entity_src_gen.pdbx_gene_src_ncbi_taxonomy_id     2209 
_entity_src_gen.pdbx_gene_src_variant              ? 
_entity_src_gen.pdbx_gene_src_cell_line            ? 
_entity_src_gen.pdbx_gene_src_atcc                 ? 
_entity_src_gen.pdbx_gene_src_organ                ? 
_entity_src_gen.pdbx_gene_src_organelle            ? 
_entity_src_gen.pdbx_gene_src_cell                 ? 
_entity_src_gen.pdbx_gene_src_cellular_location    ? 
_entity_src_gen.host_org_common_name               ? 
_entity_src_gen.pdbx_host_org_scientific_name      'in vitro transcription vector pT7-TP(deltai)' 
_entity_src_gen.pdbx_host_org_ncbi_taxonomy_id     905931 
_entity_src_gen.host_org_genus                     ? 
_entity_src_gen.pdbx_host_org_gene                 ? 
_entity_src_gen.pdbx_host_org_organ                ? 
_entity_src_gen.host_org_species                   ? 
_entity_src_gen.pdbx_host_org_tissue               ? 
_entity_src_gen.pdbx_host_org_tissue_fraction      ? 
_entity_src_gen.pdbx_host_org_strain               ? 
_entity_src_gen.pdbx_host_org_variant              ? 
_entity_src_gen.pdbx_host_org_cell_line            ? 
_entity_src_gen.pdbx_host_org_atcc                 ? 
_entity_src_gen.pdbx_host_org_culture_collection   ? 
_entity_src_gen.pdbx_host_org_cell                 ? 
_entity_src_gen.pdbx_host_org_organelle            ? 
_entity_src_gen.pdbx_host_org_cellular_location    ? 
_entity_src_gen.pdbx_host_org_vector_type          ? 
_entity_src_gen.pdbx_host_org_vector               ? 
_entity_src_gen.host_org_details                   ? 
_entity_src_gen.expression_system_id               ? 
_entity_src_gen.plasmid_name                       ? 
_entity_src_gen.plasmid_details                    ? 
_entity_src_gen.pdbx_description                   ? 
# 
loop_
_chem_comp.id 
_chem_comp.type 
_chem_comp.mon_nstd_flag 
_chem_comp.name 
_chem_comp.pdbx_synonyms 
_chem_comp.formula 
_chem_comp.formula_weight 
A 'RNA linking' y "ADENOSINE-5'-MONOPHOSPHATE" ? 'C10 H14 N5 O7 P' 347.221 
C 'RNA linking' y "CYTIDINE-5'-MONOPHOSPHATE"  ? 'C9 H14 N3 O8 P'  323.197 
G 'RNA linking' y "GUANOSINE-5'-MONOPHOSPHATE" ? 'C10 H14 N5 O8 P' 363.221 
U 'RNA linking' y "URIDINE-5'-MONOPHOSPHATE"   ? 'C9 H13 N2 O9 P'  324.181 
# 
loop_
_pdbx_poly_seq_scheme.asym_id 
_pdbx_poly_seq_scheme.entity_id 
_pdbx_poly_seq_scheme.seq_id 
_pdbx_poly_seq_scheme.mon_id 
_pdbx_poly_seq_scheme.ndb_seq_num 
_pdbx_poly_seq_scheme.pdb_seq_num 
_pdbx_poly_seq_scheme.auth_seq_num 
_pdbx_poly_seq_scheme.pdb_mon_id 
_pdbx_poly_seq_scheme.auth_mon_id 
_pdbx_poly_seq_scheme.pdb_strand_id 
_pdbx_poly_seq_scheme.pdb_ins_code 
_pdbx_poly_seq_scheme.hetero 
A 1 1  G 1  1  1  G G C . n 
A 1 2  G 2  2  2  G G C . n 
A 1 3  A 3  3  3  A A C . n 
A 1 4  A 4  4  4  A A C . n 
A 1 5  A 5  5  5  A A C . n 
A 1 6  C 6  6  6  C C C . n 
A 1 7  C 7  7  7  C C C . n 
A 1 8  U 8  8  8  U U C . n 
A 1 9  G 9  10 10 G G C . n 
A 1 10 A 10 11 11 A A C . n 
A 1 11 U 11 12 12 U U C . n 
A 1 12 C 12 13 13 C C C . n 
A 1 13 A 13 14 14 A A C . n 
A 1 14 U 14 15 15 U U C . n 
A 1 15 G 15 18 18 G G C . n 
A 1 16 U 16 19 19 U U C . n 
A 1 17 A 17 20 20 A A C . n 
A 1 18 G 18 21 21 G G C . n 
A 1 19 A 19 22 22 A A C . n 
A 1 20 U 20 23 23 U U C . n 
A 1 21 C 21 24 24 C C C . n 
A 1 22 G 22 25 25 G G C . n 
A 1 23 A 23 26 26 A A C . n 
A 1 24 A 24 27 27 A A C . n 
A 1 25 U 25 28 28 U U C . n 
A 1 26 G 26 29 29 G G C . n 
A 1 27 G 27 30 30 G G C . n 
A 1 28 A 28 31 31 A A C . n 
A 1 29 C 29 32 32 C C C . n 
A 1 30 U 30 33 33 U U C . n 
A 1 31 C 31 34 34 C C C . n 
A 1 32 U 32 35 35 U U C . n 
A 1 33 A 33 36 36 A A C . n 
A 1 34 A 34 37 37 A A C . n 
A 1 35 A 35 38 38 A A C . n 
A 1 36 U 36 39 39 U U C . n 
A 1 37 C 37 40 40 C C C . n 
A 1 38 C 38 41 41 C C C . n 
A 1 39 G 39 42 42 G G C . n 
A 1 40 U 40 43 43 U U C . n 
A 1 41 U 41 44 44 U U C . n 
A 1 42 C 42 45 45 C C C . n 
A 1 43 A 43 47 47 A A C . n 
A 1 44 G 44 48 48 G G C . n 
A 1 45 C 45 49 49 C C C . n 
A 1 46 C 46 50 50 C C C . n 
A 1 47 G 47 51 51 G G C . n 
A 1 48 G 48 52 52 G G C . n 
A 1 49 G 49 53 53 G G C . n 
A 1 50 U 50 54 54 U U C . n 
A 1 51 U 51 55 55 U U C . n 
A 1 52 A 52 56 56 A A C . n 
A 1 53 G 53 57 57 G G C . n 
A 1 54 A 54 58 58 A A C . n 
A 1 55 U 55 59 59 U U C . n 
A 1 56 U 56 60 60 U U C . n 
A 1 57 C 57 61 61 C C C . n 
A 1 58 C 58 62 62 C C C . n 
A 1 59 C 59 63 63 C C C . n 
A 1 60 G 60 64 64 G G C . n 
A 1 61 G 61 65 65 G G C . n 
A 1 62 G 62 66 66 G G C . n 
A 1 63 G 63 67 67 G G C . n 
A 1 64 U 64 68 68 U U C . n 
A 1 65 U 65 69 69 U U C . n 
A 1 66 U 66 70 70 U U C . n 
A 1 67 C 67 71 71 C C C . n 
A 1 68 C 68 72 72 C C C . n 
A 1 69 G 69 73 73 G G C . n 
A 1 70 C 70 74 74 C C C . n 
A 1 71 C 71 75 75 C C C . n 
A 1 72 A 72 76 76 A A C . n 
# 
_exptl.absorpt_coefficient_mu     ? 
_exptl.absorpt_correction_T_max   ? 
_exptl.absorpt_correction_T_min   ? 
_exptl.absorpt_correction_type    ? 
_exptl.absorpt_process_details    ? 
_exptl.entry_id                   8UPY 
_exptl.crystals_number            ? 
_exptl.details                    ? 
_exptl.method                     'ELECTRON MICROSCOPY' 
_exptl.method_details             ? 
# 
_struct.entry_id                     8UPY 
_struct.title                        'Methanosarcine mazei tRNAPyl in A-site of ribosome' 
_struct.pdbx_model_details           ? 
_struct.pdbx_formula_weight          ? 
_struct.pdbx_formula_weight_method   ? 
_struct.pdbx_model_type_details      ? 
_struct.pdbx_CASP_flag               N 
# 
_struct_keywords.entry_id        8UPY 
_struct_keywords.text            'tRNA, pyrrolysine, translation, RNA' 
_struct_keywords.pdbx_keywords   RNA 
# 
_struct_asym.id                            A 
_struct_asym.pdbx_blank_PDB_chainid_flag   N 
_struct_asym.pdbx_modified                 N 
_struct_asym.entity_id                     1 
_struct_asym.details                       ? 
# 
_struct_ref.id                         1 
_struct_ref.db_name                    GB 
_struct_ref.db_code                    AP019780.1 
_struct_ref.pdbx_db_accession          2047643091 
_struct_ref.pdbx_db_isoform            ? 
_struct_ref.entity_id                  1 
_struct_ref.pdbx_seq_one_letter_code   GGAAACCUGAUCAUGUAGAUCGAAUGGACUCUAAAUCCGUUCAGCCGGGUUAGAUUCCCGGGGUUUCCGCCA 
_struct_ref.pdbx_align_begin           3434586 
# 
_struct_ref_seq.align_id                      1 
_struct_ref_seq.ref_id                        1 
_struct_ref_seq.pdbx_PDB_id_code              8UPY 
_struct_ref_seq.pdbx_strand_id                C 
_struct_ref_seq.seq_align_beg                 1 
_struct_ref_seq.pdbx_seq_align_beg_ins_code   ? 
_struct_ref_seq.seq_align_end                 72 
_struct_ref_seq.pdbx_seq_align_end_ins_code   ? 
_struct_ref_seq.pdbx_db_accession             2047643091 
_struct_ref_seq.db_align_beg                  3434586 
_struct_ref_seq.pdbx_db_align_beg_ins_code    ? 
_struct_ref_seq.db_align_end                  3434657 
_struct_ref_seq.pdbx_db_align_end_ins_code    ? 
_struct_ref_seq.pdbx_auth_seq_align_beg       1 
_struct_ref_seq.pdbx_auth_seq_align_end       76 
# 
_pdbx_struct_assembly.id                   1 
_pdbx_struct_assembly.details              author_and_software_defined_assembly 
_pdbx_struct_assembly.method_details       PISA 
_pdbx_struct_assembly.oligomeric_details   monomeric 
_pdbx_struct_assembly.oligomeric_count     1 
# 
_pdbx_struct_assembly_gen.assembly_id       1 
_pdbx_struct_assembly_gen.oper_expression   1 
_pdbx_struct_assembly_gen.asym_id_list      A 
# 
_pdbx_struct_assembly_auth_evidence.id                     1 
_pdbx_struct_assembly_auth_evidence.assembly_id            1 
_pdbx_struct_assembly_auth_evidence.experimental_support   'electron microscopy' 
_pdbx_struct_assembly_auth_evidence.details                'not applicable' 
# 
_pdbx_struct_oper_list.id                   1 
_pdbx_struct_oper_list.type                 'identity operation' 
_pdbx_struct_oper_list.name                 1_555 
_pdbx_struct_oper_list.symmetry_operation   x,y,z 
_pdbx_struct_oper_list.matrix[1][1]         1.0 
_pdbx_struct_oper_list.matrix[1][2]         0.0 
_pdbx_struct_oper_list.matrix[1][3]         0.0 
_pdbx_struct_oper_list.vector[1]            0.0 
_pdbx_struct_oper_list.matrix[2][1]         0.0 
_pdbx_struct_oper_list.matrix[2][2]         1.0 
_pdbx_struct_oper_list.matrix[2][3]         0.0 
_pdbx_struct_oper_list.vector[2]            0.0 
_pdbx_struct_oper_list.matrix[3][1]         0.0 
_pdbx_struct_oper_list.matrix[3][2]         0.0 
_pdbx_struct_oper_list.matrix[3][3]         1.0 
_pdbx_struct_oper_list.vector[3]            0.0 
# 
loop_
_struct_conn.id 
_struct_conn.conn_type_id 
_struct_conn.pdbx_leaving_atom_flag 
_struct_conn.pdbx_PDB_id 
_struct_conn.ptnr1_label_asym_id 
_struct_conn.ptnr1_label_comp_id 
_struct_conn.ptnr1_label_seq_id 
_struct_conn.ptnr1_label_atom_id 
_struct_conn.pdbx_ptnr1_label_alt_id 
_struct_conn.pdbx_ptnr1_PDB_ins_code 
_struct_conn.pdbx_ptnr1_standard_comp_id 
_struct_conn.ptnr1_symmetry 
_struct_conn.ptnr2_label_asym_id 
_struct_conn.ptnr2_label_comp_id 
_struct_conn.ptnr2_label_seq_id 
_struct_conn.ptnr2_label_atom_id 
_struct_conn.pdbx_ptnr2_label_alt_id 
_struct_conn.pdbx_ptnr2_PDB_ins_code 
_struct_conn.ptnr1_auth_asym_id 
_struct_conn.ptnr1_auth_comp_id 
_struct_conn.ptnr1_auth_seq_id 
_struct_conn.ptnr2_auth_asym_id 
_struct_conn.ptnr2_auth_comp_id 
_struct_conn.ptnr2_auth_seq_id 
_struct_conn.ptnr2_symmetry 
_struct_conn.pdbx_ptnr3_label_atom_id 
_struct_conn.pdbx_ptnr3_label_seq_id 
_struct_conn.pdbx_ptnr3_label_comp_id 
_struct_conn.pdbx_ptnr3_label_asym_id 
_struct_conn.pdbx_ptnr3_label_alt_id 
_struct_conn.pdbx_ptnr3_PDB_ins_code 
_struct_conn.details 
_struct_conn.pdbx_dist_value 
_struct_conn.pdbx_value_order 
_struct_conn.pdbx_role 
hydrog1  hydrog ? ? A G 1  N1 ? ? ? 1_555 A C 68 N3 ? ? C G 1  C C 72 1_555 ? ? ? ? ? ? WATSON-CRICK            ? ? ? 
hydrog2  hydrog ? ? A G 1  N2 ? ? ? 1_555 A C 68 O2 ? ? C G 1  C C 72 1_555 ? ? ? ? ? ? WATSON-CRICK            ? ? ? 
hydrog3  hydrog ? ? A G 1  O6 ? ? ? 1_555 A C 68 N4 ? ? C G 1  C C 72 1_555 ? ? ? ? ? ? WATSON-CRICK            ? ? ? 
hydrog4  hydrog ? ? A G 2  N1 ? ? ? 1_555 A C 67 N3 ? ? C G 2  C C 71 1_555 ? ? ? ? ? ? WATSON-CRICK            ? ? ? 
hydrog5  hydrog ? ? A G 2  N2 ? ? ? 1_555 A C 67 O2 ? ? C G 2  C C 71 1_555 ? ? ? ? ? ? WATSON-CRICK            ? ? ? 
hydrog6  hydrog ? ? A G 2  O6 ? ? ? 1_555 A C 67 N4 ? ? C G 2  C C 71 1_555 ? ? ? ? ? ? WATSON-CRICK            ? ? ? 
hydrog7  hydrog ? ? A A 3  N1 ? ? ? 1_555 A C 67 N4 ? ? C A 3  C C 71 1_555 ? ? ? ? ? ? TYPE_26_PAIR            ? ? ? 
hydrog8  hydrog ? ? A A 3  N6 ? ? ? 1_555 A C 67 N3 ? ? C A 3  C C 71 1_555 ? ? ? ? ? ? TYPE_26_PAIR            ? ? ? 
hydrog9  hydrog ? ? A A 4  N1 ? ? ? 1_555 A U 65 N3 ? ? C A 4  C U 69 1_555 ? ? ? ? ? ? 'A-U PAIR'              ? ? ? 
hydrog10 hydrog ? ? A A 4  N1 ? ? ? 1_555 A U 66 N3 ? ? C A 4  C U 70 1_555 ? ? ? ? ? ? 'A-U PAIR'              ? ? ? 
hydrog11 hydrog ? ? A A 5  N1 ? ? ? 1_555 A U 64 N3 ? ? C A 5  C U 68 1_555 ? ? ? ? ? ? WATSON-CRICK            ? ? ? 
hydrog12 hydrog ? ? A A 5  N6 ? ? ? 1_555 A U 64 O4 ? ? C A 5  C U 68 1_555 ? ? ? ? ? ? WATSON-CRICK            ? ? ? 
hydrog13 hydrog ? ? A C 6  N3 ? ? ? 1_555 A G 63 N1 ? ? C C 6  C G 67 1_555 ? ? ? ? ? ? WATSON-CRICK            ? ? ? 
hydrog14 hydrog ? ? A C 6  N4 ? ? ? 1_555 A G 63 O6 ? ? C C 6  C G 67 1_555 ? ? ? ? ? ? WATSON-CRICK            ? ? ? 
hydrog15 hydrog ? ? A C 6  O2 ? ? ? 1_555 A G 63 N2 ? ? C C 6  C G 67 1_555 ? ? ? ? ? ? WATSON-CRICK            ? ? ? 
hydrog16 hydrog ? ? A C 7  N3 ? ? ? 1_555 A G 62 N2 ? ? C C 7  C G 66 1_555 ? ? ? ? ? ? 'REVERSED WATSON-CRICK' ? ? ? 
hydrog17 hydrog ? ? A C 7  O2 ? ? ? 1_555 A G 62 N1 ? ? C C 7  C G 66 1_555 ? ? ? ? ? ? 'REVERSED WATSON-CRICK' ? ? ? 
hydrog18 hydrog ? ? A U 8  N3 ? ? ? 1_555 A U 11 O4 ? ? C U 8  C U 12 1_555 ? ? ? ? ? ? TYPE_12_PAIR            ? ? ? 
hydrog19 hydrog ? ? A U 8  O4 ? ? ? 1_555 A U 11 N3 ? ? C U 8  C U 12 1_555 ? ? ? ? ? ? TYPE_12_PAIR            ? ? ? 
hydrog20 hydrog ? ? A U 8  O2 ? ? ? 1_555 A G 18 N2 ? ? C U 8  C G 21 1_555 ? ? ? ? ? ? 'U-G MISPAIR'           ? ? ? 
hydrog21 hydrog ? ? A A 10 N1 ? ? ? 1_555 A U 20 N3 ? ? C A 11 C U 23 1_555 ? ? ? ? ? ? WATSON-CRICK            ? ? ? 
hydrog22 hydrog ? ? A A 10 N6 ? ? ? 1_555 A U 20 O4 ? ? C A 11 C U 23 1_555 ? ? ? ? ? ? WATSON-CRICK            ? ? ? 
hydrog23 hydrog ? ? A U 11 O4 ? ? ? 1_555 A A 19 N6 ? ? C U 12 C A 22 1_555 ? ? ? ? ? ? 'U-A PAIR'              ? ? ? 
hydrog24 hydrog ? ? A C 12 N4 ? ? ? 1_555 A G 18 N3 ? ? C C 13 C G 21 1_555 ? ? ? ? ? ? 'C-G PAIR'              ? ? ? 
hydrog25 hydrog ? ? A A 13 N6 ? ? ? 1_555 A G 44 N7 ? ? C A 14 C G 48 1_555 ? ? ? ? ? ? 'A-G MISPAIR'           ? ? ? 
hydrog26 hydrog ? ? A G 15 N1 ? ? ? 1_555 A U 51 O2 ? ? C G 18 C U 55 1_555 ? ? ? ? ? ? 'G-U MISPAIR'           ? ? ? 
hydrog27 hydrog ? ? A U 16 N3 ? ? ? 1_555 A A 52 N1 ? ? C U 19 C A 56 1_555 ? ? ? ? ? ? 'U-A PAIR'              ? ? ? 
hydrog28 hydrog ? ? A A 19 N6 ? ? ? 1_555 A A 43 N1 ? ? C A 22 C A 47 1_555 ? ? ? ? ? ? TYPE_5_PAIR             ? ? ? 
hydrog29 hydrog ? ? A A 19 N7 ? ? ? 1_555 A A 43 N6 ? ? C A 22 C A 47 1_555 ? ? ? ? ? ? TYPE_5_PAIR             ? ? ? 
hydrog30 hydrog ? ? A A 24 N1 ? ? ? 1_555 A U 40 N3 ? ? C A 27 C U 43 1_555 ? ? ? ? ? ? WATSON-CRICK            ? ? ? 
hydrog31 hydrog ? ? A A 24 N6 ? ? ? 1_555 A U 40 O4 ? ? C A 27 C U 43 1_555 ? ? ? ? ? ? WATSON-CRICK            ? ? ? 
hydrog32 hydrog ? ? A U 25 N3 ? ? ? 1_555 A U 40 O4 ? ? C U 28 C U 43 1_555 ? ? ? ? ? ? TYPE_16_PAIR            ? ? ? 
hydrog33 hydrog ? ? A U 25 O2 ? ? ? 1_555 A U 40 N3 ? ? C U 28 C U 43 1_555 ? ? ? ? ? ? TYPE_16_PAIR            ? ? ? 
hydrog34 hydrog ? ? A G 26 N1 ? ? ? 1_555 A C 38 N3 ? ? C G 29 C C 41 1_555 ? ? ? ? ? ? WATSON-CRICK            ? ? ? 
hydrog35 hydrog ? ? A G 26 N2 ? ? ? 1_555 A C 38 O2 ? ? C G 29 C C 41 1_555 ? ? ? ? ? ? WATSON-CRICK            ? ? ? 
hydrog36 hydrog ? ? A G 26 O6 ? ? ? 1_555 A C 38 N4 ? ? C G 29 C C 41 1_555 ? ? ? ? ? ? WATSON-CRICK            ? ? ? 
hydrog37 hydrog ? ? A G 27 N1 ? ? ? 1_555 A C 37 N3 ? ? C G 30 C C 40 1_555 ? ? ? ? ? ? WATSON-CRICK            ? ? ? 
hydrog38 hydrog ? ? A G 27 N2 ? ? ? 1_555 A C 37 O2 ? ? C G 30 C C 40 1_555 ? ? ? ? ? ? WATSON-CRICK            ? ? ? 
hydrog39 hydrog ? ? A G 27 O6 ? ? ? 1_555 A C 37 N4 ? ? C G 30 C C 40 1_555 ? ? ? ? ? ? WATSON-CRICK            ? ? ? 
hydrog40 hydrog ? ? A A 28 N1 ? ? ? 1_555 A A 35 N6 ? ? C A 31 C A 38 1_555 ? ? ? ? ? ? 'A-A MISPAIR'           ? ? ? 
hydrog41 hydrog ? ? A C 29 O2 ? ? ? 1_555 A A 35 N6 ? ? C C 32 C A 38 1_555 ? ? ? ? ? ? 'C-A MISPAIR'           ? ? ? 
hydrog42 hydrog ? ? A C 45 N3 ? ? ? 1_555 A G 61 N2 ? ? C C 49 C G 65 1_555 ? ? ? ? ? ? 'REVERSED WATSON-CRICK' ? ? ? 
hydrog43 hydrog ? ? A C 45 O2 ? ? ? 1_555 A G 61 N1 ? ? C C 49 C G 65 1_555 ? ? ? ? ? ? 'REVERSED WATSON-CRICK' ? ? ? 
hydrog44 hydrog ? ? A C 46 N3 ? ? ? 1_555 A G 60 N1 ? ? C C 50 C G 64 1_555 ? ? ? ? ? ? WATSON-CRICK            ? ? ? 
hydrog45 hydrog ? ? A C 46 N4 ? ? ? 1_555 A G 60 O6 ? ? C C 50 C G 64 1_555 ? ? ? ? ? ? WATSON-CRICK            ? ? ? 
hydrog46 hydrog ? ? A C 46 O2 ? ? ? 1_555 A G 60 N2 ? ? C C 50 C G 64 1_555 ? ? ? ? ? ? WATSON-CRICK            ? ? ? 
hydrog47 hydrog ? ? A G 47 N1 ? ? ? 1_555 A C 59 N3 ? ? C G 51 C C 63 1_555 ? ? ? ? ? ? WATSON-CRICK            ? ? ? 
hydrog48 hydrog ? ? A G 47 N2 ? ? ? 1_555 A C 59 O2 ? ? C G 51 C C 63 1_555 ? ? ? ? ? ? WATSON-CRICK            ? ? ? 
hydrog49 hydrog ? ? A G 47 O6 ? ? ? 1_555 A C 59 N4 ? ? C G 51 C C 63 1_555 ? ? ? ? ? ? WATSON-CRICK            ? ? ? 
hydrog50 hydrog ? ? A G 48 N2 ? ? ? 1_555 A C 58 O2 ? ? C G 52 C C 62 1_555 ? ? ? ? ? ? 'G-C PAIR'              ? ? ? 
hydrog51 hydrog ? ? A G 49 N1 ? ? ? 1_555 A C 57 N3 ? ? C G 53 C C 61 1_555 ? ? ? ? ? ? WATSON-CRICK            ? ? ? 
hydrog52 hydrog ? ? A G 49 N2 ? ? ? 1_555 A C 57 O2 ? ? C G 53 C C 61 1_555 ? ? ? ? ? ? WATSON-CRICK            ? ? ? 
hydrog53 hydrog ? ? A G 49 O6 ? ? ? 1_555 A C 57 N4 ? ? C G 53 C C 61 1_555 ? ? ? ? ? ? WATSON-CRICK            ? ? ? 
# 
_struct_conn_type.id          hydrog 
_struct_conn_type.criteria    ? 
_struct_conn_type.reference   ? 
# 
loop_
_pdbx_validate_close_contact.id 
_pdbx_validate_close_contact.PDB_model_num 
_pdbx_validate_close_contact.auth_atom_id_1 
_pdbx_validate_close_contact.auth_asym_id_1 
_pdbx_validate_close_contact.auth_comp_id_1 
_pdbx_validate_close_contact.auth_seq_id_1 
_pdbx_validate_close_contact.PDB_ins_code_1 
_pdbx_validate_close_contact.label_alt_id_1 
_pdbx_validate_close_contact.auth_atom_id_2 
_pdbx_validate_close_contact.auth_asym_id_2 
_pdbx_validate_close_contact.auth_comp_id_2 
_pdbx_validate_close_contact.auth_seq_id_2 
_pdbx_validate_close_contact.PDB_ins_code_2 
_pdbx_validate_close_contact.label_alt_id_2 
_pdbx_validate_close_contact.dist 
1  1 N4 C C 49 ? ? O6 C G 65 ? ? 1.04 
2  1 N3 C C 49 ? ? N1 C G 65 ? ? 1.33 
3  1 N4 C C 7  ? ? O6 C G 66 ? ? 1.56 
4  1 O2 C C 49 ? ? N2 C G 65 ? ? 1.58 
5  1 N3 C C 7  ? ? N1 C G 66 ? ? 1.82 
6  1 N4 C C 49 ? ? C6 C G 65 ? ? 1.84 
7  1 N3 C G 51 ? ? N2 C G 64 ? ? 1.87 
8  1 C4 C G 51 ? ? N2 C G 64 ? ? 1.90 
9  1 C6 C G 1  ? ? N1 C G 73 ? ? 1.91 
10 1 N1 C A 14 ? ? N7 C G 48 ? ? 1.97 
11 1 O2 C C 7  ? ? N2 C G 66 ? ? 1.99 
12 1 C4 C G 1  ? ? N2 C G 73 ? ? 2.01 
13 1 O6 C G 1  ? ? C6 C G 73 ? ? 2.05 
14 1 C4 C C 49 ? ? O6 C G 65 ? ? 2.07 
15 1 N2 C G 51 ? ? N3 C G 64 ? ? 2.07 
16 1 O6 C G 1  ? ? O6 C G 73 ? ? 2.09 
17 1 N3 C U 12 ? ? N1 C A 22 ? ? 2.10 
18 1 C2 C G 1  ? ? N3 C G 73 ? ? 2.10 
19 1 N6 C A 26 ? ? O4 C U 44 ? ? 2.11 
20 1 C2 C G 51 ? ? C2 C G 64 ? ? 2.12 
21 1 N1 C A 3  ? ? N3 C C 71 ? ? 2.13 
22 1 C2 C G 51 ? ? N3 C G 64 ? ? 2.16 
23 1 C4 C C 49 ? ? N1 C G 65 ? ? 2.16 
# 
loop_
_pdbx_validate_rmsd_angle.id 
_pdbx_validate_rmsd_angle.PDB_model_num 
_pdbx_validate_rmsd_angle.auth_atom_id_1 
_pdbx_validate_rmsd_angle.auth_asym_id_1 
_pdbx_validate_rmsd_angle.auth_comp_id_1 
_pdbx_validate_rmsd_angle.auth_seq_id_1 
_pdbx_validate_rmsd_angle.PDB_ins_code_1 
_pdbx_validate_rmsd_angle.label_alt_id_1 
_pdbx_validate_rmsd_angle.auth_atom_id_2 
_pdbx_validate_rmsd_angle.auth_asym_id_2 
_pdbx_validate_rmsd_angle.auth_comp_id_2 
_pdbx_validate_rmsd_angle.auth_seq_id_2 
_pdbx_validate_rmsd_angle.PDB_ins_code_2 
_pdbx_validate_rmsd_angle.label_alt_id_2 
_pdbx_validate_rmsd_angle.auth_atom_id_3 
_pdbx_validate_rmsd_angle.auth_asym_id_3 
_pdbx_validate_rmsd_angle.auth_comp_id_3 
_pdbx_validate_rmsd_angle.auth_seq_id_3 
_pdbx_validate_rmsd_angle.PDB_ins_code_3 
_pdbx_validate_rmsd_angle.label_alt_id_3 
_pdbx_validate_rmsd_angle.angle_value 
_pdbx_validate_rmsd_angle.angle_target_value 
_pdbx_validate_rmsd_angle.angle_deviation 
_pdbx_validate_rmsd_angle.angle_standard_deviation 
_pdbx_validate_rmsd_angle.linker_flag 
1 1 "C3'" C G 51 ? ? "O3'" C G 51 ? ? P     C G 52 ? ? 111.22 119.70 -8.48  1.20 Y 
2 1 "O3'" C G 51 ? ? P     C G 52 ? ? "O5'" C G 52 ? ? 91.14  104.00 -12.86 1.90 Y 
3 1 "C3'" C U 60 ? ? "O3'" C U 60 ? ? P     C C 61 ? ? 126.95 119.70 7.25   1.20 Y 
# 
_em_3d_fitting.id                1 
_em_3d_fitting.entry_id          8UPY 
_em_3d_fitting.method            ? 
_em_3d_fitting.target_criteria   ? 
_em_3d_fitting.details           ? 
_em_3d_fitting.overall_b_value   ? 
_em_3d_fitting.ref_space         ? 
_em_3d_fitting.ref_protocol      ? 
# 
_em_3d_reconstruction.entry_id                    8UPY 
_em_3d_reconstruction.id                          1 
_em_3d_reconstruction.method                      ? 
_em_3d_reconstruction.algorithm                   ? 
_em_3d_reconstruction.citation_id                 ? 
_em_3d_reconstruction.details                     ? 
_em_3d_reconstruction.resolution                  2.8 
_em_3d_reconstruction.resolution_method           'FSC 0.143 CUT-OFF' 
_em_3d_reconstruction.magnification_calibration   ? 
_em_3d_reconstruction.nominal_pixel_size          ? 
_em_3d_reconstruction.actual_pixel_size           ? 
_em_3d_reconstruction.num_particles               405164 
_em_3d_reconstruction.euler_angles_details        ? 
_em_3d_reconstruction.num_class_averages          ? 
_em_3d_reconstruction.refinement_type             ? 
_em_3d_reconstruction.image_processing_id         1 
_em_3d_reconstruction.symmetry_type               POINT 
# 
_em_buffer.id            1 
_em_buffer.specimen_id   1 
_em_buffer.name          ? 
_em_buffer.details       ? 
_em_buffer.pH            7.4 
# 
_em_entity_assembly.id                   1 
_em_entity_assembly.parent_id            0 
_em_entity_assembly.source               RECOMBINANT 
_em_entity_assembly.type                 COMPLEX 
_em_entity_assembly.name                 'Complex of tRNAPyl in the A-site of the E. coli ribosome' 
_em_entity_assembly.details              ? 
_em_entity_assembly.synonym              ? 
_em_entity_assembly.oligomeric_details   ? 
_em_entity_assembly.entity_id_list       1 
# 
_em_imaging.entry_id                        8UPY 
_em_imaging.id                              1 
_em_imaging.astigmatism                     ? 
_em_imaging.electron_beam_tilt_params       ? 
_em_imaging.residual_tilt                   ? 
_em_imaging.microscope_model                'FEI TITAN KRIOS' 
_em_imaging.specimen_holder_type            ? 
_em_imaging.specimen_holder_model           ? 
_em_imaging.details                         ? 
_em_imaging.date                            ? 
_em_imaging.accelerating_voltage            300 
_em_imaging.illumination_mode               'FLOOD BEAM' 
_em_imaging.mode                            'BRIGHT FIELD' 
_em_imaging.nominal_cs                      ? 
_em_imaging.nominal_defocus_min             1000 
_em_imaging.nominal_defocus_max             2000 
_em_imaging.calibrated_defocus_min          ? 
_em_imaging.calibrated_defocus_max          ? 
_em_imaging.tilt_angle_min                  ? 
_em_imaging.tilt_angle_max                  ? 
_em_imaging.nominal_magnification           ? 
_em_imaging.calibrated_magnification        ? 
_em_imaging.electron_source                 'FIELD EMISSION GUN' 
_em_imaging.citation_id                     ? 
_em_imaging.temperature                     ? 
_em_imaging.detector_distance               ? 
_em_imaging.recording_temperature_minimum   ? 
_em_imaging.recording_temperature_maximum   ? 
_em_imaging.alignment_procedure             ? 
_em_imaging.c2_aperture_diameter            ? 
_em_imaging.specimen_id                     1 
_em_imaging.cryogen                         ? 
# 
_em_vitrification.entry_id              8UPY 
_em_vitrification.id                    1 
_em_vitrification.specimen_id           1 
_em_vitrification.cryogen_name          ETHANE-PROPANE 
_em_vitrification.humidity              ? 
_em_vitrification.temp                  ? 
_em_vitrification.chamber_temperature   ? 
_em_vitrification.instrument            'FEI VITROBOT MARK IV' 
_em_vitrification.method                ? 
_em_vitrification.time_resolved_state   ? 
_em_vitrification.citation_id           ? 
_em_vitrification.details               'blot for 3 seconds before plunging' 
# 
_em_experiment.entry_id                8UPY 
_em_experiment.id                      1 
_em_experiment.reconstruction_method   'SINGLE PARTICLE' 
_em_experiment.aggregation_state       '3D ARRAY' 
_em_experiment.entity_assembly_id      1 
# 
loop_
_chem_comp_atom.comp_id 
_chem_comp_atom.atom_id 
_chem_comp_atom.type_symbol 
_chem_comp_atom.pdbx_aromatic_flag 
_chem_comp_atom.pdbx_stereo_config 
_chem_comp_atom.pdbx_ordinal 
A OP3    O N N 1   
A P      P N N 2   
A OP1    O N N 3   
A OP2    O N N 4   
A "O5'"  O N N 5   
A "C5'"  C N N 6   
A "C4'"  C N R 7   
A "O4'"  O N N 8   
A "C3'"  C N S 9   
A "O3'"  O N N 10  
A "C2'"  C N R 11  
A "O2'"  O N N 12  
A "C1'"  C N R 13  
A N9     N Y N 14  
A C8     C Y N 15  
A N7     N Y N 16  
A C5     C Y N 17  
A C6     C Y N 18  
A N6     N N N 19  
A N1     N Y N 20  
A C2     C Y N 21  
A N3     N Y N 22  
A C4     C Y N 23  
A HOP3   H N N 24  
A HOP2   H N N 25  
A "H5'"  H N N 26  
A "H5''" H N N 27  
A "H4'"  H N N 28  
A "H3'"  H N N 29  
A "HO3'" H N N 30  
A "H2'"  H N N 31  
A "HO2'" H N N 32  
A "H1'"  H N N 33  
A H8     H N N 34  
A H61    H N N 35  
A H62    H N N 36  
A H2     H N N 37  
C OP3    O N N 38  
C P      P N N 39  
C OP1    O N N 40  
C OP2    O N N 41  
C "O5'"  O N N 42  
C "C5'"  C N N 43  
C "C4'"  C N R 44  
C "O4'"  O N N 45  
C "C3'"  C N S 46  
C "O3'"  O N N 47  
C "C2'"  C N R 48  
C "O2'"  O N N 49  
C "C1'"  C N R 50  
C N1     N N N 51  
C C2     C N N 52  
C O2     O N N 53  
C N3     N N N 54  
C C4     C N N 55  
C N4     N N N 56  
C C5     C N N 57  
C C6     C N N 58  
C HOP3   H N N 59  
C HOP2   H N N 60  
C "H5'"  H N N 61  
C "H5''" H N N 62  
C "H4'"  H N N 63  
C "H3'"  H N N 64  
C "HO3'" H N N 65  
C "H2'"  H N N 66  
C "HO2'" H N N 67  
C "H1'"  H N N 68  
C H41    H N N 69  
C H42    H N N 70  
C H5     H N N 71  
C H6     H N N 72  
G OP3    O N N 73  
G P      P N N 74  
G OP1    O N N 75  
G OP2    O N N 76  
G "O5'"  O N N 77  
G "C5'"  C N N 78  
G "C4'"  C N R 79  
G "O4'"  O N N 80  
G "C3'"  C N S 81  
G "O3'"  O N N 82  
G "C2'"  C N R 83  
G "O2'"  O N N 84  
G "C1'"  C N R 85  
G N9     N Y N 86  
G C8     C Y N 87  
G N7     N Y N 88  
G C5     C Y N 89  
G C6     C N N 90  
G O6     O N N 91  
G N1     N N N 92  
G C2     C N N 93  
G N2     N N N 94  
G N3     N N N 95  
G C4     C Y N 96  
G HOP3   H N N 97  
G HOP2   H N N 98  
G "H5'"  H N N 99  
G "H5''" H N N 100 
G "H4'"  H N N 101 
G "H3'"  H N N 102 
G "HO3'" H N N 103 
G "H2'"  H N N 104 
G "HO2'" H N N 105 
G "H1'"  H N N 106 
G H8     H N N 107 
G H1     H N N 108 
G H21    H N N 109 
G H22    H N N 110 
U OP3    O N N 111 
U P      P N N 112 
U OP1    O N N 113 
U OP2    O N N 114 
U "O5'"  O N N 115 
U "C5'"  C N N 116 
U "C4'"  C N R 117 
U "O4'"  O N N 118 
U "C3'"  C N S 119 
U "O3'"  O N N 120 
U "C2'"  C N R 121 
U "O2'"  O N N 122 
U "C1'"  C N R 123 
U N1     N N N 124 
U C2     C N N 125 
U O2     O N N 126 
U N3     N N N 127 
U C4     C N N 128 
U O4     O N N 129 
U C5     C N N 130 
U C6     C N N 131 
U HOP3   H N N 132 
U HOP2   H N N 133 
U "H5'"  H N N 134 
U "H5''" H N N 135 
U "H4'"  H N N 136 
U "H3'"  H N N 137 
U "HO3'" H N N 138 
U "H2'"  H N N 139 
U "HO2'" H N N 140 
U "H1'"  H N N 141 
U H3     H N N 142 
U H5     H N N 143 
U H6     H N N 144 
# 
loop_
_chem_comp_bond.comp_id 
_chem_comp_bond.atom_id_1 
_chem_comp_bond.atom_id_2 
_chem_comp_bond.value_order 
_chem_comp_bond.pdbx_aromatic_flag 
_chem_comp_bond.pdbx_stereo_config 
_chem_comp_bond.pdbx_ordinal 
A OP3   P      sing N N 1   
A OP3   HOP3   sing N N 2   
A P     OP1    doub N N 3   
A P     OP2    sing N N 4   
A P     "O5'"  sing N N 5   
A OP2   HOP2   sing N N 6   
A "O5'" "C5'"  sing N N 7   
A "C5'" "C4'"  sing N N 8   
A "C5'" "H5'"  sing N N 9   
A "C5'" "H5''" sing N N 10  
A "C4'" "O4'"  sing N N 11  
A "C4'" "C3'"  sing N N 12  
A "C4'" "H4'"  sing N N 13  
A "O4'" "C1'"  sing N N 14  
A "C3'" "O3'"  sing N N 15  
A "C3'" "C2'"  sing N N 16  
A "C3'" "H3'"  sing N N 17  
A "O3'" "HO3'" sing N N 18  
A "C2'" "O2'"  sing N N 19  
A "C2'" "C1'"  sing N N 20  
A "C2'" "H2'"  sing N N 21  
A "O2'" "HO2'" sing N N 22  
A "C1'" N9     sing N N 23  
A "C1'" "H1'"  sing N N 24  
A N9    C8     sing Y N 25  
A N9    C4     sing Y N 26  
A C8    N7     doub Y N 27  
A C8    H8     sing N N 28  
A N7    C5     sing Y N 29  
A C5    C6     sing Y N 30  
A C5    C4     doub Y N 31  
A C6    N6     sing N N 32  
A C6    N1     doub Y N 33  
A N6    H61    sing N N 34  
A N6    H62    sing N N 35  
A N1    C2     sing Y N 36  
A C2    N3     doub Y N 37  
A C2    H2     sing N N 38  
A N3    C4     sing Y N 39  
C OP3   P      sing N N 40  
C OP3   HOP3   sing N N 41  
C P     OP1    doub N N 42  
C P     OP2    sing N N 43  
C P     "O5'"  sing N N 44  
C OP2   HOP2   sing N N 45  
C "O5'" "C5'"  sing N N 46  
C "C5'" "C4'"  sing N N 47  
C "C5'" "H5'"  sing N N 48  
C "C5'" "H5''" sing N N 49  
C "C4'" "O4'"  sing N N 50  
C "C4'" "C3'"  sing N N 51  
C "C4'" "H4'"  sing N N 52  
C "O4'" "C1'"  sing N N 53  
C "C3'" "O3'"  sing N N 54  
C "C3'" "C2'"  sing N N 55  
C "C3'" "H3'"  sing N N 56  
C "O3'" "HO3'" sing N N 57  
C "C2'" "O2'"  sing N N 58  
C "C2'" "C1'"  sing N N 59  
C "C2'" "H2'"  sing N N 60  
C "O2'" "HO2'" sing N N 61  
C "C1'" N1     sing N N 62  
C "C1'" "H1'"  sing N N 63  
C N1    C2     sing N N 64  
C N1    C6     sing N N 65  
C C2    O2     doub N N 66  
C C2    N3     sing N N 67  
C N3    C4     doub N N 68  
C C4    N4     sing N N 69  
C C4    C5     sing N N 70  
C N4    H41    sing N N 71  
C N4    H42    sing N N 72  
C C5    C6     doub N N 73  
C C5    H5     sing N N 74  
C C6    H6     sing N N 75  
G OP3   P      sing N N 76  
G OP3   HOP3   sing N N 77  
G P     OP1    doub N N 78  
G P     OP2    sing N N 79  
G P     "O5'"  sing N N 80  
G OP2   HOP2   sing N N 81  
G "O5'" "C5'"  sing N N 82  
G "C5'" "C4'"  sing N N 83  
G "C5'" "H5'"  sing N N 84  
G "C5'" "H5''" sing N N 85  
G "C4'" "O4'"  sing N N 86  
G "C4'" "C3'"  sing N N 87  
G "C4'" "H4'"  sing N N 88  
G "O4'" "C1'"  sing N N 89  
G "C3'" "O3'"  sing N N 90  
G "C3'" "C2'"  sing N N 91  
G "C3'" "H3'"  sing N N 92  
G "O3'" "HO3'" sing N N 93  
G "C2'" "O2'"  sing N N 94  
G "C2'" "C1'"  sing N N 95  
G "C2'" "H2'"  sing N N 96  
G "O2'" "HO2'" sing N N 97  
G "C1'" N9     sing N N 98  
G "C1'" "H1'"  sing N N 99  
G N9    C8     sing Y N 100 
G N9    C4     sing Y N 101 
G C8    N7     doub Y N 102 
G C8    H8     sing N N 103 
G N7    C5     sing Y N 104 
G C5    C6     sing N N 105 
G C5    C4     doub Y N 106 
G C6    O6     doub N N 107 
G C6    N1     sing N N 108 
G N1    C2     sing N N 109 
G N1    H1     sing N N 110 
G C2    N2     sing N N 111 
G C2    N3     doub N N 112 
G N2    H21    sing N N 113 
G N2    H22    sing N N 114 
G N3    C4     sing N N 115 
U OP3   P      sing N N 116 
U OP3   HOP3   sing N N 117 
U P     OP1    doub N N 118 
U P     OP2    sing N N 119 
U P     "O5'"  sing N N 120 
U OP2   HOP2   sing N N 121 
U "O5'" "C5'"  sing N N 122 
U "C5'" "C4'"  sing N N 123 
U "C5'" "H5'"  sing N N 124 
U "C5'" "H5''" sing N N 125 
U "C4'" "O4'"  sing N N 126 
U "C4'" "C3'"  sing N N 127 
U "C4'" "H4'"  sing N N 128 
U "O4'" "C1'"  sing N N 129 
U "C3'" "O3'"  sing N N 130 
U "C3'" "C2'"  sing N N 131 
U "C3'" "H3'"  sing N N 132 
U "O3'" "HO3'" sing N N 133 
U "C2'" "O2'"  sing N N 134 
U "C2'" "C1'"  sing N N 135 
U "C2'" "H2'"  sing N N 136 
U "O2'" "HO2'" sing N N 137 
U "C1'" N1     sing N N 138 
U "C1'" "H1'"  sing N N 139 
U N1    C2     sing N N 140 
U N1    C6     sing N N 141 
U C2    O2     doub N N 142 
U C2    N3     sing N N 143 
U N3    C4     sing N N 144 
U N3    H3     sing N N 145 
U C4    O4     doub N N 146 
U C4    C5     sing N N 147 
U C5    C6     doub N N 148 
U C5    H5     sing N N 149 
U C6    H6     sing N N 150 
# 
_em_admin.current_status     REL 
_em_admin.deposition_date    2023-10-23 
_em_admin.deposition_site    RCSB 
_em_admin.entry_id           8UPY 
_em_admin.last_update        2024-09-04 
_em_admin.map_release_date   2024-09-04 
_em_admin.title              'Methanosarcine mazei tRNAPyl in A-site of ribosome' 
# 
_em_ctf_correction.details                  ? 
_em_ctf_correction.em_image_processing_id   1 
_em_ctf_correction.id                       1 
_em_ctf_correction.type                     'PHASE FLIPPING AND AMPLITUDE CORRECTION' 
# 
_em_entity_assembly_naturalsource.cell                 ? 
_em_entity_assembly_naturalsource.cellular_location    ? 
_em_entity_assembly_naturalsource.entity_assembly_id   1 
_em_entity_assembly_naturalsource.id                   2 
_em_entity_assembly_naturalsource.ncbi_tax_id          2209 
_em_entity_assembly_naturalsource.organism             'Methanosarcina mazei' 
_em_entity_assembly_naturalsource.organelle            ? 
_em_entity_assembly_naturalsource.organ                ? 
_em_entity_assembly_naturalsource.strain               ? 
_em_entity_assembly_naturalsource.tissue               ? 
_em_entity_assembly_naturalsource.details              ? 
# 
_em_entity_assembly_recombinant.cell                 ? 
_em_entity_assembly_recombinant.entity_assembly_id   1 
_em_entity_assembly_recombinant.id                   2 
_em_entity_assembly_recombinant.ncbi_tax_id          905931 
_em_entity_assembly_recombinant.organism             'in vitro transcription vector pT7-TP(deltai)' 
_em_entity_assembly_recombinant.plasmid              ? 
_em_entity_assembly_recombinant.strain               ? 
# 
_em_image_processing.details              ? 
_em_image_processing.id                   1 
_em_image_processing.image_recording_id   1 
# 
_em_image_recording.average_exposure_time               ? 
_em_image_recording.avg_electron_dose_per_subtomogram   ? 
_em_image_recording.avg_electron_dose_per_image         40 
_em_image_recording.details                             ? 
_em_image_recording.detector_mode                       ? 
_em_image_recording.film_or_detector_model              'GATAN K3 (6k x 4k)' 
_em_image_recording.id                                  1 
_em_image_recording.imaging_id                          1 
_em_image_recording.num_diffraction_images              ? 
_em_image_recording.num_grids_imaged                    ? 
_em_image_recording.num_real_images                     ? 
# 
loop_
_em_software.category 
_em_software.details 
_em_software.id 
_em_software.image_processing_id 
_em_software.fitting_id 
_em_software.imaging_id 
_em_software.name 
_em_software.version 
'PARTICLE SELECTION'            ? 1  1 ? ? ?       ? 
'IMAGE ACQUISITION'             ? 2  ? ? 1 ?       ? 
MASKING                         ? 3  ? ? ? ?       ? 
'CTF CORRECTION'                ? 4  1 ? ? CTFFIND 4 
'LAYERLINE INDEXING'            ? 5  ? ? ? ?       ? 
'DIFFRACTION INDEXING'          ? 6  ? ? ? ?       ? 
'MODEL FITTING'                 ? 7  ? ? ? ?       ? 
'MODEL REFINEMENT'              ? 8  ? ? ? ?       ? 
OTHER                           ? 9  ? ? ? ?       ? 
'INITIAL EULER ASSIGNMENT'      ? 10 1 ? ? ?       ? 
'FINAL EULER ASSIGNMENT'        ? 11 1 ? ? ?       ? 
CLASSIFICATION                  ? 12 1 ? ? ?       ? 
RECONSTRUCTION                  ? 13 1 ? ? ?       ? 
'VOLUME SELECTION'              ? 14 1 1 1 ?       ? 
'SERIES ALIGNMENT'              ? 15 1 1 1 ?       ? 
'MOLECULAR REPLACEMENT'         ? 16 1 1 1 ?       ? 
'LATTICE DISTORTION CORRECTION' ? 17 1 1 1 ?       ? 
'SYMMETRY DETERMINATION'        ? 18 1 1 1 ?       ? 
'CRYSTALLOGRAPHY MERGING'       ? 19 1 1 1 ?       ? 
# 
_em_specimen.concentration           ? 
_em_specimen.details                 ? 
_em_specimen.embedding_applied       NO 
_em_specimen.experiment_id           1 
_em_specimen.id                      1 
_em_specimen.shadowing_applied       NO 
_em_specimen.staining_applied        NO 
_em_specimen.vitrification_applied   YES 
# 
loop_
_ndb_struct_conf_na.entry_id 
_ndb_struct_conf_na.feature 
8UPY 'double helix'         
8UPY 'a-form double helix'  
8UPY 'parallel strands'     
8UPY 'hairpin loop'         
8UPY 'bulge loop'           
8UPY 'mismatched base pair' 
8UPY 'quadruple helix'      
# 
loop_
_ndb_struct_na_base_pair.model_number 
_ndb_struct_na_base_pair.i_label_asym_id 
_ndb_struct_na_base_pair.i_label_comp_id 
_ndb_struct_na_base_pair.i_label_seq_id 
_ndb_struct_na_base_pair.i_symmetry 
_ndb_struct_na_base_pair.j_label_asym_id 
_ndb_struct_na_base_pair.j_label_comp_id 
_ndb_struct_na_base_pair.j_label_seq_id 
_ndb_struct_na_base_pair.j_symmetry 
_ndb_struct_na_base_pair.shear 
_ndb_struct_na_base_pair.stretch 
_ndb_struct_na_base_pair.stagger 
_ndb_struct_na_base_pair.buckle 
_ndb_struct_na_base_pair.propeller 
_ndb_struct_na_base_pair.opening 
_ndb_struct_na_base_pair.pair_number 
_ndb_struct_na_base_pair.pair_name 
_ndb_struct_na_base_pair.i_auth_asym_id 
_ndb_struct_na_base_pair.i_auth_seq_id 
_ndb_struct_na_base_pair.i_PDB_ins_code 
_ndb_struct_na_base_pair.j_auth_asym_id 
_ndb_struct_na_base_pair.j_auth_seq_id 
_ndb_struct_na_base_pair.j_PDB_ins_code 
_ndb_struct_na_base_pair.hbond_type_28 
_ndb_struct_na_base_pair.hbond_type_12 
1 A G 1  1_555 A C 68 1_555 -1.531 -0.685 -0.976 2.258   -13.463 17.449   1  C_G1:C72_C  C 1  ? C 72 ? 19 1 
1 A G 2  1_555 A C 67 1_555 -1.533 -1.090 -1.012 -3.704  7.424   -1.068   2  C_G2:C71_C  C 2  ? C 71 ? 19 1 
1 A A 4  1_555 A U 65 1_555 -1.141 0.872  -0.481 -4.676  -28.539 28.158   3  C_A4:U69_C  C 4  ? C 69 ? ?  1 
1 A A 5  1_555 A U 64 1_555 -1.499 -0.616 -0.870 -3.296  -8.966  2.254    4  C_A5:U68_C  C 5  ? C 68 ? 20 1 
1 A C 6  1_555 A G 63 1_555 1.245  -0.668 -0.433 -2.350  -13.604 -0.329   5  C_C6:G67_C  C 6  ? C 67 ? 19 1 
1 A C 7  1_555 A G 62 1_555 -0.168 -1.265 0.190  6.040   -6.765  -7.919   6  C_C7:G66_C  C 7  ? C 66 ? 22 1 
1 A C 45 1_555 A G 61 1_555 -0.443 -1.870 0.534  2.758   -4.358  -11.721  7  C_C49:G65_C C 49 ? C 65 ? 22 1 
1 A C 46 1_555 A G 60 1_555 1.500  -0.630 -1.103 3.470   -35.909 17.023   8  C_C50:G64_C C 50 ? C 64 ? 19 1 
1 A G 47 1_555 A C 59 1_555 1.065  0.401  -0.518 9.769   -11.062 -0.202   9  C_G51:C63_C C 51 ? C 63 ? 19 1 
1 A G 48 1_555 A C 58 1_555 0.204  0.501  -1.155 -10.623 -4.399  18.720   10 C_G52:C62_C C 52 ? C 62 ? ?  1 
1 A G 49 1_555 A C 57 1_555 1.321  0.129  -0.619 -18.766 -25.184 7.722    11 C_G53:C61_C C 53 ? C 61 ? 19 1 
1 A U 51 1_555 A G 15 1_555 0.675  -5.177 -0.628 24.515  -2.658  -100.328 12 C_U55:G18_C C 55 ? C 18 ? ?  6 
1 A A 10 1_555 A U 20 1_555 -0.549 -0.587 -0.171 -6.073  -19.738 -6.368   13 C_A11:U23_C C 11 ? C 23 ? 20 1 
1 A U 11 1_555 A A 19 1_555 -0.178 -0.676 0.708  -0.161  -17.087 21.472   14 C_U12:A22_C C 12 ? C 22 ? ?  1 
1 A C 12 1_555 A G 18 1_555 -6.952 -3.287 -0.271 6.750   -0.446  50.008   15 C_C13:G21_C C 13 ? C 21 ? ?  5 
1 A A 13 1_555 A G 44 1_555 5.433  -1.228 -0.109 11.631  -4.127  -116.048 16 C_A14:G48_C C 14 ? C 48 ? ?  4 
1 A U 16 1_555 A A 52 1_555 -1.682 0.145  0.983  -24.532 -27.476 10.855   17 C_U19:A56_C C 19 ? C 56 ? ?  ? 
1 A A 24 1_555 A U 40 1_555 1.050  0.025  -0.885 3.605   -18.561 -17.405  18 C_A27:U43_C C 27 ? C 43 ? 20 1 
1 A G 26 1_555 A C 38 1_555 0.298  -0.137 -0.557 0.316   -16.614 -8.424   19 C_G29:C41_C C 29 ? C 41 ? 19 1 
1 A G 27 1_555 A C 37 1_555 0.025  -0.207 0.286  -5.275  -3.614  -7.771   20 C_G30:C40_C C 30 ? C 40 ? 19 1 
1 A A 28 1_555 A A 35 1_555 4.128  1.154  -1.885 -20.252 -15.472 -39.131  21 C_A31:A38_C C 31 ? C 38 ? ?  ? 
# 
loop_
_ndb_struct_na_base_pair_step.model_number 
_ndb_struct_na_base_pair_step.i_label_asym_id_1 
_ndb_struct_na_base_pair_step.i_label_comp_id_1 
_ndb_struct_na_base_pair_step.i_label_seq_id_1 
_ndb_struct_na_base_pair_step.i_symmetry_1 
_ndb_struct_na_base_pair_step.j_label_asym_id_1 
_ndb_struct_na_base_pair_step.j_label_comp_id_1 
_ndb_struct_na_base_pair_step.j_label_seq_id_1 
_ndb_struct_na_base_pair_step.j_symmetry_1 
_ndb_struct_na_base_pair_step.i_label_asym_id_2 
_ndb_struct_na_base_pair_step.i_label_comp_id_2 
_ndb_struct_na_base_pair_step.i_label_seq_id_2 
_ndb_struct_na_base_pair_step.i_symmetry_2 
_ndb_struct_na_base_pair_step.j_label_asym_id_2 
_ndb_struct_na_base_pair_step.j_label_comp_id_2 
_ndb_struct_na_base_pair_step.j_label_seq_id_2 
_ndb_struct_na_base_pair_step.j_symmetry_2 
_ndb_struct_na_base_pair_step.shift 
_ndb_struct_na_base_pair_step.slide 
_ndb_struct_na_base_pair_step.rise 
_ndb_struct_na_base_pair_step.tilt 
_ndb_struct_na_base_pair_step.roll 
_ndb_struct_na_base_pair_step.twist 
_ndb_struct_na_base_pair_step.x_displacement 
_ndb_struct_na_base_pair_step.y_displacement 
_ndb_struct_na_base_pair_step.helical_rise 
_ndb_struct_na_base_pair_step.inclination 
_ndb_struct_na_base_pair_step.tip 
_ndb_struct_na_base_pair_step.helical_twist 
_ndb_struct_na_base_pair_step.step_number 
_ndb_struct_na_base_pair_step.step_name 
_ndb_struct_na_base_pair_step.i_auth_asym_id_1 
_ndb_struct_na_base_pair_step.i_auth_seq_id_1 
_ndb_struct_na_base_pair_step.i_PDB_ins_code_1 
_ndb_struct_na_base_pair_step.j_auth_asym_id_1 
_ndb_struct_na_base_pair_step.j_auth_seq_id_1 
_ndb_struct_na_base_pair_step.j_PDB_ins_code_1 
_ndb_struct_na_base_pair_step.i_auth_asym_id_2 
_ndb_struct_na_base_pair_step.i_auth_seq_id_2 
_ndb_struct_na_base_pair_step.i_PDB_ins_code_2 
_ndb_struct_na_base_pair_step.j_auth_asym_id_2 
_ndb_struct_na_base_pair_step.j_auth_seq_id_2 
_ndb_struct_na_base_pair_step.j_PDB_ins_code_2 
1 A G 1  1_555 A C 68 1_555 A G 2  1_555 A C 67 1_555 -0.879 -0.452 3.630 -7.437  1.750  41.806  -0.824 0.360  3.706 2.428  10.318 
42.468  1  CC_G1G2:C71C72_CC   C 1  ? C 72 ? C 2  ? C 71 ? 
1 A G 2  1_555 A C 67 1_555 A A 4  1_555 A U 65 1_555 0.992  -2.936 6.280 2.167   14.896 58.480  -4.265 -0.793 5.485 14.978 -2.179 
60.221  2  CC_G2A4:U69C71_CC   C 2  ? C 71 ? C 4  ? C 69 ? 
1 A A 4  1_555 A U 65 1_555 A A 5  1_555 A U 64 1_555 -0.885 -1.312 3.305 -8.172  8.885  26.285  -4.585 -0.023 2.864 18.357 16.882 
28.880  3  CC_A4A5:U68U69_CC   C 4  ? C 69 ? C 5  ? C 68 ? 
1 A A 5  1_555 A U 64 1_555 A C 6  1_555 A G 63 1_555 0.384  -1.026 3.474 0.470   -1.181 53.035  -1.068 -0.398 3.498 -1.322 -0.526 
53.049  4  CC_A5C6:G67U68_CC   C 5  ? C 68 ? C 6  ? C 67 ? 
1 A C 6  1_555 A G 63 1_555 A C 7  1_555 A G 62 1_555 -0.752 -1.372 2.495 6.499   19.423 13.243  -6.380 2.830  0.075 54.482 
-18.230 24.351  5  CC_C6C7:G66G67_CC   C 6  ? C 67 ? C 7  ? C 66 ? 
1 A C 7  1_555 A G 62 1_555 A C 45 1_555 A G 61 1_555 -0.055 -2.775 3.311 -5.758  10.919 36.331  -5.457 -0.563 2.390 16.922 8.924 
38.304  6  CC_C7C49:G65G66_CC  C 7  ? C 66 ? C 49 ? C 65 ? 
1 A C 45 1_555 A G 61 1_555 A C 46 1_555 A G 60 1_555 -0.044 -0.253 3.213 15.764  18.418 47.069  -1.462 1.057  2.798 21.481 
-18.386 52.628  7  CC_C49C50:G64G65_CC C 49 ? C 65 ? C 50 ? C 64 ? 
1 A C 46 1_555 A G 60 1_555 A G 47 1_555 A C 59 1_555 -1.569 -1.194 3.409 -10.920 8.252  26.155  -4.262 0.552  3.277 16.845 22.293 
29.465  8  CC_C50G51:C63G64_CC C 50 ? C 64 ? C 51 ? C 63 ? 
1 A G 47 1_555 A C 59 1_555 A G 48 1_555 A C 58 1_555 0.396  -1.756 3.811 -2.004  11.690 24.842  -6.701 -1.348 2.687 25.406 4.355 
27.487  9  CC_G51G52:C62C63_CC C 51 ? C 63 ? C 52 ? C 62 ? 
1 A G 48 1_555 A C 58 1_555 A G 49 1_555 A C 57 1_555 -0.320 -1.176 4.038 3.475   0.203  37.954  -1.833 1.030  3.988 0.312  -5.329 
38.107  10 CC_G52G53:C61C62_CC C 52 ? C 62 ? C 53 ? C 61 ? 
1 A G 49 1_555 A C 57 1_555 A U 51 1_555 A G 15 1_555 -0.360 -0.706 5.920 9.545   8.137  118.859 -0.552 0.376  5.860 4.719  -5.535 
119.264 11 CC_G53U55:G18C61_CC C 53 ? C 61 ? C 55 ? C 18 ? 
1 A A 10 1_555 A U 20 1_555 A U 11 1_555 A A 19 1_555 1.896  -0.946 3.136 -5.714  5.561  25.833  -3.253 -5.320 2.416 12.078 12.410 
27.015  12 CC_A11U12:A22U23_CC C 11 ? C 23 ? C 12 ? C 22 ? 
1 A U 11 1_555 A A 19 1_555 A C 12 1_555 A G 18 1_555 3.701  -4.232 2.844 2.693   1.233  -10.337 20.987 23.245 2.294 -6.665 14.561 
-10.752 13 CC_U12C13:G21A22_CC C 12 ? C 22 ? C 13 ? C 21 ? 
1 A C 12 1_555 A G 18 1_555 A A 13 1_555 A G 44 1_555 0.663  -0.457 3.426 1.024   7.369  151.090 -0.265 -0.338 3.419 3.805  -0.529 
151.152 14 CC_C13A14:G48G21_CC C 13 ? C 21 ? C 14 ? C 48 ? 
1 A G 26 1_555 A C 38 1_555 A G 27 1_555 A C 37 1_555 0.489  -2.554 3.168 -1.903  15.668 37.247  -5.147 -0.884 1.955 23.291 2.829 
40.344  15 CC_G29G30:C40C41_CC C 29 ? C 41 ? C 30 ? C 40 ? 
1 A G 27 1_555 A C 37 1_555 A A 28 1_555 A A 35 1_555 -1.210 -2.743 4.764 -0.081  17.311 59.781  -3.747 1.169  3.915 16.986 0.080 
62.014  16 CC_G30A31:A38C40_CC C 30 ? C 40 ? C 31 ? C 38 ? 
# 
loop_
_pdbx_audit_support.funding_organization 
_pdbx_audit_support.country 
_pdbx_audit_support.grant_number 
_pdbx_audit_support.ordinal 
'National Institutes of Health/National Institute of General Medical Sciences (NIH/NIGMS)' 'United States' 'R35 GM122560'      1 
'National Institutes of Health/National Institute of General Medical Sciences (NIH/NIGMS)' 'United States' 'R35 GM122560-05S1' 2 
'National Institutes of Health/National Institute of General Medical Sciences (NIH/NIGMS)' 'United States' GM51266             3 
'Department of Energy (DOE, United States)'                                                'United States' DE-FG0298ER2031     4 
'Cystic Fibrosis Foundation'                                                               'United States' PUGLIS20G0          5 
'Knut and Alice Wallenberg Foundation'                                                     Sweden          'KAW 2016.0488'     6 
# 
_atom_sites.entry_id                    8UPY 
_atom_sites.Cartn_transf_matrix[1][1]   ? 
_atom_sites.Cartn_transf_matrix[1][2]   ? 
_atom_sites.Cartn_transf_matrix[1][3]   ? 
_atom_sites.Cartn_transf_matrix[2][1]   ? 
_atom_sites.Cartn_transf_matrix[2][2]   ? 
_atom_sites.Cartn_transf_matrix[2][3]   ? 
_atom_sites.Cartn_transf_matrix[3][1]   ? 
_atom_sites.Cartn_transf_matrix[3][2]   ? 
_atom_sites.Cartn_transf_matrix[3][3]   ? 
_atom_sites.Cartn_transf_vector[1]      ? 
_atom_sites.Cartn_transf_vector[2]      ? 
_atom_sites.Cartn_transf_vector[3]      ? 
_atom_sites.Cartn_transform_axes        ? 
_atom_sites.fract_transf_matrix[1][1]   1.000000 
_atom_sites.fract_transf_matrix[1][2]   0.000000 
_atom_sites.fract_transf_matrix[1][3]   0.000000 
_atom_sites.fract_transf_matrix[2][1]   0.000000 
_atom_sites.fract_transf_matrix[2][2]   1.000000 
_atom_sites.fract_transf_matrix[2][3]   0.000000 
_atom_sites.fract_transf_matrix[3][1]   0.000000 
_atom_sites.fract_transf_matrix[3][2]   0.000000 
_atom_sites.fract_transf_matrix[3][3]   1.000000 
_atom_sites.fract_transf_vector[1]      0.00000 
_atom_sites.fract_transf_vector[2]      0.00000 
_atom_sites.fract_transf_vector[3]      0.00000 
_atom_sites.solution_primary            ? 
_atom_sites.solution_secondary          ? 
_atom_sites.solution_hydrogens          ? 
_atom_sites.special_details             ? 
# 
loop_
_atom_type.symbol 
C 
N 
O 
P 
# 
loop_
_atom_site.group_PDB 
_atom_site.id 
_atom_site.type_symbol 
_atom_site.label_atom_id 
_atom_site.label_alt_id 
_atom_site.label_comp_id 
_atom_site.label_asym_id 
_atom_site.label_entity_id 
_atom_site.label_seq_id 
_atom_site.pdbx_PDB_ins_code 
_atom_site.Cartn_x 
_atom_site.Cartn_y 
_atom_site.Cartn_z 
_atom_site.occupancy 
_atom_site.B_iso_or_equiv 
_atom_site.pdbx_formal_charge 
_atom_site.auth_seq_id 
_atom_site.auth_comp_id 
_atom_site.auth_asym_id 
_atom_site.auth_atom_id 
_atom_site.pdbx_PDB_model_num 
ATOM 1    O OP3   . G A 1 1  ? -9.430  9.310   -25.909 1.00 303.82 ? 1  G C OP3   1 
ATOM 2    P P     . G A 1 1  ? -9.645  7.809   -25.357 1.00 303.68 ? 1  G C P     1 
ATOM 3    O OP1   . G A 1 1  ? -9.122  7.766   -23.967 1.00 303.86 ? 1  G C OP1   1 
ATOM 4    O OP2   . G A 1 1  ? -9.115  6.860   -26.369 1.00 303.89 ? 1  G C OP2   1 
ATOM 5    O "O5'" . G A 1 1  ? -11.228 7.643   -25.295 1.00 304.09 ? 1  G C "O5'" 1 
ATOM 6    C "C5'" . G A 1 1  ? -11.993 7.399   -26.491 1.00 304.42 ? 1  G C "C5'" 1 
ATOM 7    C "C4'" . G A 1 1  ? -13.458 7.665   -26.237 1.00 304.76 ? 1  G C "C4'" 1 
ATOM 8    O "O4'" . G A 1 1  ? -14.254 6.699   -26.976 1.00 304.75 ? 1  G C "O4'" 1 
ATOM 9    C "C3'" . G A 1 1  ? -13.903 7.545   -24.784 1.00 304.86 ? 1  G C "C3'" 1 
ATOM 10   O "O3'" . G A 1 1  ? -13.844 8.807   -24.131 1.00 305.05 ? 1  G C "O3'" 1 
ATOM 11   C "C2'" . G A 1 1  ? -15.344 7.066   -24.918 1.00 304.70 ? 1  G C "C2'" 1 
ATOM 12   O "O2'" . G A 1 1  ? -16.260 8.111   -25.167 1.00 304.69 ? 1  G C "O2'" 1 
ATOM 13   C "C1'" . G A 1 1  ? -15.241 6.141   -26.130 1.00 304.61 ? 1  G C "C1'" 1 
ATOM 14   N N9    . G A 1 1  ? -14.831 4.783   -25.786 1.00 304.41 ? 1  G C N9    1 
ATOM 15   C C8    . G A 1 1  ? -13.575 4.241   -25.910 1.00 304.25 ? 1  G C C8    1 
ATOM 16   N N7    . G A 1 1  ? -13.513 2.997   -25.520 1.00 303.85 ? 1  G C N7    1 
ATOM 17   C C5    . G A 1 1  ? -14.806 2.699   -25.113 1.00 303.80 ? 1  G C C5    1 
ATOM 18   C C6    . G A 1 1  ? -15.354 1.494   -24.590 1.00 303.55 ? 1  G C C6    1 
ATOM 19   O O6    . G A 1 1  ? -14.783 0.417   -24.377 1.00 303.51 ? 1  G C O6    1 
ATOM 20   N N1    . G A 1 1  ? -16.711 1.627   -24.309 1.00 303.63 ? 1  G C N1    1 
ATOM 21   C C2    . G A 1 1  ? -17.447 2.770   -24.504 1.00 304.00 ? 1  G C C2    1 
ATOM 22   N N2    . G A 1 1  ? -18.744 2.702   -24.171 1.00 304.05 ? 1  G C N2    1 
ATOM 23   N N3    . G A 1 1  ? -16.949 3.900   -24.991 1.00 304.31 ? 1  G C N3    1 
ATOM 24   C C4    . G A 1 1  ? -15.632 3.792   -25.272 1.00 304.22 ? 1  G C C4    1 
ATOM 25   P P     . G A 1 2  ? -13.639 8.878   -22.545 1.00 305.17 ? 2  G C P     1 
ATOM 26   O OP1   . G A 1 2  ? -13.393 10.296  -22.176 1.00 305.69 ? 2  G C OP1   1 
ATOM 27   O OP2   . G A 1 2  ? -12.653 7.837   -22.162 1.00 305.32 ? 2  G C OP2   1 
ATOM 28   O "O5'" . G A 1 2  ? -15.067 8.455   -21.980 1.00 304.28 ? 2  G C "O5'" 1 
ATOM 29   C "C5'" . G A 1 2  ? -16.210 9.316   -22.142 1.00 303.41 ? 2  G C "C5'" 1 
ATOM 30   C "C4'" . G A 1 2  ? -17.417 8.717   -21.460 1.00 302.93 ? 2  G C "C4'" 1 
ATOM 31   O "O4'" . G A 1 2  ? -17.855 7.545   -22.199 1.00 303.04 ? 2  G C "O4'" 1 
ATOM 32   C "C3'" . G A 1 2  ? -17.195 8.236   -20.031 1.00 302.43 ? 2  G C "C3'" 1 
ATOM 33   O "O3'" . G A 1 2  ? -17.457 9.279   -19.100 1.00 301.25 ? 2  G C "O3'" 1 
ATOM 34   C "C2'" . G A 1 2  ? -18.221 7.116   -19.902 1.00 302.72 ? 2  G C "C2'" 1 
ATOM 35   O "O2'" . G A 1 2  ? -19.523 7.581   -19.609 1.00 302.59 ? 2  G C "O2'" 1 
ATOM 36   C "C1'" . G A 1 2  ? -18.171 6.498   -21.298 1.00 303.15 ? 2  G C "C1'" 1 
ATOM 37   N N9    . G A 1 2  ? -17.159 5.458   -21.434 1.00 20.00  ? 2  G C N9    1 
ATOM 38   C C8    . G A 1 2  ? -15.969 5.542   -22.117 1.00 20.00  ? 2  G C C8    1 
ATOM 39   N N7    . G A 1 2  ? -15.265 4.445   -22.060 1.00 20.00  ? 2  G C N7    1 
ATOM 40   C C5    . G A 1 2  ? -16.036 3.582   -21.292 1.00 20.00  ? 2  G C C5    1 
ATOM 41   C C6    . G A 1 2  ? -15.789 2.240   -20.887 1.00 20.00  ? 2  G C C6    1 
ATOM 42   O O6    . G A 1 2  ? -14.809 1.527   -21.136 1.00 20.00  ? 2  G C O6    1 
ATOM 43   N N1    . G A 1 2  ? -16.834 1.737   -20.116 1.00 20.00  ? 2  G C N1    1 
ATOM 44   C C2    . G A 1 2  ? -17.969 2.435   -19.776 1.00 20.00  ? 2  G C C2    1 
ATOM 45   N N2    . G A 1 2  ? -18.862 1.777   -19.023 1.00 20.00  ? 2  G C N2    1 
ATOM 46   N N3    . G A 1 2  ? -18.210 3.685   -20.148 1.00 20.00  ? 2  G C N3    1 
ATOM 47   C C4    . G A 1 2  ? -17.208 4.192   -20.898 1.00 20.00  ? 2  G C C4    1 
ATOM 48   P P     . A A 1 3  ? -16.688 9.308   -17.696 1.00 300.17 ? 3  A C P     1 
ATOM 49   O OP1   . A A 1 3  ? -17.171 10.486  -16.932 1.00 300.30 ? 3  A C OP1   1 
ATOM 50   O OP2   . A A 1 3  ? -15.236 9.151   -17.964 1.00 299.96 ? 3  A C OP2   1 
ATOM 51   O "O5'" . A A 1 3  ? -17.213 7.991   -16.971 1.00 298.99 ? 3  A C "O5'" 1 
ATOM 52   C "C5'" . A A 1 3  ? -18.582 7.882   -16.535 1.00 297.51 ? 3  A C "C5'" 1 
ATOM 53   C "C4'" . A A 1 3  ? -18.819 6.541   -15.883 1.00 296.37 ? 3  A C "C4'" 1 
ATOM 54   O "O4'" . A A 1 3  ? -18.785 5.501   -16.900 1.00 295.92 ? 3  A C "O4'" 1 
ATOM 55   C "C3'" . A A 1 3  ? -17.788 6.120   -14.846 1.00 295.64 ? 3  A C "C3'" 1 
ATOM 56   O "O3'" . A A 1 3  ? -18.152 6.592   -13.554 1.00 294.75 ? 3  A C "O3'" 1 
ATOM 57   C "C2'" . A A 1 3  ? -17.861 4.599   -14.911 1.00 295.49 ? 3  A C "C2'" 1 
ATOM 58   O "O2'" . A A 1 3  ? -18.920 4.056   -14.150 1.00 295.21 ? 3  A C "O2'" 1 
ATOM 59   C "C1'" . A A 1 3  ? -18.097 4.367   -16.404 1.00 295.53 ? 3  A C "C1'" 1 
ATOM 60   N N9    . A A 1 3  ? -16.865 4.214   -17.169 1.00 20.00  ? 3  A C N9    1 
ATOM 61   C C8    . A A 1 3  ? -16.246 5.153   -17.943 1.00 20.00  ? 3  A C C8    1 
ATOM 62   N N7    . A A 1 3  ? -15.149 4.724   -18.512 1.00 20.00  ? 3  A C N7    1 
ATOM 63   C C5    . A A 1 3  ? -15.037 3.415   -18.081 1.00 20.00  ? 3  A C C5    1 
ATOM 64   C C6    . A A 1 3  ? -14.081 2.425   -18.330 1.00 20.00  ? 3  A C C6    1 
ATOM 65   N N6    . A A 1 3  ? -13.017 2.621   -19.115 1.00 20.00  ? 3  A C N6    1 
ATOM 66   N N1    . A A 1 3  ? -14.251 1.221   -17.748 1.00 20.00  ? 3  A C N1    1 
ATOM 67   C C2    . A A 1 3  ? -15.322 1.036   -16.966 1.00 20.00  ? 3  A C C2    1 
ATOM 68   N N3    . A A 1 3  ? -16.295 1.892   -16.654 1.00 20.00  ? 3  A C N3    1 
ATOM 69   C C4    . A A 1 3  ? -16.093 3.077   -17.248 1.00 20.00  ? 3  A C C4    1 
ATOM 70   P P     . A A 1 4  ? -17.038 6.750   -12.416 1.00 293.67 ? 4  A C P     1 
ATOM 71   O OP1   . A A 1 4  ? -17.640 7.500   -11.284 1.00 293.73 ? 4  A C OP1   1 
ATOM 72   O OP2   . A A 1 4  ? -15.797 7.256   -13.055 1.00 293.71 ? 4  A C OP2   1 
ATOM 73   O "O5'" . A A 1 4  ? -16.790 5.249   -11.945 1.00 292.52 ? 4  A C "O5'" 1 
ATOM 74   C "C5'" . A A 1 4  ? -17.741 4.575   -11.099 1.00 291.43 ? 4  A C "C5'" 1 
ATOM 75   C "C4'" . A A 1 4  ? -17.463 3.090   -11.079 1.00 290.93 ? 4  A C "C4'" 1 
ATOM 76   O "O4'" . A A 1 4  ? -17.216 2.628   -12.434 1.00 290.98 ? 4  A C "O4'" 1 
ATOM 77   C "C3'" . A A 1 4  ? -16.241 2.658   -10.282 1.00 290.54 ? 4  A C "C3'" 1 
ATOM 78   O "O3'" . A A 1 4  ? -16.584 2.438   -8.919  1.00 289.32 ? 4  A C "O3'" 1 
ATOM 79   C "C2'" . A A 1 4  ? -15.848 1.356   -10.969 1.00 290.80 ? 4  A C "C2'" 1 
ATOM 80   O "O2'" . A A 1 4  ? -16.597 0.243   -10.526 1.00 290.73 ? 4  A C "O2'" 1 
ATOM 81   C "C1'" . A A 1 4  ? -16.169 1.672   -12.431 1.00 291.05 ? 4  A C "C1'" 1 
ATOM 82   N N9    . A A 1 4  ? -15.040 2.234   -13.164 1.00 20.00  ? 4  A C N9    1 
ATOM 83   C C8    . A A 1 4  ? -14.872 3.528   -13.564 1.00 20.00  ? 4  A C C8    1 
ATOM 84   N N7    . A A 1 4  ? -13.753 3.737   -14.208 1.00 20.00  ? 4  A C N7    1 
ATOM 85   C C5    . A A 1 4  ? -13.142 2.497   -14.230 1.00 20.00  ? 4  A C C5    1 
ATOM 86   C C6    . A A 1 4  ? -11.924 2.063   -14.763 1.00 20.00  ? 4  A C C6    1 
ATOM 87   N N6    . A A 1 4  ? -11.078 2.876   -15.405 1.00 20.00  ? 4  A C N6    1 
ATOM 88   N N1    . A A 1 4  ? -11.597 0.762   -14.617 1.00 20.00  ? 4  A C N1    1 
ATOM 89   C C2    . A A 1 4  ? -12.454 -0.042  -13.974 1.00 20.00  ? 4  A C C2    1 
ATOM 90   N N3    . A A 1 4  ? -13.635 0.249   -13.428 1.00 20.00  ? 4  A C N3    1 
ATOM 91   C C4    . A A 1 4  ? -13.926 1.549   -13.589 1.00 20.00  ? 4  A C C4    1 
ATOM 92   P P     . A A 1 5  ? -16.189 3.521   -7.810  1.00 287.94 ? 5  A C P     1 
ATOM 93   O OP1   . A A 1 5  ? -17.255 3.531   -6.776  1.00 288.27 ? 5  A C OP1   1 
ATOM 94   O OP2   . A A 1 5  ? -15.829 4.782   -8.507  1.00 287.58 ? 5  A C OP2   1 
ATOM 95   O "O5'" . A A 1 5  ? -14.869 2.907   -7.163  1.00 286.73 ? 5  A C "O5'" 1 
ATOM 96   C "C5'" . A A 1 5  ? -13.704 2.648   -7.967  1.00 285.23 ? 5  A C "C5'" 1 
ATOM 97   C "C4'" . A A 1 5  ? -13.235 1.227   -7.763  1.00 284.16 ? 5  A C "C4'" 1 
ATOM 98   O "O4'" . A A 1 5  ? -13.310 0.513   -9.028  1.00 283.71 ? 5  A C "O4'" 1 
ATOM 99   C "C3'" . A A 1 5  ? -11.796 1.074   -7.282  1.00 283.49 ? 5  A C "C3'" 1 
ATOM 100  O "O3'" . A A 1 5  ? -11.743 0.996   -5.862  1.00 282.46 ? 5  A C "O3'" 1 
ATOM 101  C "C2'" . A A 1 5  ? -11.369 -0.240  -7.924  1.00 283.50 ? 5  A C "C2'" 1 
ATOM 102  O "O2'" . A A 1 5  ? -11.785 -1.378  -7.198  1.00 283.63 ? 5  A C "O2'" 1 
ATOM 103  C "C1'" . A A 1 5  ? -12.091 -0.165  -9.268  1.00 283.23 ? 5  A C "C1'" 1 
ATOM 104  N N9    . A A 1 5  ? -11.352 0.579   -10.281 1.00 20.00  ? 5  A C N9    1 
ATOM 105  C C8    . A A 1 5  ? -11.689 1.778   -10.839 1.00 20.00  ? 5  A C C8    1 
ATOM 106  N N7    . A A 1 5  ? -10.829 2.205   -11.726 1.00 20.00  ? 5  A C N7    1 
ATOM 107  C C5    . A A 1 5  ? -9.857  1.222   -11.751 1.00 20.00  ? 5  A C C5    1 
ATOM 108  C C6    . A A 1 5  ? -8.674  1.092   -12.485 1.00 20.00  ? 5  A C C6    1 
ATOM 109  N N6    . A A 1 5  ? -8.264  2.004   -13.374 1.00 20.00  ? 5  A C N6    1 
ATOM 110  N N1    . A A 1 5  ? -7.918  -0.006  -12.280 1.00 20.00  ? 5  A C N1    1 
ATOM 111  C C2    . A A 1 5  ? -8.340  -0.912  -11.388 1.00 20.00  ? 5  A C C2    1 
ATOM 112  N N3    . A A 1 5  ? -9.439  -0.904  -10.634 1.00 20.00  ? 5  A C N3    1 
ATOM 113  C C4    . A A 1 5  ? -10.165 0.201   -10.863 1.00 20.00  ? 5  A C C4    1 
ATOM 114  P P     . C A 1 6  ? -10.475 1.578   -5.079  1.00 281.48 ? 6  C C P     1 
ATOM 115  O OP1   . C A 1 6  ? -10.584 1.167   -3.656  1.00 281.59 ? 6  C C OP1   1 
ATOM 116  O OP2   . C A 1 6  ? -10.343 3.017   -5.422  1.00 281.65 ? 6  C C OP2   1 
ATOM 117  O "O5'" . C A 1 6  ? -9.257  0.788   -5.736  1.00 281.04 ? 6  C C "O5'" 1 
ATOM 118  C "C5'" . C A 1 6  ? -8.700  -0.374  -5.095  1.00 280.49 ? 6  C C "C5'" 1 
ATOM 119  C "C4'" . C A 1 6  ? -7.518  -0.890  -5.881  1.00 280.28 ? 6  C C "C4'" 1 
ATOM 120  O "O4'" . C A 1 6  ? -7.810  -0.803  -7.302  1.00 280.00 ? 6  C C "O4'" 1 
ATOM 121  C "C3'" . C A 1 6  ? -6.217  -0.122  -5.693  1.00 279.82 ? 6  C C "C3'" 1 
ATOM 122  O "O3'" . C A 1 6  ? -5.479  -0.649  -4.596  1.00 279.57 ? 6  C C "O3'" 1 
ATOM 123  C "C2'" . C A 1 6  ? -5.494  -0.376  -7.011  1.00 279.62 ? 6  C C "C2'" 1 
ATOM 124  O "O2'" . C A 1 6  ? -4.817  -1.614  -7.047  1.00 279.75 ? 6  C C "O2'" 1 
ATOM 125  C "C1'" . C A 1 6  ? -6.658  -0.370  -8.003  1.00 279.21 ? 6  C C "C1'" 1 
ATOM 126  N N1    . C A 1 6  ? -6.936  0.958   -8.569  1.00 20.00  ? 6  C C N1    1 
ATOM 127  C C2    . C A 1 6  ? -6.118  1.438   -9.595  1.00 20.00  ? 6  C C C2    1 
ATOM 128  O O2    . C A 1 6  ? -5.183  0.728   -9.998  1.00 20.00  ? 6  C C O2    1 
ATOM 129  N N3    . C A 1 6  ? -6.366  2.659   -10.123 1.00 20.00  ? 6  C C N3    1 
ATOM 130  C C4    . C A 1 6  ? -7.383  3.391   -9.661  1.00 20.00  ? 6  C C C4    1 
ATOM 131  N N4    . C A 1 6  ? -7.590  4.589   -10.211 1.00 20.00  ? 6  C C N4    1 
ATOM 132  C C5    . C A 1 6  ? -8.231  2.926   -8.615  1.00 20.00  ? 6  C C C5    1 
ATOM 133  C C6    . C A 1 6  ? -7.974  1.716   -8.103  1.00 20.00  ? 6  C C C6    1 
ATOM 134  P P     . C A 1 7  ? -5.315  0.284   -3.305  1.00 278.94 ? 7  C C P     1 
ATOM 135  O OP1   . C A 1 7  ? -4.423  -0.390  -2.345  1.00 279.14 ? 7  C C OP1   1 
ATOM 136  O OP2   . C A 1 7  ? -6.650  0.748   -2.881  1.00 278.63 ? 7  C C OP2   1 
ATOM 137  O "O5'" . C A 1 7  ? -4.677  1.617   -3.879  1.00 279.07 ? 7  C C "O5'" 1 
ATOM 138  C "C5'" . C A 1 7  ? -3.334  1.946   -3.553  1.00 279.34 ? 7  C C "C5'" 1 
ATOM 139  C "C4'" . C A 1 7  ? -2.422  1.261   -4.524  1.00 279.44 ? 7  C C "C4'" 1 
ATOM 140  O "O4'" . C A 1 7  ? -2.946  1.453   -5.860  1.00 279.56 ? 7  C C "O4'" 1 
ATOM 141  C "C3'" . C A 1 7  ? -1.013  1.812   -4.554  1.00 279.34 ? 7  C C "C3'" 1 
ATOM 142  O "O3'" . C A 1 7  ? -0.201  0.741   -4.963  1.00 278.83 ? 7  C C "O3'" 1 
ATOM 143  C "C2'" . C A 1 7  ? -1.093  2.877   -5.631  1.00 279.51 ? 7  C C "C2'" 1 
ATOM 144  O "O2'" . C A 1 7  ? 0.062   2.922   -6.420  1.00 279.55 ? 7  C C "O2'" 1 
ATOM 145  C "C1'" . C A 1 7  ? -2.044  2.226   -6.618  1.00 279.75 ? 7  C C "C1'" 1 
ATOM 146  N N1    . C A 1 7  ? -2.805  3.188   -7.417  1.00 20.00  ? 7  C C N1    1 
ATOM 147  C C2    . C A 1 7  ? -2.219  3.707   -8.564  1.00 20.00  ? 7  C C C2    1 
ATOM 148  O O2    . C A 1 7  ? -1.076  3.347   -8.865  1.00 20.00  ? 7  C C O2    1 
ATOM 149  N N3    . C A 1 7  ? -2.918  4.563   -9.335  1.00 20.00  ? 7  C C N3    1 
ATOM 150  C C4    . C A 1 7  ? -4.157  4.909   -8.989  1.00 20.00  ? 7  C C C4    1 
ATOM 151  N N4    . C A 1 7  ? -4.786  5.804   -9.748  1.00 20.00  ? 7  C C N4    1 
ATOM 152  C C5    . C A 1 7  ? -4.761  4.437   -7.791  1.00 20.00  ? 7  C C C5    1 
ATOM 153  C C6    . C A 1 7  ? -4.069  3.560   -7.058  1.00 20.00  ? 7  C C C6    1 
ATOM 154  P P     . U A 1 8  ? 0.760   0.077   -3.922  1.00 76.88  ? 8  U C P     1 
ATOM 155  O OP1   . U A 1 8  ? 2.072   -0.095  -4.556  1.00 75.20  ? 8  U C OP1   1 
ATOM 156  O OP2   . U A 1 8  ? 0.065   -1.088  -3.351  1.00 78.59  ? 8  U C OP2   1 
ATOM 157  O "O5'" . U A 1 8  ? 0.976   1.222   -2.845  1.00 78.76  ? 8  U C "O5'" 1 
ATOM 158  C "C5'" . U A 1 8  ? 2.192   1.978   -2.860  1.00 77.93  ? 8  U C "C5'" 1 
ATOM 159  C "C4'" . U A 1 8  ? 2.576   2.416   -1.469  1.00 78.66  ? 8  U C "C4'" 1 
ATOM 160  O "O4'" . U A 1 8  ? 1.403   2.915   -0.776  1.00 79.49  ? 8  U C "O4'" 1 
ATOM 161  C "C3'" . U A 1 8  ? 3.119   1.345   -0.541  1.00 78.23  ? 8  U C "C3'" 1 
ATOM 162  O "O3'" . U A 1 8  ? 4.479   0.987   -0.764  1.00 77.17  ? 8  U C "O3'" 1 
ATOM 163  C "C2'" . U A 1 8  ? 2.836   1.977   0.808   1.00 79.34  ? 8  U C "C2'" 1 
ATOM 164  O "O2'" . U A 1 8  ? 3.632   3.104   1.066   1.00 79.34  ? 8  U C "O2'" 1 
ATOM 165  C "C1'" . U A 1 8  ? 1.427   2.493   0.572   1.00 78.22  ? 8  U C "C1'" 1 
ATOM 166  N N1    . U A 1 8  ? 0.452   1.410   0.728   1.00 20.00  ? 8  U C N1    1 
ATOM 167  C C2    . U A 1 8  ? 0.321   0.874   1.983   1.00 20.00  ? 8  U C C2    1 
ATOM 168  O O2    . U A 1 8  ? 0.910   1.315   2.948   1.00 20.00  ? 8  U C O2    1 
ATOM 169  N N3    . U A 1 8  ? -0.560  -0.172  2.073   1.00 20.00  ? 8  U C N3    1 
ATOM 170  C C4    . U A 1 8  ? -1.327  -0.705  1.067   1.00 20.00  ? 8  U C C4    1 
ATOM 171  O O4    . U A 1 8  ? -2.087  -1.641  1.313   1.00 20.00  ? 8  U C O4    1 
ATOM 172  C C5    . U A 1 8  ? -1.106  -0.120  -0.214  1.00 20.00  ? 8  U C C5    1 
ATOM 173  C C6    . U A 1 8  ? -0.239  0.891   -0.338  1.00 20.00  ? 8  U C C6    1 
ATOM 174  P P     . G A 1 9  ? 5.007   -0.409  -0.243  1.00 79.94  ? 10 G C P     1 
ATOM 175  O OP1   . G A 1 9  ? 3.897   -1.066  0.454   1.00 81.90  ? 10 G C OP1   1 
ATOM 176  O OP2   . G A 1 9  ? 6.273   -0.168  0.470   1.00 77.99  ? 10 G C OP2   1 
ATOM 177  O "O5'" . G A 1 9  ? 5.240   -1.270  -1.569  1.00 80.07  ? 10 G C "O5'" 1 
ATOM 178  C "C5'" . G A 1 9  ? 4.710   -2.626  -1.719  1.00 81.05  ? 10 G C "C5'" 1 
ATOM 179  C "C4'" . G A 1 9  ? 5.776   -3.602  -2.200  1.00 81.37  ? 10 G C "C4'" 1 
ATOM 180  O "O4'" . G A 1 9  ? 6.778   -3.795  -1.155  1.00 78.82  ? 10 G C "O4'" 1 
ATOM 181  C "C3'" . G A 1 9  ? 5.338   -5.030  -2.553  1.00 82.10  ? 10 G C "C3'" 1 
ATOM 182  O "O3'" . G A 1 9  ? 4.614   -5.117  -3.797  1.00 84.95  ? 10 G C "O3'" 1 
ATOM 183  C "C2'" . G A 1 9  ? 6.671   -5.782  -2.448  1.00 81.00  ? 10 G C "C2'" 1 
ATOM 184  O "O2'" . G A 1 9  ? 7.505   -5.849  -3.598  1.00 82.84  ? 10 G C "O2'" 1 
ATOM 185  C "C1'" . G A 1 9  ? 7.284   -5.129  -1.204  1.00 77.91  ? 10 G C "C1'" 1 
ATOM 186  N N9    . G A 1 9  ? 6.865   -5.808  0.003   1.00 20.00  ? 10 G C N9    1 
ATOM 187  C C8    . G A 1 9  ? 6.779   -5.317  1.286   1.00 20.00  ? 10 G C C8    1 
ATOM 188  N N7    . G A 1 9  ? 6.296   -6.180  2.153   1.00 20.00  ? 10 G C N7    1 
ATOM 189  C C5    . G A 1 9  ? 6.044   -7.326  1.410   1.00 20.00  ? 10 G C C5    1 
ATOM 190  C C6    . G A 1 9  ? 5.503   -8.578  1.806   1.00 20.00  ? 10 G C C6    1 
ATOM 191  O O6    . G A 1 9  ? 5.138   -8.934  2.939   1.00 20.00  ? 10 G C O6    1 
ATOM 192  N N1    . G A 1 9  ? 5.403   -9.470  0.736   1.00 20.00  ? 10 G C N1    1 
ATOM 193  C C2    . G A 1 9  ? 5.769   -9.185  -0.553  1.00 20.00  ? 10 G C C2    1 
ATOM 194  N N2    . G A 1 9  ? 5.607   -10.152 -1.450  1.00 20.00  ? 10 G C N2    1 
ATOM 195  N N3    . G A 1 9  ? 6.266   -8.021  -0.937  1.00 20.00  ? 10 G C N3    1 
ATOM 196  C C4    . G A 1 9  ? 6.382   -7.120  0.086   1.00 20.00  ? 10 G C C4    1 
ATOM 197  P P     . A A 1 10 ? 4.034   -6.524  -4.423  1.00 79.94  ? 11 A C P     1 
ATOM 198  O OP1   . A A 1 10 ? 5.135   -7.505  -4.634  1.00 81.90  ? 11 A C OP1   1 
ATOM 199  O OP2   . A A 1 10 ? 3.166   -6.175  -5.559  1.00 77.99  ? 11 A C OP2   1 
ATOM 200  O "O5'" . A A 1 10 ? 3.060   -7.130  -3.326  1.00 80.07  ? 11 A C "O5'" 1 
ATOM 201  C "C5'" . A A 1 10 ? 2.357   -8.350  -3.651  1.00 81.05  ? 11 A C "C5'" 1 
ATOM 202  C "C4'" . A A 1 10 ? 1.815   -9.026  -2.418  1.00 81.37  ? 11 A C "C4'" 1 
ATOM 203  O "O4'" . A A 1 10 ? 2.689   -8.767  -1.294  1.00 78.82  ? 11 A C "O4'" 1 
ATOM 204  C "C3'" . A A 1 10 ? 0.483   -8.491  -1.913  1.00 82.10  ? 11 A C "C3'" 1 
ATOM 205  O "O3'" . A A 1 10 ? -0.667  -8.866  -2.653  1.00 84.95  ? 11 A C "O3'" 1 
ATOM 206  C "C2'" . A A 1 10 ? 0.473   -9.001  -0.484  1.00 81.00  ? 11 A C "C2'" 1 
ATOM 207  O "O2'" . A A 1 10 ? 0.099   -10.360 -0.416  1.00 82.84  ? 11 A C "O2'" 1 
ATOM 208  C "C1'" . A A 1 10 ? 1.938   -8.824  -0.098  1.00 77.91  ? 11 A C "C1'" 1 
ATOM 209  N N9    . A A 1 10 ? 2.266   -7.658  0.724   1.00 20.00  ? 11 A C N9    1 
ATOM 210  C C8    . A A 1 10 ? 2.917   -6.503  0.370   1.00 20.00  ? 11 A C C8    1 
ATOM 211  N N7    . A A 1 10 ? 3.128   -5.687  1.372   1.00 20.00  ? 11 A C N7    1 
ATOM 212  C C5    . A A 1 10 ? 2.598   -6.358  2.465   1.00 20.00  ? 11 A C C5    1 
ATOM 213  C C6    . A A 1 10 ? 2.509   -6.028  3.830   1.00 20.00  ? 11 A C C6    1 
ATOM 214  N N6    . A A 1 10 ? 2.965   -4.888  4.351   1.00 20.00  ? 11 A C N6    1 
ATOM 215  N N1    . A A 1 10 ? 1.923   -6.923  4.655   1.00 20.00  ? 11 A C N1    1 
ATOM 216  C C2    . A A 1 10 ? 1.458   -8.062  4.133   1.00 20.00  ? 11 A C C2    1 
ATOM 217  N N3    . A A 1 10 ? 1.485   -8.486  2.874   1.00 20.00  ? 11 A C N3    1 
ATOM 218  C C4    . A A 1 10 ? 2.071   -7.575  2.080   1.00 20.00  ? 11 A C C4    1 
ATOM 219  P P     . U A 1 11 ? -1.800  -7.780  -2.884  1.00 87.37  ? 12 U C P     1 
ATOM 220  O OP1   . U A 1 11 ? -3.074  -8.483  -3.137  1.00 89.30  ? 12 U C OP1   1 
ATOM 221  O OP2   . U A 1 11 ? -1.290  -6.780  -3.846  1.00 84.77  ? 12 U C OP2   1 
ATOM 222  O "O5'" . U A 1 11 ? -1.901  -7.072  -1.466  1.00 87.61  ? 12 U C "O5'" 1 
ATOM 223  C "C5'" . U A 1 11 ? -3.170  -6.920  -0.805  1.00 89.20  ? 12 U C "C5'" 1 
ATOM 224  C "C4'" . U A 1 11 ? -3.106  -7.302  0.658   1.00 88.98  ? 12 U C "C4'" 1 
ATOM 225  O "O4'" . U A 1 11 ? -1.737  -7.349  1.134   1.00 88.36  ? 12 U C "O4'" 1 
ATOM 226  C "C3'" . U A 1 11 ? -3.772  -6.317  1.590   1.00 87.61  ? 12 U C "C3'" 1 
ATOM 227  O "O3'" . U A 1 11 ? -5.167  -6.532  1.672   1.00 88.50  ? 12 U C "O3'" 1 
ATOM 228  C "C2'" . U A 1 11 ? -3.087  -6.635  2.905   1.00 87.15  ? 12 U C "C2'" 1 
ATOM 229  O "O2'" . U A 1 11 ? -3.551  -7.878  3.368   1.00 87.99  ? 12 U C "O2'" 1 
ATOM 230  C "C1'" . U A 1 11 ? -1.653  -6.804  2.435   1.00 87.64  ? 12 U C "C1'" 1 
ATOM 231  N N1    . U A 1 11 ? -0.888  -5.554  2.365   1.00 20.00  ? 12 U C N1    1 
ATOM 232  C C2    . U A 1 11 ? -0.673  -4.870  3.541   1.00 20.00  ? 12 U C C2    1 
ATOM 233  O O2    . U A 1 11 ? -1.120  -5.236  4.611   1.00 20.00  ? 12 U C O2    1 
ATOM 234  N N3    . U A 1 11 ? 0.072   -3.728  3.412   1.00 20.00  ? 12 U C N3    1 
ATOM 235  C C4    . U A 1 11 ? 0.626   -3.219  2.261   1.00 20.00  ? 12 U C C4    1 
ATOM 236  O O4    . U A 1 11 ? 1.278   -2.178  2.311   1.00 20.00  ? 12 U C O4    1 
ATOM 237  C C5    . U A 1 11 ? 0.369   -3.992  1.091   1.00 20.00  ? 12 U C C5    1 
ATOM 238  C C6    . U A 1 11 ? -0.360  -5.106  1.181   1.00 20.00  ? 12 U C C6    1 
ATOM 239  P P     . C A 1 12 ? -6.125  -5.296  1.707   1.00 89.24  ? 13 C C P     1 
ATOM 240  O OP1   . C A 1 12 ? -7.471  -5.776  1.357   1.00 90.38  ? 13 C C OP1   1 
ATOM 241  O OP2   . C A 1 12 ? -5.496  -4.243  0.895   1.00 88.12  ? 13 C C OP2   1 
ATOM 242  O "O5'" . C A 1 12 ? -6.080  -4.863  3.239   1.00 87.27  ? 13 C C "O5'" 1 
ATOM 243  C "C5'" . C A 1 12 ? -5.048  -3.977  3.682   1.00 86.90  ? 13 C C "C5'" 1 
ATOM 244  C "C4'" . C A 1 12 ? -5.081  -3.782  5.165   1.00 84.42  ? 13 C C "C4'" 1 
ATOM 245  O "O4'" . C A 1 12 ? -3.755  -3.422  5.597   1.00 81.81  ? 13 C C "O4'" 1 
ATOM 246  C "C3'" . C A 1 12 ? -5.926  -2.603  5.596   1.00 82.62  ? 13 C C "C3'" 1 
ATOM 247  O "O3'" . C A 1 12 ? -7.287  -3.015  5.707   1.00 84.97  ? 13 C C "O3'" 1 
ATOM 248  C "C2'" . C A 1 12 ? -5.296  -2.198  6.927   1.00 80.63  ? 13 C C "C2'" 1 
ATOM 249  O "O2'" . C A 1 12 ? -5.931  -2.889  7.975   1.00 82.27  ? 13 C C "O2'" 1 
ATOM 250  C "C1'" . C A 1 12 ? -3.844  -2.657  6.772   1.00 78.92  ? 13 C C "C1'" 1 
ATOM 251  N N1    . C A 1 12 ? -2.858  -1.573  6.692   1.00 20.00  ? 13 C C N1    1 
ATOM 252  C C2    . C A 1 12 ? -2.465  -0.936  7.867   1.00 20.00  ? 13 C C C2    1 
ATOM 253  O O2    . C A 1 12 ? -2.972  -1.290  8.935   1.00 20.00  ? 13 C C O2    1 
ATOM 254  N N3    . C A 1 12 ? -1.543  0.048   7.810   1.00 20.00  ? 13 C C N3    1 
ATOM 255  C C4    . C A 1 12 ? -1.005  0.387   6.639   1.00 20.00  ? 13 C C C4    1 
ATOM 256  N N4    . C A 1 12 ? -0.093  1.358   6.631   1.00 20.00  ? 13 C C N4    1 
ATOM 257  C C5    . C A 1 12 ? -1.377  -0.255  5.426   1.00 20.00  ? 13 C C C5    1 
ATOM 258  C C6    . C A 1 12 ? -2.298  -1.223  5.497   1.00 20.00  ? 13 C C C6    1 
ATOM 259  P P     . A A 1 13 ? -8.465  -1.970  5.412   1.00 85.70  ? 14 A C P     1 
ATOM 260  O OP1   . A A 1 13 ? -9.712  -2.484  5.990   1.00 87.46  ? 14 A C OP1   1 
ATOM 261  O OP2   . A A 1 13 ? -8.411  -1.620  3.988   1.00 84.49  ? 14 A C OP2   1 
ATOM 262  O "O5'" . A A 1 13 ? -8.068  -0.700  6.276   1.00 83.95  ? 14 A C "O5'" 1 
ATOM 263  C "C5'" . A A 1 13 ? -8.273  -0.700  7.687   1.00 85.42  ? 14 A C "C5'" 1 
ATOM 264  C "C4'" . A A 1 13 ? -7.737  0.580   8.263   1.00 85.46  ? 14 A C "C4'" 1 
ATOM 265  O "O4'" . A A 1 13 ? -6.309  0.615   8.069   1.00 83.87  ? 14 A C "O4'" 1 
ATOM 266  C "C3'" . A A 1 13 ? -8.267  1.840   7.598   1.00 86.43  ? 14 A C "C3'" 1 
ATOM 267  O "O3'" . A A 1 13 ? -9.375  2.249   8.367   1.00 89.86  ? 14 A C "O3'" 1 
ATOM 268  C "C2'" . A A 1 13 ? -7.124  2.832   7.765   1.00 83.21  ? 14 A C "C2'" 1 
ATOM 269  O "O2'" . A A 1 13 ? -7.176  3.560   8.973   1.00 83.23  ? 14 A C "O2'" 1 
ATOM 270  C "C1'" . A A 1 13 ? -5.894  1.921   7.744   1.00 81.45  ? 14 A C "C1'" 1 
ATOM 271  N N9    . A A 1 13 ? -5.177  1.864   6.472   1.00 20.00  ? 14 A C N9    1 
ATOM 272  C C8    . A A 1 13 ? -5.403  1.012   5.421   1.00 20.00  ? 14 A C C8    1 
ATOM 273  N N7    . A A 1 13 ? -4.580  1.183   4.418   1.00 20.00  ? 14 A C N7    1 
ATOM 274  C C5    . A A 1 13 ? -3.743  2.204   4.844   1.00 20.00  ? 14 A C C5    1 
ATOM 275  C C6    . A A 1 13 ? -2.659  2.850   4.237   1.00 20.00  ? 14 A C C6    1 
ATOM 276  N N6    . A A 1 13 ? -2.206  2.543   3.022   1.00 20.00  ? 14 A C N6    1 
ATOM 277  N N1    . A A 1 13 ? -2.039  3.827   4.930   1.00 20.00  ? 14 A C N1    1 
ATOM 278  C C2    . A A 1 13 ? -2.494  4.130   6.148   1.00 20.00  ? 14 A C C2    1 
ATOM 279  N N3    . A A 1 13 ? -3.501  3.594   6.828   1.00 20.00  ? 14 A C N3    1 
ATOM 280  C C4    . A A 1 13 ? -4.094  2.627   6.110   1.00 20.00  ? 14 A C C4    1 
ATOM 281  P P     . U A 1 14 ? -10.842 2.223   7.729   1.00 76.88  ? 15 U C P     1 
ATOM 282  O OP1   . U A 1 14 ? -11.514 0.976   8.176   1.00 78.59  ? 15 U C OP1   1 
ATOM 283  O OP2   . U A 1 14 ? -10.718 2.511   6.278   1.00 75.20  ? 15 U C OP2   1 
ATOM 284  O "O5'" . U A 1 14 ? -11.562 3.458   8.432   1.00 78.76  ? 15 U C "O5'" 1 
ATOM 285  C "C5'" . U A 1 14 ? -10.849 4.686   8.680   1.00 77.93  ? 15 U C "C5'" 1 
ATOM 286  C "C4'" . U A 1 14 ? -11.317 5.770   7.738   1.00 78.66  ? 15 U C "C4'" 1 
ATOM 287  O "O4'" . U A 1 14 ? -11.618 5.186   6.438   1.00 79.49  ? 15 U C "O4'" 1 
ATOM 288  C "C3'" . U A 1 14 ? -12.578 6.514   8.162   1.00 78.23  ? 15 U C "C3'" 1 
ATOM 289  O "O3'" . U A 1 14 ? -12.513 7.867   7.724   1.00 77.17  ? 15 U C "O3'" 1 
ATOM 290  C "C2'" . U A 1 14 ? -13.677 5.745   7.437   1.00 79.34  ? 15 U C "C2'" 1 
ATOM 291  O "O2'" . U A 1 14 ? -14.848 6.496   7.192   1.00 79.34  ? 15 U C "O2'" 1 
ATOM 292  C "C1'" . U A 1 14 ? -12.980 5.401   6.121   1.00 78.22  ? 15 U C "C1'" 1 
ATOM 293  N N1    . U A 1 14 ? -13.502 4.184   5.485   1.00 20.00  ? 15 U C N1    1 
ATOM 294  C C2    . U A 1 14 ? -14.125 4.318   4.260   1.00 20.00  ? 15 U C C2    1 
ATOM 295  O O2    . U A 1 14 ? -14.254 5.391   3.695   1.00 20.00  ? 15 U C O2    1 
ATOM 296  N N3    . U A 1 14 ? -14.590 3.145   3.719   1.00 20.00  ? 15 U C N3    1 
ATOM 297  C C4    . U A 1 14 ? -14.503 1.882   4.264   1.00 20.00  ? 15 U C C4    1 
ATOM 298  O O4    . U A 1 14 ? -14.974 0.923   3.650   1.00 20.00  ? 15 U C O4    1 
ATOM 299  C C5    . U A 1 14 ? -13.845 1.827   5.534   1.00 20.00  ? 15 U C C5    1 
ATOM 300  C C6    . U A 1 14 ? -13.379 2.952   6.087   1.00 20.00  ? 15 U C C6    1 
ATOM 301  P P     . G A 1 15 ? -13.270 9.042   8.522   1.00 89.01  ? 18 G C P     1 
ATOM 302  O OP1   . G A 1 15 ? -13.313 8.630   9.953   1.00 90.59  ? 18 G C OP1   1 
ATOM 303  O OP2   . G A 1 15 ? -14.545 9.336   7.822   1.00 92.02  ? 18 G C OP2   1 
ATOM 304  O "O5'" . G A 1 15 ? -12.284 10.268  8.301   1.00 85.05  ? 18 G C "O5'" 1 
ATOM 305  C "C5'" . G A 1 15 ? -10.961 9.977   7.858   1.00 79.57  ? 18 G C "C5'" 1 
ATOM 306  C "C4'" . G A 1 15 ? -9.999  11.019  8.341   1.00 74.62  ? 18 G C "C4'" 1 
ATOM 307  O "O4'" . G A 1 15 ? -10.199 12.209  7.560   1.00 70.77  ? 18 G C "O4'" 1 
ATOM 308  C "C3'" . G A 1 15 ? -10.124 11.472  9.803   1.00 74.78  ? 18 G C "C3'" 1 
ATOM 309  O "O3'" . G A 1 15 ? -8.873  11.930  10.321  1.00 75.73  ? 18 G C "O3'" 1 
ATOM 310  C "C2'" . G A 1 15 ? -10.853 12.784  9.652   1.00 72.56  ? 18 G C "C2'" 1 
ATOM 311  O "O2'" . G A 1 15 ? -10.662 13.827  10.585  1.00 72.65  ? 18 G C "O2'" 1 
ATOM 312  C "C1'" . G A 1 15 ? -10.128 13.281  8.431   1.00 70.00  ? 18 G C "C1'" 1 
ATOM 313  N N9    . G A 1 15 ? -10.734 14.443  7.839   1.00 20.00  ? 18 G C N9    1 
ATOM 314  C C8    . G A 1 15 ? -12.058 14.747  7.652   1.00 20.00  ? 18 G C C8    1 
ATOM 315  N N7    . G A 1 15 ? -12.240 15.943  7.168   1.00 20.00  ? 18 G C N7    1 
ATOM 316  C C5    . G A 1 15 ? -10.965 16.475  7.096   1.00 20.00  ? 18 G C C5    1 
ATOM 317  C C6    . G A 1 15 ? -10.527 17.740  6.667   1.00 20.00  ? 18 G C C6    1 
ATOM 318  O O6    . G A 1 15 ? -11.194 18.673  6.213   1.00 20.00  ? 18 G C O6    1 
ATOM 319  N N1    . G A 1 15 ? -9.148  17.843  6.725   1.00 20.00  ? 18 G C N1    1 
ATOM 320  C C2    . G A 1 15 ? -8.297  16.864  7.158   1.00 20.00  ? 18 G C C2    1 
ATOM 321  N N2    . G A 1 15 ? -6.997  17.172  7.151   1.00 20.00  ? 18 G C N2    1 
ATOM 322  N N3    . G A 1 15 ? -8.692  15.683  7.572   1.00 20.00  ? 18 G C N3    1 
ATOM 323  C C4    . G A 1 15 ? -10.029 15.555  7.510   1.00 20.00  ? 18 G C C4    1 
ATOM 324  P P     . U A 1 16 ? -7.868  10.930  11.066  1.00 77.71  ? 19 U C P     1 
ATOM 325  O OP1   . U A 1 16 ? -6.509  11.199  10.568  1.00 79.76  ? 19 U C OP1   1 
ATOM 326  O OP2   . U A 1 16 ? -8.407  9.559   10.947  1.00 78.68  ? 19 U C OP2   1 
ATOM 327  O "O5'" . U A 1 16 ? -7.891  11.468  12.564  1.00 77.97  ? 19 U C "O5'" 1 
ATOM 328  C "C5'" . U A 1 16 ? -6.773  11.285  13.448  1.00 75.40  ? 19 U C "C5'" 1 
ATOM 329  C "C4'" . U A 1 16 ? -5.567  12.041  12.949  1.00 75.66  ? 19 U C "C4'" 1 
ATOM 330  O "O4'" . U A 1 16 ? -5.971  13.347  12.469  1.00 75.38  ? 19 U C "O4'" 1 
ATOM 331  C "C3'" . U A 1 16 ? -4.498  12.345  13.978  1.00 77.53  ? 19 U C "C3'" 1 
ATOM 332  O "O3'" . U A 1 16 ? -3.327  12.672  13.248  1.00 79.52  ? 19 U C "O3'" 1 
ATOM 333  C "C2'" . U A 1 16 ? -5.046  13.610  14.623  1.00 78.70  ? 19 U C "C2'" 1 
ATOM 334  O "O2'" . U A 1 16 ? -4.082  14.424  15.254  1.00 80.67  ? 19 U C "O2'" 1 
ATOM 335  C "C1'" . U A 1 16 ? -5.602  14.345  13.407  1.00 77.60  ? 19 U C "C1'" 1 
ATOM 336  N N1    . U A 1 16 ? -6.808  15.120  13.702  1.00 20.00  ? 19 U C N1    1 
ATOM 337  C C2    . U A 1 16 ? -6.742  16.500  13.708  1.00 20.00  ? 19 U C C2    1 
ATOM 338  O O2    . U A 1 16 ? -5.709  17.119  13.538  1.00 20.00  ? 19 U C O2    1 
ATOM 339  N N3    . U A 1 16 ? -7.930  17.127  13.964  1.00 20.00  ? 19 U C N3    1 
ATOM 340  C C4    . U A 1 16 ? -9.152  16.537  14.176  1.00 20.00  ? 19 U C C4    1 
ATOM 341  O O4    . U A 1 16 ? -10.132 17.243  14.390  1.00 20.00  ? 19 U C O4    1 
ATOM 342  C C5    . U A 1 16 ? -9.141  15.111  14.126  1.00 20.00  ? 19 U C C5    1 
ATOM 343  C C6    . U A 1 16 ? -7.999  14.469  13.886  1.00 20.00  ? 19 U C C6    1 
ATOM 344  P P     . A A 1 17 ? -2.213  11.595  13.032  1.00 76.88  ? 20 A C P     1 
ATOM 345  O OP1   . A A 1 17 ? -0.947  12.313  12.744  1.00 78.59  ? 20 A C OP1   1 
ATOM 346  O OP2   . A A 1 17 ? -2.724  10.624  12.042  1.00 75.20  ? 20 A C OP2   1 
ATOM 347  O "O5'" . A A 1 17 ? -2.180  10.873  14.452  1.00 78.76  ? 20 A C "O5'" 1 
ATOM 348  C "C5'" . A A 1 17 ? -1.085  11.064  15.356  1.00 77.93  ? 20 A C "C5'" 1 
ATOM 349  C "C4'" . A A 1 17 ? 0.040   10.161  14.933  1.00 78.66  ? 20 A C "C4'" 1 
ATOM 350  O "O4'" . A A 1 17 ? 1.171   10.297  15.842  1.00 79.49  ? 20 A C "O4'" 1 
ATOM 351  C "C3'" . A A 1 17 ? -0.307  8.669   14.914  1.00 78.23  ? 20 A C "C3'" 1 
ATOM 352  O "O3'" . A A 1 17 ? 0.345   8.105   13.778  1.00 77.17  ? 20 A C "O3'" 1 
ATOM 353  C "C2'" . A A 1 17 ? 0.316   8.189   16.221  1.00 79.34  ? 20 A C "C2'" 1 
ATOM 354  O "O2'" . A A 1 17 ? 0.589   6.814   16.349  1.00 79.34  ? 20 A C "O2'" 1 
ATOM 355  C "C1'" . A A 1 17 ? 1.604   9.002   16.215  1.00 78.22  ? 20 A C "C1'" 1 
ATOM 356  N N9    . A A 1 17 ? 2.293   9.066   17.499  1.00 20.00  ? 20 A C N9    1 
ATOM 357  C C8    . A A 1 17 ? 1.807   9.482   18.712  1.00 20.00  ? 20 A C C8    1 
ATOM 358  N N7    . A A 1 17 ? 2.683   9.414   19.684  1.00 20.00  ? 20 A C N7    1 
ATOM 359  C C5    . A A 1 17 ? 3.819   8.902   19.072  1.00 20.00  ? 20 A C C5    1 
ATOM 360  C C6    . A A 1 17 ? 5.101   8.595   19.562  1.00 20.00  ? 20 A C C6    1 
ATOM 361  N N6    . A A 1 17 ? 5.469   8.760   20.835  1.00 20.00  ? 20 A C N6    1 
ATOM 362  N N1    . A A 1 17 ? 6.008   8.110   18.686  1.00 20.00  ? 20 A C N1    1 
ATOM 363  C C2    . A A 1 17 ? 5.643   7.951   17.407  1.00 20.00  ? 20 A C C2    1 
ATOM 364  N N3    . A A 1 17 ? 4.470   8.206   16.828  1.00 20.00  ? 20 A C N3    1 
ATOM 365  C C4    . A A 1 17 ? 3.592   8.681   17.726  1.00 20.00  ? 20 A C C4    1 
ATOM 366  P P     . G A 1 18 ? -0.194  6.753   13.134  1.00 67.61  ? 21 G C P     1 
ATOM 367  O OP1   . G A 1 18 ? -1.594  6.970   12.712  1.00 70.04  ? 21 G C OP1   1 
ATOM 368  O OP2   . G A 1 18 ? 0.114   5.652   14.074  1.00 65.39  ? 21 G C OP2   1 
ATOM 369  O "O5'" . G A 1 18 ? 0.779   6.537   11.891  1.00 70.85  ? 21 G C "O5'" 1 
ATOM 370  C "C5'" . G A 1 18 ? 1.726   5.455   11.914  1.00 70.94  ? 21 G C "C5'" 1 
ATOM 371  C "C4'" . G A 1 18 ? 1.066   4.175   11.460  1.00 71.38  ? 21 G C "C4'" 1 
ATOM 372  O "O4'" . G A 1 18 ? 0.285   4.432   10.266  1.00 69.91  ? 21 G C "O4'" 1 
ATOM 373  C "C3'" . G A 1 18 ? 1.998   3.020   11.111  1.00 73.82  ? 21 G C "C3'" 1 
ATOM 374  O "O3'" . G A 1 18 ? 1.833   2.120   12.187  1.00 76.45  ? 21 G C "O3'" 1 
ATOM 375  C "C2'" . G A 1 18 ? 1.352   2.443   9.860   1.00 73.81  ? 21 G C "C2'" 1 
ATOM 376  O "O2'" . G A 1 18 ? 0.149   1.794   10.188  1.00 74.94  ? 21 G C "O2'" 1 
ATOM 377  C "C1'" . G A 1 18 ? 0.830   3.705   9.195   1.00 71.82  ? 21 G C "C1'" 1 
ATOM 378  N N9    . G A 1 18 ? 1.850   4.541   8.586   1.00 20.00  ? 21 G C N9    1 
ATOM 379  C C8    . G A 1 18 ? 2.535   5.559   9.199   1.00 20.00  ? 21 G C C8    1 
ATOM 380  N N7    . G A 1 18 ? 3.370   6.168   8.403   1.00 20.00  ? 21 G C N7    1 
ATOM 381  C C5    . G A 1 18 ? 3.213   5.524   7.188   1.00 20.00  ? 21 G C C5    1 
ATOM 382  C C6    . G A 1 18 ? 3.843   5.759   5.943   1.00 20.00  ? 21 G C C6    1 
ATOM 383  O O6    . G A 1 18 ? 4.698   6.601   5.663   1.00 20.00  ? 21 G C O6    1 
ATOM 384  N N1    . G A 1 18 ? 3.393   4.879   4.969   1.00 20.00  ? 21 G C N1    1 
ATOM 385  C C2    . G A 1 18 ? 2.451   3.905   5.169   1.00 20.00  ? 21 G C C2    1 
ATOM 386  N N2    . G A 1 18 ? 2.150   3.174   4.109   1.00 20.00  ? 21 G C N2    1 
ATOM 387  N N3    . G A 1 18 ? 1.850   3.676   6.323   1.00 20.00  ? 21 G C N3    1 
ATOM 388  C C4    . G A 1 18 ? 2.273   4.521   7.282   1.00 20.00  ? 21 G C C4    1 
ATOM 389  P P     . A A 1 19 ? 2.789   0.855   12.402  1.00 78.89  ? 22 A C P     1 
ATOM 390  O OP1   . A A 1 19 ? 2.977   0.727   13.856  1.00 81.82  ? 22 A C OP1   1 
ATOM 391  O OP2   . A A 1 19 ? 3.965   0.953   11.511  1.00 76.69  ? 22 A C OP2   1 
ATOM 392  O "O5'" . A A 1 19 ? 1.865   -0.367  11.952  1.00 78.46  ? 22 A C "O5'" 1 
ATOM 393  C "C5'" . A A 1 19 ? 1.026   -1.040  12.919  1.00 77.42  ? 22 A C "C5'" 1 
ATOM 394  C "C4'" . A A 1 19 ? 0.077   -2.040  12.284  1.00 76.03  ? 22 A C "C4'" 1 
ATOM 395  O "O4'" . A A 1 19 ? -0.646  -1.439  11.173  1.00 73.86  ? 22 A C "O4'" 1 
ATOM 396  C "C3'" . A A 1 19 ? 0.698   -3.290  11.673  1.00 74.53  ? 22 A C "C3'" 1 
ATOM 397  O "O3'" . A A 1 19 ? 1.081   -4.296  12.591  1.00 74.29  ? 22 A C "O3'" 1 
ATOM 398  C "C2'" . A A 1 19 ? -0.386  -3.717  10.703  1.00 74.78  ? 22 A C "C2'" 1 
ATOM 399  O "O2'" . A A 1 19 ? -1.484  -4.313  11.354  1.00 76.96  ? 22 A C "O2'" 1 
ATOM 400  C "C1'" . A A 1 19 ? -0.744  -2.370  10.103  1.00 73.61  ? 22 A C "C1'" 1 
ATOM 401  N N9    . A A 1 19 ? 0.206   -1.972  9.073   1.00 20.00  ? 22 A C N9    1 
ATOM 402  C C8    . A A 1 19 ? 1.218   -1.050  9.177   1.00 20.00  ? 22 A C C8    1 
ATOM 403  N N7    . A A 1 19 ? 1.898   -0.884  8.071   1.00 20.00  ? 22 A C N7    1 
ATOM 404  C C5    . A A 1 19 ? 1.303   -1.768  7.182   1.00 20.00  ? 22 A C C5    1 
ATOM 405  C C6    . A A 1 19 ? 1.560   -2.066  5.837   1.00 20.00  ? 22 A C C6    1 
ATOM 406  N N6    . A A 1 19 ? 2.528   -1.487  5.123   1.00 20.00  ? 22 A C N6    1 
ATOM 407  N N1    . A A 1 19 ? 0.784   -2.999  5.242   1.00 20.00  ? 22 A C N1    1 
ATOM 408  C C2    . A A 1 19 ? -0.186  -3.577  5.959   1.00 20.00  ? 22 A C C2    1 
ATOM 409  N N3    . A A 1 19 ? -0.532  -3.370  7.224   1.00 20.00  ? 22 A C N3    1 
ATOM 410  C C4    . A A 1 19 ? 0.264   -2.447  7.788   1.00 20.00  ? 22 A C C4    1 
ATOM 411  P P     . U A 1 20 ? 2.612   -4.427  12.966  1.00 73.68  ? 23 U C P     1 
ATOM 412  O OP1   . U A 1 20 ? 2.717   -4.374  14.443  1.00 75.33  ? 23 U C OP1   1 
ATOM 413  O OP2   . U A 1 20 ? 3.366   -3.461  12.139  1.00 73.02  ? 23 U C OP2   1 
ATOM 414  O "O5'" . U A 1 20 ? 2.971   -5.895  12.493  1.00 74.88  ? 23 U C "O5'" 1 
ATOM 415  C "C5'" . U A 1 20 ? 2.325   -6.999  13.122  1.00 75.65  ? 23 U C "C5'" 1 
ATOM 416  C "C4'" . U A 1 20 ? 1.374   -7.651  12.164  1.00 76.34  ? 23 U C "C4'" 1 
ATOM 417  O "O4'" . U A 1 20 ? 0.721   -6.649  11.352  1.00 74.81  ? 23 U C "O4'" 1 
ATOM 418  C "C3'" . U A 1 20 ? 2.026   -8.565  11.155  1.00 77.09  ? 23 U C "C3'" 1 
ATOM 419  O "O3'" . U A 1 20 ? 2.270   -9.782  11.823  1.00 80.22  ? 23 U C "O3'" 1 
ATOM 420  C "C2'" . U A 1 20 ? 0.974   -8.601  10.059  1.00 76.69  ? 23 U C "C2'" 1 
ATOM 421  O "O2'" . U A 1 20 ? -0.163  -9.368  10.381  1.00 77.14  ? 23 U C "O2'" 1 
ATOM 422  C "C1'" . U A 1 20 ? 0.552   -7.137  10.029  1.00 76.47  ? 23 U C "C1'" 1 
ATOM 423  N N1    . U A 1 20 ? 1.402   -6.348  9.134   1.00 20.00  ? 23 U C N1    1 
ATOM 424  C C2    . U A 1 20 ? 1.293   -6.577  7.782   1.00 20.00  ? 23 U C C2    1 
ATOM 425  O O2    . U A 1 20 ? 0.506   -7.372  7.309   1.00 20.00  ? 23 U C O2    1 
ATOM 426  N N3    . U A 1 20 ? 2.137   -5.832  7.005   1.00 20.00  ? 23 U C N3    1 
ATOM 427  C C4    . U A 1 20 ? 3.055   -4.902  7.429   1.00 20.00  ? 23 U C C4    1 
ATOM 428  O O4    . U A 1 20 ? 3.740   -4.308  6.600   1.00 20.00  ? 23 U C O4    1 
ATOM 429  C C5    . U A 1 20 ? 3.114   -4.727  8.842   1.00 20.00  ? 23 U C C5    1 
ATOM 430  C C6    . U A 1 20 ? 2.321   -5.455  9.627   1.00 20.00  ? 23 U C C6    1 
ATOM 431  P P     . C A 1 21 ? 3.743   -10.302 11.964  1.00 73.68  ? 24 C C P     1 
ATOM 432  O OP1   . C A 1 21 ? 4.036   -10.452 13.394  1.00 75.33  ? 24 C C OP1   1 
ATOM 433  O OP2   . C A 1 21 ? 4.612   -9.470  11.126  1.00 73.02  ? 24 C C OP2   1 
ATOM 434  O "O5'" . C A 1 21 ? 3.651   -11.728 11.279  1.00 74.88  ? 24 C C "O5'" 1 
ATOM 435  C "C5'" . C A 1 21 ? 2.382   -12.220 10.834  1.00 75.65  ? 24 C C "C5'" 1 
ATOM 436  C "C4'" . C A 1 21 ? 2.398   -12.488 9.350   1.00 76.34  ? 24 C C "C4'" 1 
ATOM 437  O "O4'" . C A 1 21 ? 2.022   -11.287 8.627   1.00 74.81  ? 24 C C "O4'" 1 
ATOM 438  C "C3'" . C A 1 21 ? 3.731   -12.854 8.717   1.00 77.09  ? 24 C C "C3'" 1 
ATOM 439  O "O3'" . C A 1 21 ? 4.224   -14.175 8.962   1.00 80.22  ? 24 C C "O3'" 1 
ATOM 440  C "C2'" . C A 1 21 ? 3.412   -12.619 7.246   1.00 76.69  ? 24 C C "C2'" 1 
ATOM 441  O "O2'" . C A 1 21 ? 2.769   -13.719 6.637   1.00 77.14  ? 24 C C "O2'" 1 
ATOM 442  C "C1'" . C A 1 21 ? 2.566   -11.342 7.319   1.00 76.47  ? 24 C C "C1'" 1 
ATOM 443  N N1    . C A 1 21 ? 3.342   -10.112 7.080   1.00 20.00  ? 24 C C N1    1 
ATOM 444  C C2    . C A 1 21 ? 3.761   -9.829  5.781   1.00 20.00  ? 24 C C C2    1 
ATOM 445  O O2    . C A 1 21 ? 3.437   -10.598 4.868   1.00 20.00  ? 24 C C O2    1 
ATOM 446  N N3    . C A 1 21 ? 4.442   -8.690  5.538   1.00 20.00  ? 24 C C N3    1 
ATOM 447  C C4    . C A 1 21 ? 4.761   -7.879  6.546   1.00 20.00  ? 24 C C C4    1 
ATOM 448  N N4    . C A 1 21 ? 5.468   -6.781  6.265   1.00 20.00  ? 24 C C N4    1 
ATOM 449  C C5    . C A 1 21 ? 4.375   -8.159  7.888   1.00 20.00  ? 24 C C C5    1 
ATOM 450  C C6    . C A 1 21 ? 3.672   -9.275  8.107   1.00 20.00  ? 24 C C C6    1 
ATOM 451  P P     . G A 1 22 ? 5.668   -14.387 9.648   1.00 82.67  ? 25 G C P     1 
ATOM 452  O OP1   . G A 1 22 ? 5.602   -15.583 10.512  1.00 85.87  ? 25 G C OP1   1 
ATOM 453  O OP2   . G A 1 22 ? 6.124   -13.100 10.192  1.00 82.35  ? 25 G C OP2   1 
ATOM 454  O "O5'" . G A 1 22 ? 6.647   -14.667 8.430   1.00 82.33  ? 25 G C "O5'" 1 
ATOM 455  C "C5'" . G A 1 22 ? 6.476   -15.806 7.585   1.00 83.60  ? 25 G C "C5'" 1 
ATOM 456  C "C4'" . G A 1 22 ? 6.653   -15.374 6.160   1.00 83.15  ? 25 G C "C4'" 1 
ATOM 457  O "O4'" . G A 1 22 ? 5.940   -14.122 5.949   1.00 80.90  ? 25 G C "O4'" 1 
ATOM 458  C "C3'" . G A 1 22 ? 8.067   -15.011 5.755   1.00 82.61  ? 25 G C "C3'" 1 
ATOM 459  O "O3'" . G A 1 22 ? 8.992   -16.124 5.714   1.00 85.04  ? 25 G C "O3'" 1 
ATOM 460  C "C2'" . G A 1 22 ? 7.788   -14.191 4.497   1.00 80.77  ? 25 G C "C2'" 1 
ATOM 461  O "O2'" . G A 1 22 ? 7.295   -14.971 3.435   1.00 80.57  ? 25 G C "O2'" 1 
ATOM 462  C "C1'" . G A 1 22 ? 6.584   -13.373 4.929   1.00 80.64  ? 25 G C "C1'" 1 
ATOM 463  N N9    . G A 1 22 ? 6.871   -12.037 5.441   1.00 20.00  ? 25 G C N9    1 
ATOM 464  C C8    . G A 1 22 ? 6.566   -11.584 6.699   1.00 20.00  ? 25 G C C8    1 
ATOM 465  N N7    . G A 1 22 ? 6.865   -10.328 6.879   1.00 20.00  ? 25 G C N7    1 
ATOM 466  C C5    . G A 1 22 ? 7.428   -9.932  5.676   1.00 20.00  ? 25 G C C5    1 
ATOM 467  C C6    . G A 1 22 ? 7.921   -8.666  5.272   1.00 20.00  ? 25 G C C6    1 
ATOM 468  O O6    . G A 1 22 ? 8.028   -7.635  5.943   1.00 20.00  ? 25 G C O6    1 
ATOM 469  N N1    . G A 1 22 ? 8.393   -8.693  3.965   1.00 20.00  ? 25 G C N1    1 
ATOM 470  C C2    . G A 1 22 ? 8.354   -9.789  3.138   1.00 20.00  ? 25 G C C2    1 
ATOM 471  N N2    . G A 1 22 ? 8.839   -9.603  1.902   1.00 20.00  ? 25 G C N2    1 
ATOM 472  N N3    . G A 1 22 ? 7.870   -10.973 3.495   1.00 20.00  ? 25 G C N3    1 
ATOM 473  C C4    . G A 1 22 ? 7.422   -10.970 4.769   1.00 20.00  ? 25 G C C4    1 
ATOM 474  P P     . A A 1 23 ? 10.449  -15.960 6.400   1.00 86.08  ? 26 A C P     1 
ATOM 475  O OP1   . A A 1 23 ? 11.302  -17.136 6.127   1.00 88.20  ? 26 A C OP1   1 
ATOM 476  O OP2   . A A 1 23 ? 10.224  -15.534 7.791   1.00 86.01  ? 26 A C OP2   1 
ATOM 477  O "O5'" . A A 1 23 ? 10.971  -14.699 5.590   1.00 84.32  ? 26 A C "O5'" 1 
ATOM 478  C "C5'" . A A 1 23 ? 11.056  -14.790 4.172   1.00 84.56  ? 26 A C "C5'" 1 
ATOM 479  C "C4'" . A A 1 23 ? 11.527  -13.503 3.557   1.00 84.03  ? 26 A C "C4'" 1 
ATOM 480  O "O4'" . A A 1 23 ? 10.885  -12.323 4.096   1.00 82.95  ? 26 A C "O4'" 1 
ATOM 481  C "C3'" . A A 1 23 ? 12.971  -13.119 3.770   1.00 84.83  ? 26 A C "C3'" 1 
ATOM 482  O "O3'" . A A 1 23 ? 13.867  -14.052 3.193   1.00 87.04  ? 26 A C "O3'" 1 
ATOM 483  C "C2'" . A A 1 23 ? 12.970  -11.722 3.161   1.00 83.05  ? 26 A C "C2'" 1 
ATOM 484  O "O2'" . A A 1 23 ? 12.972  -11.764 1.756   1.00 83.73  ? 26 A C "O2'" 1 
ATOM 485  C "C1'" . A A 1 23 ? 11.593  -11.205 3.588   1.00 81.65  ? 26 A C "C1'" 1 
ATOM 486  N N9    . A A 1 23 ? 11.644  -10.186 4.521   1.00 20.00  ? 26 A C N9    1 
ATOM 487  C C8    . A A 1 23 ? 10.973  -10.048 5.702   1.00 20.00  ? 26 A C C8    1 
ATOM 488  N N7    . A A 1 23 ? 11.231  -8.926  6.323   1.00 20.00  ? 26 A C N7    1 
ATOM 489  C C5    . A A 1 23 ? 12.134  -8.284  5.497   1.00 20.00  ? 26 A C C5    1 
ATOM 490  C C6    . A A 1 23 ? 12.792  -7.055  5.604   1.00 20.00  ? 26 A C C6    1 
ATOM 491  N N6    . A A 1 23 ? 12.621  -6.224  6.638   1.00 20.00  ? 26 A C N6    1 
ATOM 492  N N1    . A A 1 23 ? 13.637  -6.701  4.613   1.00 20.00  ? 26 A C N1    1 
ATOM 493  C C2    . A A 1 23 ? 13.798  -7.540  3.583   1.00 20.00  ? 26 A C C2    1 
ATOM 494  N N3    . A A 1 23 ? 13.233  -8.728  3.367   1.00 20.00  ? 26 A C N3    1 
ATOM 495  C C4    . A A 1 23 ? 12.403  -9.049  4.371   1.00 20.00  ? 26 A C C4    1 
ATOM 496  P P     . A A 1 24 ? 15.322  -14.284 3.813   1.00 88.16  ? 27 A C P     1 
ATOM 497  O OP1   . A A 1 24 ? 15.951  -15.383 3.065   1.00 90.85  ? 27 A C OP1   1 
ATOM 498  O OP2   . A A 1 24 ? 15.192  -14.389 5.276   1.00 86.70  ? 27 A C OP2   1 
ATOM 499  O "O5'" . A A 1 24 ? 16.104  -12.941 3.469   1.00 87.60  ? 27 A C "O5'" 1 
ATOM 500  C "C5'" . A A 1 24 ? 17.368  -12.668 4.092   1.00 88.64  ? 27 A C "C5'" 1 
ATOM 501  C "C4'" . A A 1 24 ? 17.990  -11.385 3.586   1.00 88.93  ? 27 A C "C4'" 1 
ATOM 502  O "O4'" . A A 1 24 ? 16.972  -10.494 3.067   1.00 87.55  ? 27 A C "O4'" 1 
ATOM 503  C "C3'" . A A 1 24 ? 18.733  -10.569 4.646   1.00 90.40  ? 27 A C "C3'" 1 
ATOM 504  O "O3'" . A A 1 24 ? 20.127  -10.706 4.552   1.00 92.60  ? 27 A C "O3'" 1 
ATOM 505  C "C2'" . A A 1 24 ? 18.362  -9.136  4.313   1.00 88.52  ? 27 A C "C2'" 1 
ATOM 506  O "O2'" . A A 1 24 ? 19.121  -8.587  3.266   1.00 88.63  ? 27 A C "O2'" 1 
ATOM 507  C "C1'" . A A 1 24 ? 16.936  -9.334  3.856   1.00 86.57  ? 27 A C "C1'" 1 
ATOM 508  N N9    . A A 1 24 ? 16.096  -9.645  4.989   1.00 20.00  ? 27 A C N9    1 
ATOM 509  C C8    . A A 1 24 ? 15.487  -10.847 5.221   1.00 20.00  ? 27 A C C8    1 
ATOM 510  N N7    . A A 1 24 ? 14.754  -10.867 6.302   1.00 20.00  ? 27 A C N7    1 
ATOM 511  C C5    . A A 1 24 ? 14.947  -9.612  6.854   1.00 20.00  ? 27 A C C5    1 
ATOM 512  C C6    . A A 1 24 ? 14.451  -9.014  8.010   1.00 20.00  ? 27 A C C6    1 
ATOM 513  N N6    . A A 1 24 ? 13.632  -9.634  8.857   1.00 20.00  ? 27 A C N6    1 
ATOM 514  N N1    . A A 1 24 ? 14.827  -7.745  8.274   1.00 20.00  ? 27 A C N1    1 
ATOM 515  C C2    . A A 1 24 ? 15.654  -7.134  7.422   1.00 20.00  ? 27 A C C2    1 
ATOM 516  N N3    . A A 1 24 ? 16.178  -7.590  6.290   1.00 20.00  ? 27 A C N3    1 
ATOM 517  C C4    . A A 1 24 ? 15.779  -8.851  6.062   1.00 20.00  ? 27 A C C4    1 
ATOM 518  P P     . U A 1 25 ? 20.943  -11.407 5.737   1.00 280.84 ? 28 U C P     1 
ATOM 519  O OP1   . U A 1 25 ? 22.247  -11.861 5.191   1.00 280.85 ? 28 U C OP1   1 
ATOM 520  O OP2   . U A 1 25 ? 20.043  -12.383 6.400   1.00 280.46 ? 28 U C OP2   1 
ATOM 521  O "O5'" . U A 1 25 ? 21.216  -10.204 6.746   1.00 279.98 ? 28 U C "O5'" 1 
ATOM 522  C "C5'" . U A 1 25 ? 21.142  -8.835  6.304   1.00 278.92 ? 28 U C "C5'" 1 
ATOM 523  C "C4'" . U A 1 25 ? 21.049  -7.907  7.492   1.00 278.44 ? 28 U C "C4'" 1 
ATOM 524  O "O4'" . U A 1 25 ? 19.659  -7.545  7.710   1.00 278.97 ? 28 U C "O4'" 1 
ATOM 525  C "C3'" . U A 1 25 ? 21.534  -8.484  8.815   1.00 277.92 ? 28 U C "C3'" 1 
ATOM 526  O "O3'" . U A 1 25 ? 22.917  -8.214  9.004   1.00 276.63 ? 28 U C "O3'" 1 
ATOM 527  C "C2'" . U A 1 25 ? 20.685  -7.731  9.833   1.00 278.45 ? 28 U C "C2'" 1 
ATOM 528  O "O2'" . U A 1 25 ? 21.196  -6.453  10.150  1.00 278.29 ? 28 U C "O2'" 1 
ATOM 529  C "C1'" . U A 1 25 ? 19.356  -7.612  9.091   1.00 279.36 ? 28 U C "C1'" 1 
ATOM 530  N N1    . U A 1 25 ? 18.461  -8.757  9.310   1.00 20.00  ? 28 U C N1    1 
ATOM 531  C C2    . U A 1 25 ? 17.430  -8.603  10.217  1.00 20.00  ? 28 U C C2    1 
ATOM 532  O O2    . U A 1 25 ? 17.240  -7.570  10.833  1.00 20.00  ? 28 U C O2    1 
ATOM 533  N N3    . U A 1 25 ? 16.633  -9.709  10.374  1.00 20.00  ? 28 U C N3    1 
ATOM 534  C C4    . U A 1 25 ? 16.753  -10.925 9.735   1.00 20.00  ? 28 U C C4    1 
ATOM 535  O O4    . U A 1 25 ? 15.951  -11.825 9.987   1.00 20.00  ? 28 U C O4    1 
ATOM 536  C C5    . U A 1 25 ? 17.844  -11.004 8.812   1.00 20.00  ? 28 U C C5    1 
ATOM 537  C C6    . U A 1 25 ? 18.640  -9.944  8.635   1.00 20.00  ? 28 U C C6    1 
ATOM 538  P P     . G A 1 26 ? 23.913  -9.393  9.427   1.00 275.28 ? 29 G C P     1 
ATOM 539  O OP1   . G A 1 26 ? 25.080  -9.362  8.508   1.00 275.37 ? 29 G C OP1   1 
ATOM 540  O OP2   . G A 1 26 ? 23.118  -10.639 9.563   1.00 275.72 ? 29 G C OP2   1 
ATOM 541  O "O5'" . G A 1 26 ? 24.400  -8.948  10.878  1.00 274.19 ? 29 G C "O5'" 1 
ATOM 542  C "C5'" . G A 1 26 ? 23.964  -9.656  12.053  1.00 273.26 ? 29 G C "C5'" 1 
ATOM 543  C "C4'" . G A 1 26 ? 23.453  -8.683  13.089  1.00 273.06 ? 29 G C "C4'" 1 
ATOM 544  O "O4'" . G A 1 26 ? 22.158  -8.174  12.668  1.00 273.92 ? 29 G C "O4'" 1 
ATOM 545  C "C3'" . G A 1 26 ? 23.246  -9.262  14.484  1.00 272.35 ? 29 G C "C3'" 1 
ATOM 546  O "O3'" . G A 1 26 ? 24.396  -9.027  15.289  1.00 269.53 ? 29 G C "O3'" 1 
ATOM 547  C "C2'" . G A 1 26 ? 22.047  -8.477  15.003  1.00 273.38 ? 29 G C "C2'" 1 
ATOM 548  O "O2'" . G A 1 26 ? 22.394  -7.223  15.554  1.00 273.71 ? 29 G C "O2'" 1 
ATOM 549  C "C1'" . G A 1 26 ? 21.229  -8.294  13.726  1.00 274.21 ? 29 G C "C1'" 1 
ATOM 550  N N9    . G A 1 26 ? 20.347  -9.420  13.432  1.00 274.85 ? 29 G C N9    1 
ATOM 551  C C8    . G A 1 26 ? 20.392  -10.241 12.332  1.00 274.91 ? 29 G C C8    1 
ATOM 552  N N7    . G A 1 26 ? 19.470  -11.164 12.342  1.00 275.17 ? 29 G C N7    1 
ATOM 553  C C5    . G A 1 26 ? 18.770  -10.938 13.520  1.00 275.72 ? 29 G C C5    1 
ATOM 554  C C6    . G A 1 26 ? 17.653  -11.623 14.074  1.00 276.34 ? 29 G C C6    1 
ATOM 555  O O6    . G A 1 26 ? 17.043  -12.599 13.620  1.00 276.41 ? 29 G C O6    1 
ATOM 556  N N1    . G A 1 26 ? 17.258  -11.064 15.287  1.00 276.45 ? 29 G C N1    1 
ATOM 557  C C2    . G A 1 26 ? 17.859  -9.983  15.887  1.00 276.07 ? 29 G C C2    1 
ATOM 558  N N2    . G A 1 26 ? 17.332  -9.590  17.056  1.00 275.79 ? 29 G C N2    1 
ATOM 559  N N3    . G A 1 26 ? 18.899  -9.336  15.381  1.00 275.80 ? 29 G C N3    1 
ATOM 560  C C4    . G A 1 26 ? 19.299  -9.863  14.204  1.00 275.43 ? 29 G C C4    1 
ATOM 561  P P     . G A 1 27 ? 25.035  -10.222 16.140  1.00 266.91 ? 30 G C P     1 
ATOM 562  O OP1   . G A 1 27 ? 25.664  -9.639  17.353  1.00 266.81 ? 30 G C OP1   1 
ATOM 563  O OP2   . G A 1 27 ? 25.847  -11.059 15.220  1.00 266.85 ? 30 G C OP2   1 
ATOM 564  O "O5'" . G A 1 27 ? 23.758  -11.061 16.591  1.00 265.37 ? 30 G C "O5'" 1 
ATOM 565  C "C5'" . G A 1 27 ? 23.894  -12.241 17.405  1.00 263.73 ? 30 G C "C5'" 1 
ATOM 566  C "C4'" . G A 1 27 ? 23.029  -12.135 18.639  1.00 262.90 ? 30 G C "C4'" 1 
ATOM 567  O "O4'" . G A 1 27 ? 21.790  -11.451 18.302  1.00 263.66 ? 30 G C "O4'" 1 
ATOM 568  C "C3'" . G A 1 27 ? 22.619  -13.463 19.267  1.00 261.84 ? 30 G C "C3'" 1 
ATOM 569  O "O3'" . G A 1 27 ? 23.513  -13.821 20.316  1.00 258.27 ? 30 G C "O3'" 1 
ATOM 570  C "C2'" . G A 1 27 ? 21.225  -13.165 19.806  1.00 263.01 ? 30 G C "C2'" 1 
ATOM 571  O "O2'" . G A 1 27 ? 21.237  -12.530 21.068  1.00 263.06 ? 30 G C "O2'" 1 
ATOM 572  C "C1'" . G A 1 27 ? 20.686  -12.222 18.733  1.00 264.15 ? 30 G C "C1'" 1 
ATOM 573  N N9    . G A 1 27 ? 20.136  -12.916 17.575  1.00 265.31 ? 30 G C N9    1 
ATOM 574  C C8    . G A 1 27 ? 20.561  -12.816 16.271  1.00 265.44 ? 30 G C C8    1 
ATOM 575  N N7    . G A 1 27 ? 19.873  -13.560 15.448  1.00 265.81 ? 30 G C N7    1 
ATOM 576  C C5    . G A 1 27 ? 18.935  -14.188 16.256  1.00 266.53 ? 30 G C C5    1 
ATOM 577  C C6    . G A 1 27 ? 17.909  -15.118 15.924  1.00 267.08 ? 30 G C C6    1 
ATOM 578  O O6    . G A 1 27 ? 17.618  -15.583 14.816  1.00 266.96 ? 30 G C O6    1 
ATOM 579  N N1    . G A 1 27 ? 17.186  -15.504 17.049  1.00 267.18 ? 30 G C N1    1 
ATOM 580  C C2    . G A 1 27 ? 17.417  -15.056 18.328  1.00 267.16 ? 30 G C C2    1 
ATOM 581  N N2    . G A 1 27 ? 16.611  -15.546 19.281  1.00 267.07 ? 30 G C N2    1 
ATOM 582  N N3    . G A 1 27 ? 18.370  -14.191 18.649  1.00 266.83 ? 30 G C N3    1 
ATOM 583  C C4    . G A 1 27 ? 19.084  -13.802 17.572  1.00 266.31 ? 30 G C C4    1 
ATOM 584  P P     . A A 1 28 ? 24.336  -15.190 20.233  1.00 254.71 ? 31 A C P     1 
ATOM 585  O OP1   . A A 1 28 ? 25.593  -15.019 21.007  1.00 254.78 ? 31 A C OP1   1 
ATOM 586  O OP2   . A A 1 28 ? 24.401  -15.603 18.808  1.00 254.72 ? 31 A C OP2   1 
ATOM 587  O "O5'" . A A 1 28 ? 23.403  -16.218 21.014  1.00 251.91 ? 31 A C "O5'" 1 
ATOM 588  C "C5'" . A A 1 28 ? 22.688  -15.814 22.197  1.00 248.84 ? 31 A C "C5'" 1 
ATOM 589  C "C4'" . A A 1 28 ? 21.490  -16.706 22.414  1.00 246.51 ? 31 A C "C4'" 1 
ATOM 590  O "O4'" . A A 1 28 ? 20.369  -16.203 21.637  1.00 245.83 ? 31 A C "O4'" 1 
ATOM 591  C "C3'" . A A 1 28 ? 21.658  -18.159 21.976  1.00 244.80 ? 31 A C "C3'" 1 
ATOM 592  O "O3'" . A A 1 28 ? 22.205  -18.960 23.019  1.00 241.22 ? 31 A C "O3'" 1 
ATOM 593  C "C2'" . A A 1 28 ? 20.225  -18.564 21.659  1.00 245.30 ? 31 A C "C2'" 1 
ATOM 594  O "O2'" . A A 1 28 ? 19.474  -18.909 22.806  1.00 245.63 ? 31 A C "O2'" 1 
ATOM 595  C "C1'" . A A 1 28 ? 19.684  -17.284 21.026  1.00 245.39 ? 31 A C "C1'" 1 
ATOM 596  N N9    . A A 1 28 ? 19.915  -17.217 19.584  1.00 20.00  ? 31 A C N9    1 
ATOM 597  C C8    . A A 1 28 ? 20.805  -16.417 18.910  1.00 20.00  ? 31 A C C8    1 
ATOM 598  N N7    . A A 1 28 ? 20.788  -16.585 17.610  1.00 20.00  ? 31 A C N7    1 
ATOM 599  C C5    . A A 1 28 ? 19.823  -17.564 17.414  1.00 20.00  ? 31 A C C5    1 
ATOM 600  C C6    . A A 1 28 ? 19.330  -18.189 16.255  1.00 20.00  ? 31 A C C6    1 
ATOM 601  N N6    . A A 1 28 ? 19.759  -17.906 15.022  1.00 20.00  ? 31 A C N6    1 
ATOM 602  N N1    . A A 1 28 ? 18.368  -19.124 16.407  1.00 20.00  ? 31 A C N1    1 
ATOM 603  C C2    . A A 1 28 ? 17.939  -19.406 17.643  1.00 20.00  ? 31 A C C2    1 
ATOM 604  N N3    . A A 1 28 ? 18.323  -18.890 18.808  1.00 20.00  ? 31 A C N3    1 
ATOM 605  C C4    . A A 1 28 ? 19.279  -17.964 18.622  1.00 20.00  ? 31 A C C4    1 
ATOM 606  P P     . C A 1 29 ? 23.399  -19.976 22.699  1.00 76.88  ? 32 C C P     1 
ATOM 607  O OP1   . C A 1 29 ? 24.567  -19.513 23.455  1.00 78.59  ? 32 C C OP1   1 
ATOM 608  O OP2   . C A 1 29 ? 23.518  -20.053 21.239  1.00 75.20  ? 32 C C OP2   1 
ATOM 609  O "O5'" . C A 1 29 ? 22.784  -21.369 23.149  1.00 78.76  ? 32 C C "O5'" 1 
ATOM 610  C "C5'" . C A 1 29 ? 21.366  -21.483 23.304  1.00 77.93  ? 32 C C "C5'" 1 
ATOM 611  C "C4'" . C A 1 29 ? 20.775  -22.451 22.312  1.00 78.66  ? 32 C C "C4'" 1 
ATOM 612  O "O4'" . C A 1 29 ? 20.142  -21.750 21.217  1.00 79.49  ? 32 C C "O4'" 1 
ATOM 613  C "C3'" . C A 1 29 ? 21.755  -23.376 21.633  1.00 78.23  ? 32 C C "C3'" 1 
ATOM 614  O "O3'" . C A 1 29 ? 22.022  -24.441 22.522  1.00 77.17  ? 32 C C "O3'" 1 
ATOM 615  C "C2'" . C A 1 29 ? 20.968  -23.818 20.404  1.00 79.34  ? 32 C C "C2'" 1 
ATOM 616  O "O2'" . C A 1 29 ? 20.079  -24.887 20.630  1.00 79.34  ? 32 C C "O2'" 1 
ATOM 617  C "C1'" . C A 1 29 ? 20.206  -22.543 20.050  1.00 78.22  ? 32 C C "C1'" 1 
ATOM 618  N N1    . C A 1 29 ? 20.873  -21.762 19.011  1.00 20.00  ? 32 C C N1    1 
ATOM 619  C C2    . C A 1 29 ? 20.659  -22.089 17.677  1.00 20.00  ? 32 C C C2    1 
ATOM 620  O O2    . C A 1 29 ? 19.900  -23.026 17.407  1.00 20.00  ? 32 C C O2    1 
ATOM 621  N N3    . C A 1 29 ? 21.274  -21.372 16.714  1.00 20.00  ? 32 C C N3    1 
ATOM 622  C C4    . C A 1 29 ? 22.081  -20.366 17.050  1.00 20.00  ? 32 C C C4    1 
ATOM 623  N N4    . C A 1 29 ? 22.671  -19.687 16.069  1.00 20.00  ? 32 C C N4    1 
ATOM 624  C C5    . C A 1 29 ? 22.319  -20.012 18.405  1.00 20.00  ? 32 C C C5    1 
ATOM 625  C C6    . C A 1 29 ? 21.726  -20.752 19.344  1.00 20.00  ? 32 C C C6    1 
ATOM 626  P P     . U A 1 30 ? 23.392  -25.196 22.435  1.00 222.95 ? 33 U C P     1 
ATOM 627  O OP1   . U A 1 30 ? 23.686  -25.799 23.728  1.00 222.96 ? 33 U C OP1   1 
ATOM 628  O OP2   . U A 1 30 ? 24.362  -24.291 21.820  1.00 222.82 ? 33 U C OP2   1 
ATOM 629  O "O5'" . U A 1 30 ? 23.050  -26.450 21.537  1.00 220.09 ? 33 U C "O5'" 1 
ATOM 630  C "C5'" . U A 1 30 ? 24.113  -27.269 21.075  1.00 216.92 ? 33 U C "C5'" 1 
ATOM 631  C "C4'" . U A 1 30 ? 24.088  -27.426 19.581  1.00 214.29 ? 33 U C "C4'" 1 
ATOM 632  O "O4'" . U A 1 30 ? 23.339  -26.366 18.936  1.00 213.21 ? 33 U C "O4'" 1 
ATOM 633  C "C3'" . U A 1 30 ? 25.433  -27.328 18.911  1.00 212.42 ? 33 U C "C3'" 1 
ATOM 634  O "O3'" . U A 1 30 ? 26.069  -28.580 19.087  1.00 209.77 ? 33 U C "O3'" 1 
ATOM 635  C "C2'" . U A 1 30 ? 25.003  -27.131 17.473  1.00 212.09 ? 33 U C "C2'" 1 
ATOM 636  O "O2'" . U A 1 30 ? 24.344  -28.314 17.109  1.00 212.32 ? 33 U C "O2'" 1 
ATOM 637  C "C1'" . U A 1 30 ? 23.861  -26.140 17.642  1.00 212.11 ? 33 U C "C1'" 1 
ATOM 638  N N1    . U A 1 30 ? 24.303  -24.747 17.565  1.00 211.60 ? 33 U C N1    1 
ATOM 639  C C2    . U A 1 30 ? 24.552  -24.216 16.322  1.00 210.83 ? 33 U C C2    1 
ATOM 640  O O2    . U A 1 30 ? 24.392  -24.842 15.292  1.00 210.37 ? 33 U C O2    1 
ATOM 641  N N3    . U A 1 30 ? 24.996  -22.923 16.330  1.00 210.76 ? 33 U C N3    1 
ATOM 642  C C4    . U A 1 30 ? 25.196  -22.120 17.422  1.00 211.02 ? 33 U C C4    1 
ATOM 643  O O4    . U A 1 30 ? 25.569  -20.965 17.262  1.00 210.53 ? 33 U C O4    1 
ATOM 644  C C5    . U A 1 30 ? 24.916  -22.741 18.671  1.00 211.63 ? 33 U C C5    1 
ATOM 645  C C6    . U A 1 30 ? 24.473  -23.998 18.698  1.00 211.89 ? 33 U C C6    1 
ATOM 646  P P     . C A 1 31 ? 27.164  -28.767 20.203  1.00 207.01 ? 34 C C P     1 
ATOM 647  O OP1   . C A 1 31 ? 26.849  -30.004 20.919  1.00 207.37 ? 34 C C OP1   1 
ATOM 648  O OP2   . C A 1 31 ? 27.314  -27.495 20.914  1.00 206.78 ? 34 C C OP2   1 
ATOM 649  O "O5'" . C A 1 31 ? 28.497  -28.933 19.363  1.00 203.68 ? 34 C C "O5'" 1 
ATOM 650  C "C5'" . C A 1 31 ? 29.515  -27.928 19.400  1.00 200.19 ? 34 C C "C5'" 1 
ATOM 651  C "C4'" . C A 1 31 ? 30.111  -27.749 18.031  1.00 197.51 ? 34 C C "C4'" 1 
ATOM 652  O "O4'" . C A 1 31 ? 30.253  -29.039 17.401  1.00 195.60 ? 34 C C "O4'" 1 
ATOM 653  C "C3'" . C A 1 31 ? 29.259  -26.970 17.064  1.00 195.49 ? 34 C C "C3'" 1 
ATOM 654  O "O3'" . C A 1 31 ? 29.639  -25.641 17.271  1.00 193.99 ? 34 C C "O3'" 1 
ATOM 655  C "C2'" . C A 1 31 ? 29.776  -27.460 15.735  1.00 194.42 ? 34 C C "C2'" 1 
ATOM 656  O "O2'" . C A 1 31 ? 31.115  -27.077 15.634  1.00 194.16 ? 34 C C "O2'" 1 
ATOM 657  C "C1'" . C A 1 31 ? 29.975  -28.930 16.027  1.00 193.69 ? 34 C C "C1'" 1 
ATOM 658  N N1    . C A 1 31 ? 28.833  -29.777 15.718  1.00 20.00  ? 34 C C N1    1 
ATOM 659  C C2    . C A 1 31 ? 28.645  -30.166 14.399  1.00 20.00  ? 34 C C C2    1 
ATOM 660  O O2    . C A 1 31 ? 29.412  -29.723 13.535  1.00 20.00  ? 34 C C O2    1 
ATOM 661  N N3    . C A 1 31 ? 27.628  -31.001 14.094  1.00 20.00  ? 34 C C N3    1 
ATOM 662  C C4    . C A 1 31 ? 26.826  -31.453 15.059  1.00 20.00  ? 34 C C C4    1 
ATOM 663  N N4    . C A 1 31 ? 25.833  -32.274 14.715  1.00 20.00  ? 34 C C N4    1 
ATOM 664  C C5    . C A 1 31 ? 27.010  -31.088 16.420  1.00 20.00  ? 34 C C C5    1 
ATOM 665  C C6    . C A 1 31 ? 28.020  -30.260 16.702  1.00 20.00  ? 34 C C C6    1 
ATOM 666  P P     . U A 1 32 ? 28.520  -24.482 17.126  1.00 192.45 ? 35 U C P     1 
ATOM 667  O OP1   . U A 1 32 ? 29.178  -23.182 17.217  1.00 193.07 ? 35 U C OP1   1 
ATOM 668  O OP2   . U A 1 32 ? 27.402  -24.822 17.973  1.00 192.89 ? 35 U C OP2   1 
ATOM 669  O "O5'" . U A 1 32 ? 28.133  -24.600 15.611  1.00 191.37 ? 35 U C "O5'" 1 
ATOM 670  C "C5'" . U A 1 32 ? 28.999  -23.985 14.672  1.00 190.33 ? 35 U C "C5'" 1 
ATOM 671  C "C4'" . U A 1 32 ? 28.636  -24.424 13.293  1.00 189.93 ? 35 U C "C4'" 1 
ATOM 672  O "O4'" . U A 1 32 ? 28.304  -25.825 13.302  1.00 188.84 ? 35 U C "O4'" 1 
ATOM 673  C "C3'" . U A 1 32 ? 27.357  -23.851 12.746  1.00 189.87 ? 35 U C "C3'" 1 
ATOM 674  O "O3'" . U A 1 32 ? 27.419  -22.467 12.420  1.00 191.03 ? 35 U C "O3'" 1 
ATOM 675  C "C2'" . U A 1 32 ? 27.141  -24.772 11.566  1.00 188.72 ? 35 U C "C2'" 1 
ATOM 676  O "O2'" . U A 1 32 ? 28.131  -24.322 10.685  1.00 188.72 ? 35 U C "O2'" 1 
ATOM 677  C "C1'" . U A 1 32 ? 27.590  -26.114 12.136  1.00 187.26 ? 35 U C "C1'" 1 
ATOM 678  N N1    . U A 1 32 ? 26.543  -27.086 12.449  1.00 20.00  ? 35 U C N1    1 
ATOM 679  C C2    . U A 1 32 ? 26.099  -27.864 11.412  1.00 20.00  ? 35 U C C2    1 
ATOM 680  O O2    . U A 1 32 ? 26.481  -27.719 10.281  1.00 20.00  ? 35 U C O2    1 
ATOM 681  N N3    . U A 1 32 ? 25.142  -28.780 11.739  1.00 20.00  ? 35 U C N3    1 
ATOM 682  C C4    . U A 1 32 ? 24.627  -29.025 12.979  1.00 20.00  ? 35 U C C4    1 
ATOM 683  O O4    . U A 1 32 ? 23.775  -29.899 13.115  1.00 20.00  ? 35 U C O4    1 
ATOM 684  C C5    . U A 1 32 ? 25.162  -28.199 14.016  1.00 20.00  ? 35 U C C5    1 
ATOM 685  C C6    . U A 1 32 ? 26.091  -27.286 13.721  1.00 20.00  ? 35 U C C6    1 
ATOM 686  P P     . A A 1 33 ? 26.116  -21.570 12.591  1.00 191.58 ? 36 A C P     1 
ATOM 687  O OP1   . A A 1 33 ? 26.489  -20.258 13.137  1.00 191.49 ? 36 A C OP1   1 
ATOM 688  O OP2   . A A 1 33 ? 25.084  -22.377 13.218  1.00 191.20 ? 36 A C OP2   1 
ATOM 689  O "O5'" . A A 1 33 ? 25.576  -21.402 11.121  1.00 193.14 ? 36 A C "O5'" 1 
ATOM 690  C "C5'" . A A 1 33 ? 24.177  -21.515 10.901  1.00 194.73 ? 36 A C "C5'" 1 
ATOM 691  C "C4'" . A A 1 33 ? 23.903  -22.687 10.009  1.00 195.91 ? 36 A C "C4'" 1 
ATOM 692  O "O4'" . A A 1 33 ? 24.192  -23.907 10.699  1.00 195.92 ? 36 A C "O4'" 1 
ATOM 693  C "C3'" . A A 1 33 ? 22.451  -22.913 9.675   1.00 197.11 ? 36 A C "C3'" 1 
ATOM 694  O "O3'" . A A 1 33 ? 22.060  -21.943 8.748   1.00 198.78 ? 36 A C "O3'" 1 
ATOM 695  C "C2'" . A A 1 33 ? 22.509  -24.317 9.120   1.00 196.84 ? 36 A C "C2'" 1 
ATOM 696  O "O2'" . A A 1 33 ? 22.998  -24.222 7.817   1.00 196.90 ? 36 A C "O2'" 1 
ATOM 697  C "C1'" . A A 1 33 ? 23.534  -24.963 10.046  1.00 196.11 ? 36 A C "C1'" 1 
ATOM 698  N N9    . A A 1 33 ? 22.869  -25.768 11.054  1.00 195.89 ? 36 A C N9    1 
ATOM 699  C C8    . A A 1 33 ? 22.693  -25.497 12.385  1.00 195.79 ? 36 A C C8    1 
ATOM 700  N N7    . A A 1 33 ? 22.021  -26.417 13.026  1.00 195.49 ? 36 A C N7    1 
ATOM 701  C C5    . A A 1 33 ? 21.731  -27.357 12.051  1.00 195.85 ? 36 A C C5    1 
ATOM 702  C C6    . A A 1 33 ? 21.031  -28.570 12.089  1.00 196.24 ? 36 A C C6    1 
ATOM 703  N N6    . A A 1 33 ? 20.470  -29.065 13.193  1.00 196.33 ? 36 A C N6    1 
ATOM 704  N N1    . A A 1 33 ? 20.930  -29.273 10.939  1.00 196.17 ? 36 A C N1    1 
ATOM 705  C C2    . A A 1 33 ? 21.495  -28.773 9.833   1.00 196.01 ? 36 A C C2    1 
ATOM 706  N N3    . A A 1 33 ? 22.165  -27.637 9.671   1.00 195.99 ? 36 A C N3    1 
ATOM 707  C C4    . A A 1 33 ? 22.241  -26.965 10.830  1.00 195.89 ? 36 A C C4    1 
ATOM 708  P P     . A A 1 34 ? 20.832  -21.076 9.066   1.00 76.88  ? 37 A C P     1 
ATOM 709  O OP1   . A A 1 34 ? 20.793  -19.992 8.104   1.00 78.59  ? 37 A C OP1   1 
ATOM 710  O OP2   . A A 1 34 ? 20.826  -20.796 10.505  1.00 75.20  ? 37 A C OP2   1 
ATOM 711  O "O5'" . A A 1 34 ? 19.639  -22.034 8.678   1.00 78.76  ? 37 A C "O5'" 1 
ATOM 712  C "C5'" . A A 1 34 ? 19.675  -22.659 7.417   1.00 77.93  ? 37 A C "C5'" 1 
ATOM 713  C "C4'" . A A 1 34 ? 18.641  -23.730 7.389   1.00 78.66  ? 37 A C "C4'" 1 
ATOM 714  O "O4'" . A A 1 34 ? 19.092  -24.850 8.167   1.00 79.49  ? 37 A C "O4'" 1 
ATOM 715  C "C3'" . A A 1 34 ? 17.346  -23.375 8.071   1.00 78.23  ? 37 A C "C3'" 1 
ATOM 716  O "O3'" . A A 1 34 ? 16.694  -22.500 7.179   1.00 77.17  ? 37 A C "O3'" 1 
ATOM 717  C "C2'" . A A 1 34 ? 16.753  -24.756 8.276   1.00 79.34  ? 37 A C "C2'" 1 
ATOM 718  O "O2'" . A A 1 34 ? 16.403  -25.389 7.085   1.00 79.34  ? 37 A C "O2'" 1 
ATOM 719  C "C1'" . A A 1 34 ? 17.985  -25.545 8.691   1.00 78.22  ? 37 A C "C1'" 1 
ATOM 720  N N9    . A A 1 34 ? 18.137  -25.621 10.139  1.00 20.00  ? 37 A C N9    1 
ATOM 721  C C8    . A A 1 34 ? 18.652  -24.677 10.987  1.00 20.00  ? 37 A C C8    1 
ATOM 722  N N7    . A A 1 34 ? 18.606  -25.019 12.248  1.00 20.00  ? 37 A C N7    1 
ATOM 723  C C5    . A A 1 34 ? 18.009  -26.270 12.231  1.00 20.00  ? 37 A C C5    1 
ATOM 724  C C6    . A A 1 34 ? 17.683  -27.175 13.250  1.00 20.00  ? 37 A C C6    1 
ATOM 725  N N6    . A A 1 34 ? 17.917  -26.947 14.542  1.00 20.00  ? 37 A C N6    1 
ATOM 726  N N1    . A A 1 34 ? 17.104  -28.340 12.895  1.00 20.00  ? 37 A C N1    1 
ATOM 727  C C2    . A A 1 34 ? 16.874  -28.570 11.600  1.00 20.00  ? 37 A C C2    1 
ATOM 728  N N3    . A A 1 34 ? 17.135  -27.801 10.551  1.00 20.00  ? 37 A C N3    1 
ATOM 729  C C4    . A A 1 34 ? 17.718  -26.654 10.940  1.00 20.00  ? 37 A C C4    1 
ATOM 730  P P     . A A 1 35 ? 15.663  -21.454 7.720   1.00 213.53 ? 38 A C P     1 
ATOM 731  O OP1   . A A 1 35 ? 15.398  -20.489 6.659   1.00 213.14 ? 38 A C OP1   1 
ATOM 732  O OP2   . A A 1 35 ? 16.126  -20.950 9.006   1.00 213.02 ? 38 A C OP2   1 
ATOM 733  O "O5'" . A A 1 35 ? 14.400  -22.362 7.997   1.00 218.12 ? 38 A C "O5'" 1 
ATOM 734  C "C5'" . A A 1 35 ? 13.827  -22.297 9.286   1.00 222.95 ? 38 A C "C5'" 1 
ATOM 735  C "C4'" . A A 1 35 ? 13.018  -23.521 9.607   1.00 226.61 ? 38 A C "C4'" 1 
ATOM 736  O "O4'" . A A 1 35 ? 13.909  -24.578 10.025  1.00 227.09 ? 38 A C "O4'" 1 
ATOM 737  C "C3'" . A A 1 35 ? 12.085  -23.268 10.781  1.00 230.30 ? 38 A C "C3'" 1 
ATOM 738  O "O3'" . A A 1 35 ? 10.776  -22.912 10.370  1.00 236.68 ? 38 A C "O3'" 1 
ATOM 739  C "C2'" . A A 1 35 ? 12.326  -24.444 11.714  1.00 229.56 ? 38 A C "C2'" 1 
ATOM 740  O "O2'" . A A 1 35 ? 11.517  -25.553 11.417  1.00 229.48 ? 38 A C "O2'" 1 
ATOM 741  C "C1'" . A A 1 35 ? 13.775  -24.786 11.404  1.00 228.01 ? 38 A C "C1'" 1 
ATOM 742  N N9    . A A 1 35 ? 14.759  -23.949 12.075  1.00 227.18 ? 38 A C N9    1 
ATOM 743  C C8    . A A 1 35 ? 15.428  -22.868 11.566  1.00 226.27 ? 38 A C C8    1 
ATOM 744  N N7    . A A 1 35 ? 16.274  -22.328 12.404  1.00 225.60 ? 38 A C N7    1 
ATOM 745  C C5    . A A 1 35 ? 16.155  -23.107 13.543  1.00 225.77 ? 38 A C C5    1 
ATOM 746  C C6    . A A 1 35 ? 16.836  -23.097 14.764  1.00 225.49 ? 38 A C C6    1 
ATOM 747  N N6    . A A 1 35 ? 17.697  -22.141 15.112  1.00 225.39 ? 38 A C N6    1 
ATOM 748  N N1    . A A 1 35 ? 16.453  -23.986 15.700  1.00 225.77 ? 38 A C N1    1 
ATOM 749  C C2    . A A 1 35 ? 15.538  -24.900 15.375  1.00 226.08 ? 38 A C C2    1 
ATOM 750  N N3    . A A 1 35 ? 14.870  -25.052 14.240  1.00 226.43 ? 38 A C N3    1 
ATOM 751  C C4    . A A 1 35 ? 15.234  -24.115 13.350  1.00 226.65 ? 38 A C C4    1 
ATOM 752  P P     . U A 1 36 ? 10.201  -21.587 10.960  1.00 76.88  ? 39 U C P     1 
ATOM 753  O OP1   . U A 1 36 ? 9.211   -20.991 10.111  1.00 78.59  ? 39 U C OP1   1 
ATOM 754  O OP2   . U A 1 36 ? 11.364  -20.797 11.267  1.00 75.20  ? 39 U C OP2   1 
ATOM 755  O "O5'" . U A 1 36 ? 9.672   -22.080 12.349  1.00 78.76  ? 39 U C "O5'" 1 
ATOM 756  C "C5'" . U A 1 36 ? 10.195  -21.513 13.517  1.00 77.93  ? 39 U C "C5'" 1 
ATOM 757  C "C4'" . U A 1 36 ? 10.092  -22.468 14.655  1.00 78.66  ? 39 U C "C4'" 1 
ATOM 758  O "O4'" . U A 1 36 ? 11.239  -23.342 14.649  1.00 79.49  ? 39 U C "O4'" 1 
ATOM 759  C "C3'" . U A 1 36 ? 10.140  -21.742 15.980  1.00 78.23  ? 39 U C "C3'" 1 
ATOM 760  O "O3'" . U A 1 36 ? 8.799   -21.830 16.383  1.00 77.17  ? 39 U C "O3'" 1 
ATOM 761  C "C2'" . U A 1 36 ? 11.130  -22.564 16.786  1.00 79.34  ? 39 U C "C2'" 1 
ATOM 762  O "O2'" . U A 1 36 ? 10.612  -23.798 17.228  1.00 79.34  ? 39 U C "O2'" 1 
ATOM 763  C "C1'" . U A 1 36 ? 12.088  -23.000 15.699  1.00 78.22  ? 39 U C "C1'" 1 
ATOM 764  N N1    . U A 1 36 ? 13.062  -21.910 15.194  1.00 20.00  ? 39 U C N1    1 
ATOM 765  C C2    . U A 1 36 ? 14.111  -21.534 16.006  1.00 20.00  ? 39 U C C2    1 
ATOM 766  O O2    . U A 1 36 ? 14.280  -21.996 17.121  1.00 20.00  ? 39 U C O2    1 
ATOM 767  N N3    . U A 1 36 ? 14.967  -20.593 15.467  1.00 20.00  ? 39 U C N3    1 
ATOM 768  C C4    . U A 1 36 ? 14.867  -20.009 14.226  1.00 20.00  ? 39 U C C4    1 
ATOM 769  O O4    . U A 1 36 ? 15.697  -19.173 13.851  1.00 20.00  ? 39 U C O4    1 
ATOM 770  C C5    . U A 1 36 ? 13.737  -20.459 13.449  1.00 20.00  ? 39 U C C5    1 
ATOM 771  C C6    . U A 1 36 ? 12.885  -21.381 13.939  1.00 20.00  ? 39 U C C6    1 
ATOM 772  P P     . C A 1 37 ? 7.860   -20.537 15.980  1.00 263.46 ? 40 C C P     1 
ATOM 773  O OP1   . C A 1 37 ? 7.292   -20.055 17.264  1.00 263.61 ? 40 C C OP1   1 
ATOM 774  O OP2   . C A 1 37 ? 6.984   -20.830 14.817  1.00 263.53 ? 40 C C OP2   1 
ATOM 775  O "O5'" . C A 1 37 ? 8.931   -19.401 15.664  1.00 264.62 ? 40 C C "O5'" 1 
ATOM 776  C "C5'" . C A 1 37 ? 8.973   -18.186 16.437  1.00 266.25 ? 40 C C "C5'" 1 
ATOM 777  C "C4'" . C A 1 37 ? 9.713   -18.417 17.733  1.00 267.68 ? 40 C C "C4'" 1 
ATOM 778  O "O4'" . C A 1 37 ? 10.833  -19.312 17.492  1.00 267.80 ? 40 C C "O4'" 1 
ATOM 779  C "C3'" . C A 1 37 ? 10.309  -17.172 18.379  1.00 268.95 ? 40 C C "C3'" 1 
ATOM 780  O "O3'" . C A 1 37 ? 9.395   -16.604 19.311  1.00 271.35 ? 40 C C "O3'" 1 
ATOM 781  C "C2'" . C A 1 37 ? 11.540  -17.723 19.088  1.00 268.69 ? 40 C C "C2'" 1 
ATOM 782  O "O2'" . C A 1 37 ? 11.251  -18.294 20.349  1.00 268.89 ? 40 C C "O2'" 1 
ATOM 783  C "C1'" . C A 1 37 ? 12.001  -18.797 18.104  1.00 268.00 ? 40 C C "C1'" 1 
ATOM 784  N N1    . C A 1 37 ? 12.886  -18.281 17.049  1.00 267.36 ? 40 C C N1    1 
ATOM 785  C C2    . C A 1 37 ? 13.972  -17.483 17.414  1.00 266.87 ? 40 C C C2    1 
ATOM 786  O O2    . C A 1 37 ? 14.157  -17.233 18.615  1.00 266.89 ? 40 C C O2    1 
ATOM 787  N N3    . C A 1 37 ? 14.795  -17.004 16.452  1.00 266.61 ? 40 C C N3    1 
ATOM 788  C C4    . C A 1 37 ? 14.562  -17.296 15.170  1.00 266.44 ? 40 C C C4    1 
ATOM 789  N N4    . C A 1 37 ? 15.397  -16.802 14.253  1.00 266.32 ? 40 C C N4    1 
ATOM 790  C C5    . C A 1 37 ? 13.460  -18.107 14.770  1.00 266.84 ? 40 C C C5    1 
ATOM 791  C C6    . C A 1 37 ? 12.656  -18.575 15.733  1.00 267.05 ? 40 C C C6    1 
ATOM 792  P P     . C A 1 38 ? 8.981   -15.114 19.257  1.00 273.53 ? 41 C C P     1 
ATOM 793  O OP1   . C A 1 38 ? 7.542   -15.036 19.577  1.00 273.14 ? 41 C C OP1   1 
ATOM 794  O OP2   . C A 1 38 ? 9.487   -14.539 17.991  1.00 273.76 ? 41 C C OP2   1 
ATOM 795  O "O5'" . C A 1 38 ? 9.825   -14.490 20.442  1.00 275.16 ? 41 C C "O5'" 1 
ATOM 796  C "C5'" . C A 1 38 ? 9.959   -13.076 20.530  1.00 276.63 ? 41 C C "C5'" 1 
ATOM 797  C "C4'" . C A 1 38 ? 11.351  -12.706 20.940  1.00 277.61 ? 41 C C "C4'" 1 
ATOM 798  O "O4'" . C A 1 38 ? 12.311  -13.646 20.406  1.00 277.58 ? 41 C C "O4'" 1 
ATOM 799  C "C3'" . C A 1 38 ? 11.801  -11.403 20.342  1.00 278.29 ? 41 C C "C3'" 1 
ATOM 800  O "O3'" . C A 1 38 ? 11.259  -10.356 21.091  1.00 279.57 ? 41 C C "O3'" 1 
ATOM 801  C "C2'" . C A 1 38 ? 13.306  -11.495 20.463  1.00 277.91 ? 41 C C "C2'" 1 
ATOM 802  O "O2'" . C A 1 38 ? 13.726  -11.036 21.723  1.00 277.86 ? 41 C C "O2'" 1 
ATOM 803  C "C1'" . C A 1 38 ? 13.529  -12.971 20.154  1.00 277.39 ? 41 C C "C1'" 1 
ATOM 804  N N1    . C A 1 38 ? 13.890  -13.168 18.750  1.00 20.00  ? 41 C C N1    1 
ATOM 805  C C2    . C A 1 38 ? 15.029  -12.514 18.265  1.00 20.00  ? 41 C C C2    1 
ATOM 806  O O2    . C A 1 38 ? 15.675  -11.784 19.039  1.00 20.00  ? 41 C C O2    1 
ATOM 807  N N3    . C A 1 38 ? 15.390  -12.695 16.976  1.00 20.00  ? 41 C C N3    1 
ATOM 808  C C4    . C A 1 38 ? 14.660  -13.481 16.182  1.00 20.00  ? 41 C C C4    1 
ATOM 809  N N4    . C A 1 38 ? 15.063  -13.636 14.920  1.00 20.00  ? 41 C C N4    1 
ATOM 810  C C5    . C A 1 38 ? 13.490  -14.143 16.651  1.00 20.00  ? 41 C C C5    1 
ATOM 811  C C6    . C A 1 38 ? 13.147  -13.961 17.924  1.00 20.00  ? 41 C C C6    1 
ATOM 812  P P     . G A 1 39 ? 10.232  -9.422  20.387  1.00 280.81 ? 42 G C P     1 
ATOM 813  O OP1   . G A 1 39 ? 8.886   -9.936  20.687  1.00 280.59 ? 42 G C OP1   1 
ATOM 814  O OP2   . G A 1 39 ? 10.645  -9.306  18.986  1.00 280.73 ? 42 G C OP2   1 
ATOM 815  O "O5'" . G A 1 39 ? 10.511  -8.018  21.073  1.00 281.63 ? 42 G C "O5'" 1 
ATOM 816  C "C5'" . G A 1 39 ? 11.014  -6.930  20.290  1.00 282.58 ? 42 G C "C5'" 1 
ATOM 817  C "C4'" . G A 1 39 ? 12.510  -7.029  20.206  1.00 283.31 ? 42 G C "C4'" 1 
ATOM 818  O "O4'" . G A 1 39 ? 12.847  -8.385  19.860  1.00 283.20 ? 42 G C "O4'" 1 
ATOM 819  C "C3'" . G A 1 39 ? 13.186  -6.222  19.109  1.00 283.97 ? 42 G C "C3'" 1 
ATOM 820  O "O3'" . G A 1 39 ? 13.333  -4.833  19.390  1.00 285.07 ? 42 G C "O3'" 1 
ATOM 821  C "C2'" . G A 1 39 ? 14.515  -6.948  18.990  1.00 283.65 ? 42 G C "C2'" 1 
ATOM 822  O "O2'" . G A 1 39 ? 15.417  -6.615  20.017  1.00 283.95 ? 42 G C "O2'" 1 
ATOM 823  C "C1'" . G A 1 39 ? 14.066  -8.393  19.142  1.00 282.94 ? 42 G C "C1'" 1 
ATOM 824  N N9    . G A 1 39 ? 13.869  -9.038  17.850  1.00 20.00  ? 42 G C N9    1 
ATOM 825  C C8    . G A 1 39 ? 12.900  -9.937  17.487  1.00 20.00  ? 42 G C C8    1 
ATOM 826  N N7    . G A 1 39 ? 13.036  -10.375 16.266  1.00 20.00  ? 42 G C N7    1 
ATOM 827  C C5    . G A 1 39 ? 14.156  -9.710  15.788  1.00 20.00  ? 42 G C C5    1 
ATOM 828  C C6    . G A 1 39 ? 14.783  -9.764  14.517  1.00 20.00  ? 42 G C C6    1 
ATOM 829  O O6    . G A 1 39 ? 14.460  -10.427 13.529  1.00 20.00  ? 42 G C O6    1 
ATOM 830  N N1    . G A 1 39 ? 15.894  -8.930  14.456  1.00 20.00  ? 42 G C N1    1 
ATOM 831  C C2    . G A 1 39 ? 16.343  -8.144  15.487  1.00 20.00  ? 42 G C C2    1 
ATOM 832  N N2    . G A 1 39 ? 17.437  -7.418  15.238  1.00 20.00  ? 42 G C N2    1 
ATOM 833  N N3    . G A 1 39 ? 15.766  -8.082  16.677  1.00 20.00  ? 42 G C N3    1 
ATOM 834  C C4    . G A 1 39 ? 14.684  -8.883  16.756  1.00 20.00  ? 42 G C C4    1 
ATOM 835  P P     . U A 1 40 ? 13.311  -3.753  18.200  1.00 285.84 ? 43 U C P     1 
ATOM 836  O OP1   . U A 1 40 ? 14.074  -2.571  18.634  1.00 285.61 ? 43 U C OP1   1 
ATOM 837  O OP2   . U A 1 40 ? 11.925  -3.606  17.727  1.00 285.95 ? 43 U C OP2   1 
ATOM 838  O "O5'" . U A 1 40 ? 14.173  -4.431  17.052  1.00 285.75 ? 43 U C "O5'" 1 
ATOM 839  C "C5'" . U A 1 40 ? 15.609  -4.325  17.071  1.00 285.68 ? 43 U C "C5'" 1 
ATOM 840  C "C4'" . U A 1 40 ? 16.045  -3.407  15.968  1.00 285.83 ? 43 U C "C4'" 1 
ATOM 841  O "O4'" . U A 1 40 ? 16.230  -4.217  14.771  1.00 285.46 ? 43 U C "O4'" 1 
ATOM 842  C "C3'" . U A 1 40 ? 14.971  -2.392  15.610  1.00 286.23 ? 43 U C "C3'" 1 
ATOM 843  O "O3'" . U A 1 40 ? 15.462  -1.140  15.148  1.00 287.86 ? 43 U C "O3'" 1 
ATOM 844  C "C2'" . U A 1 40 ? 14.147  -3.175  14.604  1.00 285.57 ? 43 U C "C2'" 1 
ATOM 845  O "O2'" . U A 1 40 ? 13.290  -2.395  13.796  1.00 284.88 ? 43 U C "O2'" 1 
ATOM 846  C "C1'" . U A 1 40 ? 15.251  -3.876  13.821  1.00 285.33 ? 43 U C "C1'" 1 
ATOM 847  N N1    . U A 1 40 ? 14.792  -5.082  13.126  1.00 20.00  ? 43 U C N1    1 
ATOM 848  C C2    . U A 1 40 ? 15.433  -5.419  11.953  1.00 20.00  ? 43 U C C2    1 
ATOM 849  O O2    . U A 1 40 ? 16.394  -4.806  11.526  1.00 20.00  ? 43 U C O2    1 
ATOM 850  N N3    . U A 1 40 ? 14.901  -6.496  11.296  1.00 20.00  ? 43 U C N3    1 
ATOM 851  C C4    . U A 1 40 ? 13.824  -7.258  11.681  1.00 20.00  ? 43 U C C4    1 
ATOM 852  O O4    . U A 1 40 ? 13.473  -8.202  10.979  1.00 20.00  ? 43 U C O4    1 
ATOM 853  C C5    . U A 1 40 ? 13.203  -6.836  12.897  1.00 20.00  ? 43 U C C5    1 
ATOM 854  C C6    . U A 1 40 ? 13.686  -5.777  13.552  1.00 20.00  ? 43 U C C6    1 
ATOM 855  P P     . U A 1 41 ? 14.589  0.182   15.386  1.00 289.43 ? 44 U C P     1 
ATOM 856  O OP1   . U A 1 41 ? 15.074  0.865   16.602  1.00 289.73 ? 44 U C OP1   1 
ATOM 857  O OP2   . U A 1 41 ? 13.164  -0.191  15.278  1.00 289.13 ? 44 U C OP2   1 
ATOM 858  O "O5'" . U A 1 41 ? 14.941  1.056   14.106  1.00 291.32 ? 44 U C "O5'" 1 
ATOM 859  C "C5'" . U A 1 41 ? 14.410  0.690   12.828  1.00 292.90 ? 44 U C "C5'" 1 
ATOM 860  C "C4'" . U A 1 41 ? 15.483  0.107   11.953  1.00 293.78 ? 44 U C "C4'" 1 
ATOM 861  O "O4'" . U A 1 41 ? 15.199  -1.303  11.816  1.00 294.53 ? 44 U C "O4'" 1 
ATOM 862  C "C3'" . U A 1 41 ? 15.500  0.613   10.518  1.00 294.03 ? 44 U C "C3'" 1 
ATOM 863  O "O3'" . U A 1 41 ? 16.071  1.914   10.289  1.00 293.04 ? 44 U C "O3'" 1 
ATOM 864  C "C2'" . U A 1 41 ? 16.128  -0.550  9.756   1.00 294.57 ? 44 U C "C2'" 1 
ATOM 865  O "O2'" . U A 1 41 ? 17.532  -0.489  9.823   1.00 294.76 ? 44 U C "O2'" 1 
ATOM 866  C "C1'" . U A 1 41 ? 15.672  -1.761  10.571  1.00 294.99 ? 44 U C "C1'" 1 
ATOM 867  N N1    . U A 1 41 ? 14.635  -2.604  9.960   1.00 20.00  ? 44 U C N1    1 
ATOM 868  C C2    . U A 1 41 ? 14.869  -3.080  8.691   1.00 20.00  ? 44 U C C2    1 
ATOM 869  O O2    . U A 1 41 ? 15.862  -2.793  8.053   1.00 20.00  ? 44 U C O2    1 
ATOM 870  N N3    . U A 1 41 ? 13.884  -3.888  8.188   1.00 20.00  ? 44 U C N3    1 
ATOM 871  C C4    . U A 1 41 ? 12.726  -4.279  8.817   1.00 20.00  ? 44 U C C4    1 
ATOM 872  O O4    . U A 1 41 ? 11.941  -5.025  8.232   1.00 20.00  ? 44 U C O4    1 
ATOM 873  C C5    . U A 1 41 ? 12.570  -3.766  10.138  1.00 20.00  ? 44 U C C5    1 
ATOM 874  C C6    . U A 1 41 ? 13.501  -2.956  10.646  1.00 20.00  ? 44 U C C6    1 
ATOM 875  P P     . C A 1 42 ? 15.068  3.059   9.827   1.00 76.88  ? 45 C C P     1 
ATOM 876  O OP1   . C A 1 42 ? 15.767  4.217   9.221   1.00 78.59  ? 45 C C OP1   1 
ATOM 877  O OP2   . C A 1 42 ? 14.148  3.275   10.967  1.00 75.20  ? 45 C C OP2   1 
ATOM 878  O "O5'" . C A 1 42 ? 14.283  2.282   8.680   1.00 78.76  ? 45 C C "O5'" 1 
ATOM 879  C "C5'" . C A 1 42 ? 14.334  2.723   7.300   1.00 77.93  ? 45 C C "C5'" 1 
ATOM 880  C "C4'" . C A 1 42 ? 13.731  1.713   6.338   1.00 78.66  ? 45 C C "C4'" 1 
ATOM 881  O "O4'" . C A 1 42 ? 13.443  0.464   7.007   1.00 79.49  ? 45 C C "O4'" 1 
ATOM 882  C "C3'" . C A 1 42 ? 12.389  2.076   5.715   1.00 78.23  ? 45 C C "C3'" 1 
ATOM 883  O "O3'" . C A 1 42 ? 12.435  2.989   4.607   1.00 77.17  ? 45 C C "O3'" 1 
ATOM 884  C "C2'" . C A 1 42 ? 11.872  0.717   5.244   1.00 79.34  ? 45 C C "C2'" 1 
ATOM 885  O "O2'" . C A 1 42 ? 12.395  0.412   3.971   1.00 79.34  ? 45 C C "O2'" 1 
ATOM 886  C "C1'" . C A 1 42 ? 12.503  -0.254  6.246   1.00 78.22  ? 45 C C "C1'" 1 
ATOM 887  N N1    . C A 1 42 ? 11.559  -0.912  7.156   1.00 20.00  ? 45 C C N1    1 
ATOM 888  C C2    . C A 1 42 ? 10.811  -1.984  6.674   1.00 20.00  ? 45 C C C2    1 
ATOM 889  O O2    . C A 1 42 ? 10.948  -2.323  5.493   1.00 20.00  ? 45 C C O2    1 
ATOM 890  N N3    . C A 1 42 ? 9.951   -2.617  7.501   1.00 20.00  ? 45 C C N3    1 
ATOM 891  C C4    . C A 1 42 ? 9.835   -2.221  8.767   1.00 20.00  ? 45 C C C4    1 
ATOM 892  N N4    . C A 1 42 ? 8.975   -2.872  9.546   1.00 20.00  ? 45 C C N4    1 
ATOM 893  C C5    . C A 1 42 ? 10.597  -1.138  9.291   1.00 20.00  ? 45 C C C5    1 
ATOM 894  C C6    . C A 1 42 ? 11.441  -0.519  8.459   1.00 20.00  ? 45 C C C6    1 
ATOM 895  P P     . A A 1 43 ? 11.612  4.377   4.669   1.00 76.88  ? 47 A C P     1 
ATOM 896  O OP1   . A A 1 43 ? 12.588  5.461   4.936   1.00 75.20  ? 47 A C OP1   1 
ATOM 897  O OP2   . A A 1 43 ? 10.462  4.190   5.580   1.00 78.59  ? 47 A C OP2   1 
ATOM 898  O "O5'" . A A 1 43 ? 10.952  4.541   3.224   1.00 78.76  ? 47 A C "O5'" 1 
ATOM 899  C "C5'" . A A 1 43 ? 10.401  5.828   2.786   1.00 77.93  ? 47 A C "C5'" 1 
ATOM 900  C "C4'" . A A 1 43 ? 8.958   5.715   2.333   1.00 78.66  ? 47 A C "C4'" 1 
ATOM 901  O "O4'" . A A 1 43 ? 8.328   4.660   3.123   1.00 79.49  ? 47 A C "O4'" 1 
ATOM 902  C "C3'" . A A 1 43 ? 8.068   6.960   2.544   1.00 78.23  ? 47 A C "C3'" 1 
ATOM 903  O "O3'" . A A 1 43 ? 6.959   6.996   1.600   1.00 77.17  ? 47 A C "O3'" 1 
ATOM 904  C "C2'" . A A 1 43 ? 7.536   6.668   3.938   1.00 79.34  ? 47 A C "C2'" 1 
ATOM 905  O "O2'" . A A 1 43 ? 6.468   7.452   4.420   1.00 79.34  ? 47 A C "O2'" 1 
ATOM 906  C "C1'" . A A 1 43 ? 7.189   5.197   3.750   1.00 78.22  ? 47 A C "C1'" 1 
ATOM 907  N N9    . A A 1 43 ? 6.835   4.419   4.933   1.00 20.00  ? 47 A C N9    1 
ATOM 908  C C8    . A A 1 43 ? 7.016   4.710   6.261   1.00 20.00  ? 47 A C C8    1 
ATOM 909  N N7    . A A 1 43 ? 6.468   3.838   7.071   1.00 20.00  ? 47 A C N7    1 
ATOM 910  C C5    . A A 1 43 ? 5.862   2.928   6.219   1.00 20.00  ? 47 A C C5    1 
ATOM 911  C C6    . A A 1 43 ? 5.106   1.772   6.456   1.00 20.00  ? 47 A C C6    1 
ATOM 912  N N6    . A A 1 43 ? 4.836   1.304   7.673   1.00 20.00  ? 47 A C N6    1 
ATOM 913  N N1    . A A 1 43 ? 4.642   1.094   5.386   1.00 20.00  ? 47 A C N1    1 
ATOM 914  C C2    . A A 1 43 ? 4.927   1.555   4.165   1.00 20.00  ? 47 A C C2    1 
ATOM 915  N N3    . A A 1 43 ? 5.617   2.634   3.814   1.00 20.00  ? 47 A C N3    1 
ATOM 916  C C4    . A A 1 43 ? 6.067   3.281   4.901   1.00 20.00  ? 47 A C C4    1 
ATOM 917  P P     . G A 1 44 ? 6.040   8.362   1.281   1.00 270.90 ? 48 G C P     1 
ATOM 918  O OP1   . G A 1 44 ? 6.825   9.276   0.412   1.00 271.04 ? 48 G C OP1   1 
ATOM 919  O OP2   . G A 1 44 ? 5.480   8.864   2.556   1.00 270.70 ? 48 G C OP2   1 
ATOM 920  O "O5'" . G A 1 44 ? 4.854   7.810   0.361   1.00 268.84 ? 48 G C "O5'" 1 
ATOM 921  C "C5'" . G A 1 44 ? 3.437   8.007   0.621   1.00 266.68 ? 48 G C "C5'" 1 
ATOM 922  C "C4'" . G A 1 44 ? 2.643   6.829   0.080   1.00 265.32 ? 48 G C "C4'" 1 
ATOM 923  O "O4'" . G A 1 44 ? 2.278   5.940   1.175   1.00 264.78 ? 48 G C "O4'" 1 
ATOM 924  C "C3'" . G A 1 44 ? 1.329   7.125   -0.633  1.00 264.44 ? 48 G C "C3'" 1 
ATOM 925  O "O3'" . G A 1 44 ? 1.022   6.063   -1.532  1.00 264.15 ? 48 G C "O3'" 1 
ATOM 926  C "C2'" . G A 1 44 ? 0.332   6.974   0.499   1.00 264.32 ? 48 G C "C2'" 1 
ATOM 927  O "O2'" . G A 1 44 ? -1.003  6.682   0.154   1.00 264.10 ? 48 G C "O2'" 1 
ATOM 928  C "C1'" . G A 1 44 ? 0.883   5.736   1.182   1.00 264.32 ? 48 G C "C1'" 1 
ATOM 929  N N9    . G A 1 44 ? 0.447   5.693   2.565   1.00 20.00  ? 48 G C N9    1 
ATOM 930  C C8    . G A 1 44 ? -0.458  4.851   3.164   1.00 20.00  ? 48 G C C8    1 
ATOM 931  N N7    . G A 1 44 ? -0.634  5.108   4.431   1.00 20.00  ? 48 G C N7    1 
ATOM 932  C C5    . G A 1 44 ? 0.200   6.190   4.675   1.00 20.00  ? 48 G C C5    1 
ATOM 933  C C6    . G A 1 44 ? 0.461   6.893   5.877   1.00 20.00  ? 48 G C C6    1 
ATOM 934  O O6    . G A 1 44 ? -0.053  6.734   6.985   1.00 20.00  ? 48 G C O6    1 
ATOM 935  N N1    . G A 1 44 ? 1.356   7.938   5.676   1.00 20.00  ? 48 G C N1    1 
ATOM 936  C C2    . G A 1 44 ? 1.970   8.225   4.484   1.00 20.00  ? 48 G C C2    1 
ATOM 937  N N2    . G A 1 44 ? 2.834   9.248   4.498   1.00 20.00  ? 48 G C N2    1 
ATOM 938  N N3    . G A 1 44 ? 1.754   7.560   3.361   1.00 20.00  ? 48 G C N3    1 
ATOM 939  C C4    . G A 1 44 ? 0.907   6.527   3.542   1.00 20.00  ? 48 G C C4    1 
ATOM 940  P P     . C A 1 45 ? 0.237   6.342   -2.892  1.00 263.89 ? 49 C C P     1 
ATOM 941  O OP1   . C A 1 45 ? -0.323  7.699   -2.821  1.00 263.34 ? 49 C C OP1   1 
ATOM 942  O OP2   . C A 1 45 ? -0.650  5.197   -3.153  1.00 263.88 ? 49 C C OP2   1 
ATOM 943  O "O5'" . C A 1 45 ? 1.410   6.392   -3.960  1.00 264.81 ? 49 C C "O5'" 1 
ATOM 944  C "C5'" . C A 1 45 ? 1.444   5.492   -5.068  1.00 265.44 ? 49 C C "C5'" 1 
ATOM 945  C "C4'" . C A 1 45 ? 2.116   6.153   -6.243  1.00 265.75 ? 49 C C "C4'" 1 
ATOM 946  O "O4'" . C A 1 45 ? 1.314   5.923   -7.427  1.00 266.45 ? 49 C C "O4'" 1 
ATOM 947  C "C3'" . C A 1 45 ? 2.254   7.666   -6.175  1.00 265.80 ? 49 C C "C3'" 1 
ATOM 948  O "O3'" . C A 1 45 ? 3.450   8.070   -5.517  1.00 265.35 ? 49 C C "O3'" 1 
ATOM 949  C "C2'" . C A 1 45 ? 2.367   8.031   -7.644  1.00 266.21 ? 49 C C "C2'" 1 
ATOM 950  O "O2'" . C A 1 45 ? 3.667   7.797   -8.124  1.00 265.91 ? 49 C C "O2'" 1 
ATOM 951  C "C1'" . C A 1 45 ? 1.435   7.018   -8.304  1.00 267.09 ? 49 C C "C1'" 1 
ATOM 952  N N1    . C A 1 45 ? 0.107   7.573   -8.592  1.00 268.65 ? 49 C C N1    1 
ATOM 953  C C2    . C A 1 45 ? -0.036  8.495   -9.633  1.00 269.49 ? 49 C C C2    1 
ATOM 954  O O2    . C A 1 45 ? 0.965   8.839   -10.271 1.00 270.33 ? 49 C C O2    1 
ATOM 955  N N3    . C A 1 45 ? -1.259  8.975   -9.926  1.00 270.42 ? 49 C C N3    1 
ATOM 956  C C4    . C A 1 45 ? -2.312  8.598   -9.205  1.00 270.23 ? 49 C C C4    1 
ATOM 957  N N4    . C A 1 45 ? -3.497  9.117   -9.517  1.00 270.54 ? 49 C C N4    1 
ATOM 958  C C5    . C A 1 45 ? -2.199  7.654   -8.144  1.00 269.86 ? 49 C C C5    1 
ATOM 959  C C6    . C A 1 45 ? -0.984  7.170   -7.876  1.00 269.46 ? 49 C C C6    1 
ATOM 960  P P     . C A 1 46 ? 3.640   9.572   -5.020  1.00 264.82 ? 50 C C P     1 
ATOM 961  O OP1   . C A 1 46 ? 4.786   9.625   -4.113  1.00 265.05 ? 50 C C OP1   1 
ATOM 962  O OP2   . C A 1 46 ? 2.347   10.083  -4.562  1.00 264.81 ? 50 C C OP2   1 
ATOM 963  O "O5'" . C A 1 46 ? 4.142   10.347  -6.310  1.00 263.99 ? 50 C C "O5'" 1 
ATOM 964  C "C5'" . C A 1 46 ? 4.777   11.635  -6.181  1.00 263.26 ? 50 C C "C5'" 1 
ATOM 965  C "C4'" . C A 1 46 ? 4.576   12.504  -7.406  1.00 262.76 ? 50 C C "C4'" 1 
ATOM 966  O "O4'" . C A 1 46 ? 3.986   11.760  -8.502  1.00 262.83 ? 50 C C "O4'" 1 
ATOM 967  C "C3'" . C A 1 46 ? 3.701   13.728  -7.221  1.00 262.20 ? 50 C C "C3'" 1 
ATOM 968  O "O3'" . C A 1 46 ? 4.563   14.804  -6.914  1.00 260.29 ? 50 C C "O3'" 1 
ATOM 969  C "C2'" . C A 1 46 ? 3.089   13.899  -8.601  1.00 262.73 ? 50 C C "C2'" 1 
ATOM 970  O "O2'" . C A 1 46 ? 3.861   14.580  -9.557  1.00 262.92 ? 50 C C "O2'" 1 
ATOM 971  C "C1'" . C A 1 46 ? 2.877   12.455  -9.004  1.00 263.02 ? 50 C C "C1'" 1 
ATOM 972  N N1    . C A 1 46 ? 1.692   11.898  -8.377  1.00 20.00  ? 50 C C N1    1 
ATOM 973  C C2    . C A 1 46 ? 0.478   11.969  -9.046  1.00 20.00  ? 50 C C C2    1 
ATOM 974  O O2    . C A 1 46 ? 0.437   12.504  -10.156 1.00 20.00  ? 50 C C O2    1 
ATOM 975  N N3    . C A 1 46 ? -0.624  11.469  -8.464  1.00 20.00  ? 50 C C N3    1 
ATOM 976  C C4    . C A 1 46 ? -0.542  10.885  -7.271  1.00 20.00  ? 50 C C C4    1 
ATOM 977  N N4    . C A 1 46 ? -1.659  10.392  -6.740  1.00 20.00  ? 50 C C N4    1 
ATOM 978  C C5    . C A 1 46 ? 0.686   10.796  -6.563  1.00 20.00  ? 50 C C C5    1 
ATOM 979  C C6    . C A 1 46 ? 1.767   11.325  -7.141  1.00 20.00  ? 50 C C C6    1 
ATOM 980  P P     . G A 1 47 ? 4.382   15.579  -5.574  1.00 258.12 ? 51 G C P     1 
ATOM 981  O OP1   . G A 1 47 ? 5.691   16.155  -5.177  1.00 257.99 ? 51 G C OP1   1 
ATOM 982  O OP2   . G A 1 47 ? 3.649   14.697  -4.629  1.00 258.00 ? 51 G C OP2   1 
ATOM 983  O "O5'" . G A 1 47 ? 3.417   16.773  -6.000  1.00 255.99 ? 51 G C "O5'" 1 
ATOM 984  C "C5'" . G A 1 47 ? 3.954   18.051  -6.391  1.00 253.69 ? 51 G C "C5'" 1 
ATOM 985  C "C4'" . G A 1 47 ? 3.091   18.679  -7.459  1.00 251.96 ? 51 G C "C4'" 1 
ATOM 986  O "O4'" . G A 1 47 ? 2.599   17.642  -8.353  1.00 250.83 ? 51 G C "O4'" 1 
ATOM 987  C "C3'" . G A 1 47 ? 1.851   19.408  -6.959  1.00 250.67 ? 51 G C "C3'" 1 
ATOM 988  O "O3'" . G A 1 47 ? 2.139   20.776  -6.699  1.00 249.01 ? 51 G C "O3'" 1 
ATOM 989  C "C2'" . G A 1 47 ? 0.888   19.257  -8.131  1.00 250.26 ? 51 G C "C2'" 1 
ATOM 990  O "O2'" . G A 1 47 ? 1.111   20.196  -9.162  1.00 250.10 ? 51 G C "O2'" 1 
ATOM 991  C "C1'" . G A 1 47 ? 1.223   17.847  -8.614  1.00 249.63 ? 51 G C "C1'" 1 
ATOM 992  N N9    . G A 1 47 ? 0.468   16.806  -7.924  1.00 20.00  ? 51 G C N9    1 
ATOM 993  C C8    . G A 1 47 ? 0.945   15.918  -6.990  1.00 20.00  ? 51 G C C8    1 
ATOM 994  N N7    . G A 1 47 ? 0.030   15.100  -6.545  1.00 20.00  ? 51 G C N7    1 
ATOM 995  C C5    . G A 1 47 ? -1.122  15.470  -7.225  1.00 20.00  ? 51 G C C5    1 
ATOM 996  C C6    . G A 1 47 ? -2.441  14.941  -7.159  1.00 20.00  ? 51 G C C6    1 
ATOM 997  O O6    . G A 1 47 ? -2.864  14.009  -6.463  1.00 20.00  ? 51 G C O6    1 
ATOM 998  N N1    . G A 1 47 ? -3.306  15.611  -8.018  1.00 20.00  ? 51 G C N1    1 
ATOM 999  C C2    . G A 1 47 ? -2.950  16.658  -8.836  1.00 20.00  ? 51 G C C2    1 
ATOM 1000 N N2    . G A 1 47 ? -3.928  17.175  -9.593  1.00 20.00  ? 51 G C N2    1 
ATOM 1001 N N3    . G A 1 47 ? -1.725  17.160  -8.907  1.00 20.00  ? 51 G C N3    1 
ATOM 1002 C C4    . G A 1 47 ? -0.867  16.522  -8.081  1.00 20.00  ? 51 G C C4    1 
ATOM 1003 P P     . G A 1 48 ? 1.729   21.190  -5.155  1.00 247.07 ? 52 G C P     1 
ATOM 1004 O OP1   . G A 1 48 ? 2.600   22.338  -4.794  1.00 247.49 ? 52 G C OP1   1 
ATOM 1005 O OP2   . G A 1 48 ? 1.524   19.970  -4.335  1.00 247.11 ? 52 G C OP2   1 
ATOM 1006 O "O5'" . G A 1 48 ? 0.326   21.762  -5.647  1.00 246.43 ? 52 G C "O5'" 1 
ATOM 1007 C "C5'" . G A 1 48 ? 0.141   22.193  -7.010  1.00 245.58 ? 52 G C "C5'" 1 
ATOM 1008 C "C4'" . G A 1 48 ? -1.321  22.456  -7.281  1.00 244.76 ? 52 G C "C4'" 1 
ATOM 1009 O "O4'" . G A 1 48 ? -1.895  21.311  -7.969  1.00 244.78 ? 52 G C "O4'" 1 
ATOM 1010 C "C3'" . G A 1 48 ? -2.192  22.664  -6.049  1.00 243.77 ? 52 G C "C3'" 1 
ATOM 1011 O "O3'" . G A 1 48 ? -2.224  24.036  -5.673  1.00 241.73 ? 52 G C "O3'" 1 
ATOM 1012 C "C2'" . G A 1 48 ? -3.557  22.191  -6.533  1.00 244.03 ? 52 G C "C2'" 1 
ATOM 1013 O "O2'" . G A 1 48 ? -4.251  23.164  -7.286  1.00 243.44 ? 52 G C "O2'" 1 
ATOM 1014 C "C1'" . G A 1 48 ? -3.167  21.010  -7.421  1.00 244.73 ? 52 G C "C1'" 1 
ATOM 1015 N N9    . G A 1 48 ? -3.063  19.751  -6.691  1.00 20.00  ? 52 G C N9    1 
ATOM 1016 C C8    . G A 1 48 ? -1.911  19.093  -6.335  1.00 20.00  ? 52 G C C8    1 
ATOM 1017 N N7    . G A 1 48 ? -2.134  17.984  -5.682  1.00 20.00  ? 52 G C N7    1 
ATOM 1018 C C5    . G A 1 48 ? -3.518  17.907  -5.600  1.00 20.00  ? 52 G C C5    1 
ATOM 1019 C C6    . G A 1 48 ? -4.352  16.920  -5.002  1.00 20.00  ? 52 G C C6    1 
ATOM 1020 O O6    . G A 1 48 ? -4.021  15.888  -4.407  1.00 20.00  ? 52 G C O6    1 
ATOM 1021 N N1    . G A 1 48 ? -5.701  17.232  -5.148  1.00 20.00  ? 52 G C N1    1 
ATOM 1022 C C2    . G A 1 48 ? -6.186  18.349  -5.788  1.00 20.00  ? 52 G C C2    1 
ATOM 1023 N N2    . G A 1 48 ? -7.521  18.474  -5.825  1.00 20.00  ? 52 G C N2    1 
ATOM 1024 N N3    . G A 1 48 ? -5.420  19.275  -6.348  1.00 20.00  ? 52 G C N3    1 
ATOM 1025 C C4    . G A 1 48 ? -4.106  18.991  -6.217  1.00 20.00  ? 52 G C C4    1 
ATOM 1026 P P     . G A 1 49 ? -2.494  24.439  -4.148  1.00 239.67 ? 53 G C P     1 
ATOM 1027 O OP1   . G A 1 49 ? -2.289  25.904  -4.016  1.00 239.86 ? 53 G C OP1   1 
ATOM 1028 O OP2   . G A 1 49 ? -1.726  23.508  -3.283  1.00 239.37 ? 53 G C OP2   1 
ATOM 1029 O "O5'" . G A 1 49 ? -4.047  24.133  -3.966  1.00 237.96 ? 53 G C "O5'" 1 
ATOM 1030 C "C5'" . G A 1 49 ? -5.036  24.892  -4.686  1.00 236.24 ? 53 G C "C5'" 1 
ATOM 1031 C "C4'" . G A 1 49 ? -6.385  24.221  -4.589  1.00 235.12 ? 53 G C "C4'" 1 
ATOM 1032 O "O4'" . G A 1 49 ? -6.240  22.802  -4.862  1.00 235.83 ? 53 G C "O4'" 1 
ATOM 1033 C "C3'" . G A 1 49 ? -7.059  24.291  -3.227  1.00 233.62 ? 53 G C "C3'" 1 
ATOM 1034 O "O3'" . G A 1 49 ? -7.821  25.487  -3.119  1.00 229.87 ? 53 G C "O3'" 1 
ATOM 1035 C "C2'" . G A 1 49 ? -7.963  23.065  -3.248  1.00 234.87 ? 53 G C "C2'" 1 
ATOM 1036 O "O2'" . G A 1 49 ? -9.192  23.289  -3.910  1.00 235.06 ? 53 G C "O2'" 1 
ATOM 1037 C "C1'" . G A 1 49 ? -7.109  22.062  -4.024  1.00 235.96 ? 53 G C "C1'" 1 
ATOM 1038 N N9    . G A 1 49 ? -6.297  21.205  -3.167  1.00 236.49 ? 53 G C N9    1 
ATOM 1039 C C8    . G A 1 49 ? -4.955  21.334  -2.898  1.00 236.59 ? 53 G C C8    1 
ATOM 1040 N N7    . G A 1 49 ? -4.502  20.414  -2.091  1.00 236.50 ? 53 G C N7    1 
ATOM 1041 C C5    . G A 1 49 ? -5.612  19.628  -1.810  1.00 236.47 ? 53 G C C5    1 
ATOM 1042 C C6    . G A 1 49 ? -5.738  18.473  -0.987  1.00 236.42 ? 53 G C C6    1 
ATOM 1043 O O6    . G A 1 49 ? -4.865  17.899  -0.324  1.00 236.61 ? 53 G C O6    1 
ATOM 1044 N N1    . G A 1 49 ? -7.042  17.987  -0.983  1.00 236.64 ? 53 G C N1    1 
ATOM 1045 C C2    . G A 1 49 ? -8.091  18.540  -1.678  1.00 236.66 ? 53 G C C2    1 
ATOM 1046 N N2    . G A 1 49 ? -9.276  17.927  -1.546  1.00 236.91 ? 53 G C N2    1 
ATOM 1047 N N3    . G A 1 49 ? -7.986  19.615  -2.448  1.00 236.60 ? 53 G C N3    1 
ATOM 1048 C C4    . G A 1 49 ? -6.727  20.103  -2.466  1.00 236.50 ? 53 G C C4    1 
ATOM 1049 P P     . U A 1 50 ? -8.103  26.130  -1.682  1.00 76.88  ? 54 U C P     1 
ATOM 1050 O OP1   . U A 1 50 ? -8.818  27.383  -1.903  1.00 78.59  ? 54 U C OP1   1 
ATOM 1051 O OP2   . U A 1 50 ? -6.848  26.119  -0.946  1.00 75.20  ? 54 U C OP2   1 
ATOM 1052 O "O5'" . U A 1 50 ? -9.126  25.105  -1.045  1.00 78.76  ? 54 U C "O5'" 1 
ATOM 1053 C "C5'" . U A 1 50 ? -10.529 25.217  -1.319  1.00 77.93  ? 54 U C "C5'" 1 
ATOM 1054 C "C4'" . U A 1 50 ? -11.310 24.329  -0.391  1.00 78.66  ? 54 U C "C4'" 1 
ATOM 1055 O "O4'" . U A 1 50 ? -11.038 22.943  -0.708  1.00 79.49  ? 54 U C "O4'" 1 
ATOM 1056 C "C3'" . U A 1 50 ? -10.947 24.429  1.072   1.00 78.23  ? 54 U C "C3'" 1 
ATOM 1057 O "O3'" . U A 1 50 ? -11.594 25.476  1.736   1.00 77.17  ? 54 U C "O3'" 1 
ATOM 1058 C "C2'" . U A 1 50 ? -11.459 23.109  1.590   1.00 79.34  ? 54 U C "C2'" 1 
ATOM 1059 O "O2'" . U A 1 50 ? -12.854 23.164  1.565   1.00 79.34  ? 54 U C "O2'" 1 
ATOM 1060 C "C1'" . U A 1 50 ? -10.993 22.182  0.480   1.00 78.22  ? 54 U C "C1'" 1 
ATOM 1061 N N1    . U A 1 50 ? -9.610  21.757  0.697   1.00 20.00  ? 54 U C N1    1 
ATOM 1062 C C2    . U A 1 50 ? -9.409  20.463  1.103   1.00 20.00  ? 54 U C C2    1 
ATOM 1063 O O2    . U A 1 50 ? -10.313 19.669  1.238   1.00 20.00  ? 54 U C O2    1 
ATOM 1064 N N3    . U A 1 50 ? -8.105  20.124  1.324   1.00 20.00  ? 54 U C N3    1 
ATOM 1065 C C4    . U A 1 50 ? -7.004  20.929  1.192   1.00 20.00  ? 54 U C C4    1 
ATOM 1066 O O4    . U A 1 50 ? -5.891  20.468  1.427   1.00 20.00  ? 54 U C O4    1 
ATOM 1067 C C5    . U A 1 50 ? -7.294  22.264  0.786   1.00 20.00  ? 54 U C C5    1 
ATOM 1068 C C6    . U A 1 50 ? -8.558  22.625  0.566   1.00 20.00  ? 54 U C C6    1 
ATOM 1069 P P     . U A 1 51 ? -10.763 26.268  2.865   1.00 76.88  ? 55 U C P     1 
ATOM 1070 O OP1   . U A 1 51 ? -11.583 27.349  3.381   1.00 78.59  ? 55 U C OP1   1 
ATOM 1071 O OP2   . U A 1 51 ? -9.449  26.546  2.320   1.00 75.20  ? 55 U C OP2   1 
ATOM 1072 O "O5'" . U A 1 51 ? -10.576 25.164  3.980   1.00 78.76  ? 55 U C "O5'" 1 
ATOM 1073 C "C5'" . U A 1 51 ? -11.712 24.629  4.658   1.00 77.93  ? 55 U C "C5'" 1 
ATOM 1074 C "C4'" . U A 1 51 ? -11.278 23.590  5.658   1.00 78.66  ? 55 U C "C4'" 1 
ATOM 1075 O "O4'" . U A 1 51 ? -10.618 22.501  4.982   1.00 79.49  ? 55 U C "O4'" 1 
ATOM 1076 C "C3'" . U A 1 51 ? -10.256 23.994  6.693   1.00 78.23  ? 55 U C "C3'" 1 
ATOM 1077 O "O3'" . U A 1 51 ? -10.892 24.646  7.763   1.00 77.17  ? 55 U C "O3'" 1 
ATOM 1078 C "C2'" . U A 1 51 ? -9.838  22.631  7.188   1.00 79.34  ? 55 U C "C2'" 1 
ATOM 1079 O "O2'" . U A 1 51 ? -10.944 22.010  7.786   1.00 79.34  ? 55 U C "O2'" 1 
ATOM 1080 C "C1'" . U A 1 51 ? -9.716  21.883  5.871   1.00 78.22  ? 55 U C "C1'" 1 
ATOM 1081 N N1    . U A 1 51 ? -8.374  21.988  5.296   1.00 20.00  ? 55 U C N1    1 
ATOM 1082 C C2    . U A 1 51 ? -7.549  20.891  5.385   1.00 20.00  ? 55 U C C2    1 
ATOM 1083 O O2    . U A 1 51 ? -7.884  19.849  5.919   1.00 20.00  ? 55 U C O2    1 
ATOM 1084 N N3    . U A 1 51 ? -6.314  21.059  4.828   1.00 20.00  ? 55 U C N3    1 
ATOM 1085 C C4    . U A 1 51 ? -5.824  22.182  4.215   1.00 20.00  ? 55 U C C4    1 
ATOM 1086 O O4    . U A 1 51 ? -4.683  22.172  3.765   1.00 20.00  ? 55 U C O4    1 
ATOM 1087 C C5    . U A 1 51 ? -6.736  23.276  4.163   1.00 20.00  ? 55 U C C5    1 
ATOM 1088 C C6    . U A 1 51 ? -7.951  23.144  4.692   1.00 20.00  ? 55 U C C6    1 
ATOM 1089 P P     . A A 1 52 ? -10.272 25.994  8.269   1.00 229.85 ? 56 A C P     1 
ATOM 1090 O OP1   . A A 1 52 ? -11.284 26.698  9.032   1.00 229.47 ? 56 A C OP1   1 
ATOM 1091 O OP2   . A A 1 52 ? -9.657  26.645  7.142   1.00 229.87 ? 56 A C OP2   1 
ATOM 1092 O "O5'" . A A 1 52 ? -9.027  25.554  9.149   1.00 231.08 ? 56 A C "O5'" 1 
ATOM 1093 C "C5'" . A A 1 52 ? -7.805  26.311  9.124   1.00 232.26 ? 56 A C "C5'" 1 
ATOM 1094 C "C4'" . A A 1 52 ? -6.742  25.698  10.018  1.00 233.29 ? 56 A C "C4'" 1 
ATOM 1095 O "O4'" . A A 1 52 ? -7.230  25.600  11.376  1.00 233.69 ? 56 A C "O4'" 1 
ATOM 1096 C "C3'" . A A 1 52 ? -6.213  24.316  9.641   1.00 234.03 ? 56 A C "C3'" 1 
ATOM 1097 O "O3'" . A A 1 52 ? -4.990  24.533  8.947   1.00 235.50 ? 56 A C "O3'" 1 
ATOM 1098 C "C2'" . A A 1 52 ? -5.931  23.675  10.994  1.00 233.70 ? 56 A C "C2'" 1 
ATOM 1099 O "O2'" . A A 1 52 ? -4.714  24.052  11.574  1.00 233.08 ? 56 A C "O2'" 1 
ATOM 1100 C "C1'" . A A 1 52 ? -6.987  24.315  11.882  1.00 233.72 ? 56 A C "C1'" 1 
ATOM 1101 N N9    . A A 1 52 ? -8.234  23.578  11.832  1.00 20.00  ? 56 A C N9    1 
ATOM 1102 C C8    . A A 1 52 ? -9.427  23.964  11.287  1.00 20.00  ? 56 A C C8    1 
ATOM 1103 N N7    . A A 1 52 ? -10.366 23.060  11.384  1.00 20.00  ? 56 A C N7    1 
ATOM 1104 C C5    . A A 1 52 ? -9.745  22.005  12.029  1.00 20.00  ? 56 A C C5    1 
ATOM 1105 C C6    . A A 1 52 ? -10.201 20.742  12.420  1.00 20.00  ? 56 A C C6    1 
ATOM 1106 N N6    . A A 1 52 ? -11.442 20.308  12.211  1.00 20.00  ? 56 A C N6    1 
ATOM 1107 N N1    . A A 1 52 ? -9.335  19.933  13.060  1.00 20.00  ? 56 A C N1    1 
ATOM 1108 C C2    . A A 1 52 ? -8.094  20.375  13.277  1.00 20.00  ? 56 A C C2    1 
ATOM 1109 N N3    . A A 1 52 ? -7.541  21.533  12.937  1.00 20.00  ? 56 A C N3    1 
ATOM 1110 C C4    . A A 1 52 ? -8.442  22.327  12.344  1.00 20.00  ? 56 A C C4    1 
ATOM 1111 P P     . G A 1 53 ? -4.529  23.555  7.812   1.00 236.87 ? 57 G C P     1 
ATOM 1112 O OP1   . G A 1 53 ? -3.201  23.992  7.311   1.00 236.65 ? 57 G C OP1   1 
ATOM 1113 O OP2   . G A 1 53 ? -5.665  23.423  6.864   1.00 237.07 ? 57 G C OP2   1 
ATOM 1114 O "O5'" . G A 1 53 ? -4.344  22.169  8.576   1.00 237.57 ? 57 G C "O5'" 1 
ATOM 1115 C "C5'" . G A 1 53 ? -3.104  21.848  9.232   1.00 237.96 ? 57 G C "C5'" 1 
ATOM 1116 C "C4'" . G A 1 53 ? -3.109  20.408  9.686   1.00 237.93 ? 57 G C "C4'" 1 
ATOM 1117 O "O4'" . G A 1 53 ? -4.085  20.243  10.750  1.00 237.87 ? 57 G C "O4'" 1 
ATOM 1118 C "C3'" . G A 1 53 ? -3.497  19.385  8.628   1.00 237.95 ? 57 G C "C3'" 1 
ATOM 1119 O "O3'" . G A 1 53 ? -2.352  18.959  7.900   1.00 238.66 ? 57 G C "O3'" 1 
ATOM 1120 C "C2'" . G A 1 53 ? -4.062  18.244  9.468   1.00 237.73 ? 57 G C "C2'" 1 
ATOM 1121 O "O2'" . G A 1 53 ? -3.067  17.388  9.990   1.00 237.38 ? 57 G C "O2'" 1 
ATOM 1122 C "C1'" . G A 1 53 ? -4.760  19.007  10.595  1.00 237.88 ? 57 G C "C1'" 1 
ATOM 1123 N N9    . G A 1 53 ? -6.167  19.285  10.324  1.00 238.31 ? 57 G C N9    1 
ATOM 1124 C C8    . G A 1 53 ? -6.721  20.493  9.974   1.00 238.65 ? 57 G C C8    1 
ATOM 1125 N N7    . G A 1 53 ? -8.012  20.433  9.796   1.00 238.53 ? 57 G C N7    1 
ATOM 1126 C C5    . G A 1 53 ? -8.331  19.105  10.043  1.00 238.41 ? 57 G C C5    1 
ATOM 1127 C C6    . G A 1 53 ? -9.587  18.436  10.005  1.00 238.25 ? 57 G C C6    1 
ATOM 1128 O O6    . G A 1 53 ? -10.701 18.903  9.737   1.00 238.28 ? 57 G C O6    1 
ATOM 1129 N N1    . G A 1 53 ? -9.460  17.087  10.323  1.00 238.04 ? 57 G C N1    1 
ATOM 1130 C C2    . G A 1 53 ? -8.278  16.461  10.638  1.00 237.84 ? 57 G C C2    1 
ATOM 1131 N N2    . G A 1 53 ? -8.359  15.151  10.916  1.00 237.86 ? 57 G C N2    1 
ATOM 1132 N N3    . G A 1 53 ? -7.102  17.071  10.677  1.00 237.96 ? 57 G C N3    1 
ATOM 1133 C C4    . G A 1 53 ? -7.202  18.383  10.371  1.00 238.27 ? 57 G C C4    1 
ATOM 1134 P P     . A A 1 54 ? -2.489  18.545  6.360   1.00 239.22 ? 58 A C P     1 
ATOM 1135 O OP1   . A A 1 54 ? -1.207  17.929  5.934   1.00 239.23 ? 58 A C OP1   1 
ATOM 1136 O OP2   . A A 1 54 ? -3.026  19.712  5.616   1.00 239.32 ? 58 A C OP2   1 
ATOM 1137 O "O5'" . A A 1 54 ? -3.605  17.408  6.390   1.00 240.45 ? 58 A C "O5'" 1 
ATOM 1138 C "C5'" . A A 1 54 ? -3.319  16.104  6.933   1.00 241.47 ? 58 A C "C5'" 1 
ATOM 1139 C "C4'" . A A 1 54 ? -3.359  15.063  5.840   1.00 241.96 ? 58 A C "C4'" 1 
ATOM 1140 O "O4'" . A A 1 54 ? -4.745  14.761  5.518   1.00 242.71 ? 58 A C "O4'" 1 
ATOM 1141 C "C3'" . A A 1 54 ? -2.698  15.464  4.523   1.00 241.89 ? 58 A C "C3'" 1 
ATOM 1142 O "O3'" . A A 1 54 ? -2.091  14.337  3.902   1.00 240.96 ? 58 A C "O3'" 1 
ATOM 1143 C "C2'" . A A 1 54 ? -3.873  15.974  3.697   1.00 242.35 ? 58 A C "C2'" 1 
ATOM 1144 O "O2'" . A A 1 54 ? -3.668  15.864  2.303   1.00 242.08 ? 58 A C "O2'" 1 
ATOM 1145 C "C1'" . A A 1 54 ? -4.989  15.036  4.153   1.00 243.13 ? 58 A C "C1'" 1 
ATOM 1146 N N9    . A A 1 54 ? -6.324  15.620  4.035   1.00 243.90 ? 58 A C N9    1 
ATOM 1147 C C8    . A A 1 54 ? -6.651  16.924  3.760   1.00 244.53 ? 58 A C C8    1 
ATOM 1148 N N7    . A A 1 54 ? -7.942  17.149  3.719   1.00 244.67 ? 58 A C N7    1 
ATOM 1149 C C5    . A A 1 54 ? -8.504  15.908  3.985   1.00 244.16 ? 58 A C C5    1 
ATOM 1150 C C6    . A A 1 54 ? -9.838  15.476  4.085   1.00 243.97 ? 58 A C C6    1 
ATOM 1151 N N6    . A A 1 54 ? -10.891 16.279  3.919   1.00 244.13 ? 58 A C N6    1 
ATOM 1152 N N1    . A A 1 54 ? -10.056 14.172  4.363   1.00 243.60 ? 58 A C N1    1 
ATOM 1153 C C2    . A A 1 54 ? -8.999  13.367  4.529   1.00 243.38 ? 58 A C C2    1 
ATOM 1154 N N3    . A A 1 54 ? -7.701  13.655  4.460   1.00 243.49 ? 58 A C N3    1 
ATOM 1155 C C4    . A A 1 54 ? -7.519  14.957  4.182   1.00 243.81 ? 58 A C C4    1 
ATOM 1156 P P     . U A 1 55 ? -0.552  13.999  4.186   1.00 240.27 ? 59 U C P     1 
ATOM 1157 O OP1   . U A 1 55 ? -0.380  13.832  5.651   1.00 240.19 ? 59 U C OP1   1 
ATOM 1158 O OP2   . U A 1 55 ? 0.278   14.991  3.456   1.00 240.57 ? 59 U C OP2   1 
ATOM 1159 O "O5'" . U A 1 55 ? -0.364  12.577  3.494   1.00 240.67 ? 59 U C "O5'" 1 
ATOM 1160 C "C5'" . U A 1 55 ? -0.857  11.378  4.121   1.00 240.92 ? 59 U C "C5'" 1 
ATOM 1161 C "C4'" . U A 1 55 ? -1.242  10.361  3.073   1.00 241.04 ? 59 U C "C4'" 1 
ATOM 1162 O "O4'" . U A 1 55 ? -1.029  9.023   3.603   1.00 241.50 ? 59 U C "O4'" 1 
ATOM 1163 C "C3'" . U A 1 55 ? -2.698  10.405  2.623   1.00 240.70 ? 59 U C "C3'" 1 
ATOM 1164 O "O3'" . U A 1 55 ? -2.842  11.231  1.474   1.00 239.41 ? 59 U C "O3'" 1 
ATOM 1165 C "C2'" . U A 1 55 ? -2.986  8.946   2.286   1.00 241.14 ? 59 U C "C2'" 1 
ATOM 1166 O "O2'" . U A 1 55 ? -2.554  8.575   0.992   1.00 241.11 ? 59 U C "O2'" 1 
ATOM 1167 C "C1'" . U A 1 55 ? -2.169  8.222   3.354   1.00 241.73 ? 59 U C "C1'" 1 
ATOM 1168 N N1    . U A 1 55 ? -2.894  8.043   4.620   1.00 20.00  ? 59 U C N1    1 
ATOM 1169 C C2    . U A 1 55 ? -4.070  7.319   4.588   1.00 20.00  ? 59 U C C2    1 
ATOM 1170 O O2    . U A 1 55 ? -4.520  6.832   3.566   1.00 20.00  ? 59 U C O2    1 
ATOM 1171 N N3    . U A 1 55 ? -4.699  7.188   5.801   1.00 20.00  ? 59 U C N3    1 
ATOM 1172 C C4    . U A 1 55 ? -4.285  7.694   7.015   1.00 20.00  ? 59 U C C4    1 
ATOM 1173 O O4    . U A 1 55 ? -4.966  7.488   8.022   1.00 20.00  ? 59 U C O4    1 
ATOM 1174 C C5    . U A 1 55 ? -3.060  8.431   6.965   1.00 20.00  ? 59 U C C5    1 
ATOM 1175 C C6    . U A 1 55 ? -2.422  8.577   5.798   1.00 20.00  ? 59 U C C6    1 
ATOM 1176 P P     . U A 1 56 ? -4.212  12.016  1.219   1.00 237.86 ? 60 U C P     1 
ATOM 1177 O OP1   . U A 1 56 ? -3.981  13.008  0.140   1.00 238.25 ? 60 U C OP1   1 
ATOM 1178 O OP2   . U A 1 56 ? -4.734  12.469  2.534   1.00 237.54 ? 60 U C OP2   1 
ATOM 1179 O "O5'" . U A 1 56 ? -5.177  10.881  0.658   1.00 237.15 ? 60 U C "O5'" 1 
ATOM 1180 C "C5'" . U A 1 56 ? -6.565  11.155  0.388   1.00 236.35 ? 60 U C "C5'" 1 
ATOM 1181 C "C4'" . U A 1 56 ? -7.417  9.971   0.776   1.00 236.14 ? 60 U C "C4'" 1 
ATOM 1182 O "O4'" . U A 1 56 ? -6.899  9.392   2.006   1.00 235.92 ? 60 U C "O4'" 1 
ATOM 1183 C "C3'" . U A 1 56 ? -8.885  10.280  1.046   1.00 235.84 ? 60 U C "C3'" 1 
ATOM 1184 O "O3'" . U A 1 56 ? -9.709  9.177   0.684   1.00 235.77 ? 60 U C "O3'" 1 
ATOM 1185 C "C2'" . U A 1 56 ? -8.905  10.514  2.552   1.00 235.77 ? 60 U C "C2'" 1 
ATOM 1186 O "O2'" . U A 1 56 ? -10.163 10.254  3.141   1.00 235.62 ? 60 U C "O2'" 1 
ATOM 1187 C "C1'" . U A 1 56 ? -7.868  9.498   3.031   1.00 235.54 ? 60 U C "C1'" 1 
ATOM 1188 N N1    . U A 1 56 ? -7.186  9.904   4.267   1.00 20.00  ? 60 U C N1    1 
ATOM 1189 C C2    . U A 1 56 ? -7.528  9.252   5.435   1.00 20.00  ? 60 U C C2    1 
ATOM 1190 O O2    . U A 1 56 ? -8.364  8.365   5.478   1.00 20.00  ? 60 U C O2    1 
ATOM 1191 N N3    . U A 1 56 ? -6.854  9.679   6.551   1.00 20.00  ? 60 U C N3    1 
ATOM 1192 C C4    . U A 1 56 ? -5.894  10.667  6.622   1.00 20.00  ? 60 U C C4    1 
ATOM 1193 O O4    . U A 1 56 ? -5.378  10.935  7.708   1.00 20.00  ? 60 U C O4    1 
ATOM 1194 C C5    . U A 1 56 ? -5.595  11.293  5.371   1.00 20.00  ? 60 U C C5    1 
ATOM 1195 C C6    . U A 1 56 ? -6.236  10.900  4.264   1.00 20.00  ? 60 U C C6    1 
ATOM 1196 P P     . C A 1 57 ? -11.176 9.235   0.183   1.00 235.67 ? 61 C C P     1 
ATOM 1197 O OP1   . C A 1 57 ? -11.883 8.067   0.702   1.00 235.71 ? 61 C C OP1   1 
ATOM 1198 O OP2   . C A 1 57 ? -11.135 9.473   -1.250  1.00 235.91 ? 61 C C OP2   1 
ATOM 1199 O "O5'" . C A 1 57 ? -11.792 10.504  0.876   1.00 236.34 ? 61 C C "O5'" 1 
ATOM 1200 C "C5'" . C A 1 57 ? -13.191 10.698  0.761   1.00 236.68 ? 61 C C "C5'" 1 
ATOM 1201 C "C4'" . C A 1 57 ? -13.464 12.147  0.529   1.00 237.12 ? 61 C C "C4'" 1 
ATOM 1202 O "O4'" . C A 1 57 ? -12.634 12.928  1.410   1.00 237.16 ? 61 C C "O4'" 1 
ATOM 1203 C "C3'" . C A 1 57 ? -13.086 12.694  -0.826  1.00 237.47 ? 61 C C "C3'" 1 
ATOM 1204 O "O3'" . C A 1 57 ? -14.059 12.355  -1.798  1.00 237.61 ? 61 C C "O3'" 1 
ATOM 1205 C "C2'" . C A 1 57 ? -13.079 14.181  -0.524  1.00 237.45 ? 61 C C "C2'" 1 
ATOM 1206 O "O2'" . C A 1 57 ? -14.378 14.687  -0.389  1.00 237.63 ? 61 C C "O2'" 1 
ATOM 1207 C "C1'" . C A 1 57 ? -12.444 14.205  0.854   1.00 237.31 ? 61 C C "C1'" 1 
ATOM 1208 N N1    . C A 1 57 ? -11.021 14.452  0.745   1.00 237.47 ? 61 C C N1    1 
ATOM 1209 C C2    . C A 1 57 ? -10.601 15.746  0.484   1.00 237.42 ? 61 C C C2    1 
ATOM 1210 O O2    . C A 1 57 ? -11.448 16.637  0.390   1.00 237.30 ? 61 C C O2    1 
ATOM 1211 N N3    . C A 1 57 ? -9.285  16.001  0.349   1.00 237.33 ? 61 C C N3    1 
ATOM 1212 C C4    . C A 1 57 ? -8.404  15.009  0.460   1.00 237.58 ? 61 C C C4    1 
ATOM 1213 N N4    . C A 1 57 ? -7.113  15.306  0.329   1.00 237.39 ? 61 C C N4    1 
ATOM 1214 C C5    . C A 1 57 ? -8.806  13.672  0.711   1.00 237.78 ? 61 C C C5    1 
ATOM 1215 C C6    . C A 1 57 ? -10.114 13.438  0.838   1.00 237.73 ? 61 C C C6    1 
ATOM 1216 P P     . C A 1 58 ? -13.629 11.845  -3.235  1.00 237.53 ? 62 C C P     1 
ATOM 1217 O OP1   . C A 1 58 ? -14.504 10.733  -3.614  1.00 237.72 ? 62 C C OP1   1 
ATOM 1218 O OP2   . C A 1 58 ? -12.179 11.642  -3.250  1.00 237.70 ? 62 C C OP2   1 
ATOM 1219 O "O5'" . C A 1 58 ? -13.965 13.093  -4.150  1.00 238.05 ? 62 C C "O5'" 1 
ATOM 1220 C "C5'" . C A 1 58 ? -14.509 14.277  -3.578  1.00 238.71 ? 62 C C "C5'" 1 
ATOM 1221 C "C4'" . C A 1 58 ? -14.072 15.487  -4.357  1.00 239.14 ? 62 C C "C4'" 1 
ATOM 1222 O "O4'" . C A 1 58 ? -13.283 16.384  -3.534  1.00 239.55 ? 62 C C "O4'" 1 
ATOM 1223 C "C3'" . C A 1 58 ? -13.206 15.228  -5.567  1.00 239.51 ? 62 C C "C3'" 1 
ATOM 1224 O "O3'" . C A 1 58 ? -14.100 14.774  -6.567  1.00 239.49 ? 62 C C "O3'" 1 
ATOM 1225 C "C2'" . C A 1 58 ? -12.576 16.595  -5.739  1.00 239.87 ? 62 C C "C2'" 1 
ATOM 1226 O "O2'" . C A 1 58 ? -13.532 17.549  -6.125  1.00 240.17 ? 62 C C "O2'" 1 
ATOM 1227 C "C1'" . C A 1 58 ? -12.223 16.919  -4.295  1.00 240.04 ? 62 C C "C1'" 1 
ATOM 1228 N N1    . C A 1 58 ? -10.992 16.251  -3.880  1.00 20.00  ? 62 C C N1    1 
ATOM 1229 C C2    . C A 1 58 ? -9.785  16.922  -4.011  1.00 20.00  ? 62 C C C2    1 
ATOM 1230 O O2    . C A 1 58 ? -9.789  18.080  -4.439  1.00 20.00  ? 62 C C O2    1 
ATOM 1231 N N3    . C A 1 58 ? -8.644  16.301  -3.655  1.00 20.00  ? 62 C C N3    1 
ATOM 1232 C C4    . C A 1 58 ? -8.685  15.059  -3.177  1.00 20.00  ? 62 C C C4    1 
ATOM 1233 N N4    . C A 1 58 ? -7.535  14.488  -2.823  1.00 20.00  ? 62 C C N4    1 
ATOM 1234 C C5    . C A 1 58 ? -9.906  14.351  -3.029  1.00 20.00  ? 62 C C C5    1 
ATOM 1235 C C6    . C A 1 58 ? -11.025 14.976  -3.397  1.00 20.00  ? 62 C C C6    1 
ATOM 1236 P P     . C A 1 59 ? -13.591 14.399  -7.986  1.00 239.15 ? 63 C C P     1 
ATOM 1237 O OP1   . C A 1 59 ? -14.592 13.544  -8.624  1.00 239.22 ? 63 C C OP1   1 
ATOM 1238 O OP2   . C A 1 59 ? -12.235 13.899  -7.840  1.00 239.13 ? 63 C C OP2   1 
ATOM 1239 O "O5'" . C A 1 59 ? -13.558 15.817  -8.694  1.00 240.71 ? 63 C C "O5'" 1 
ATOM 1240 C "C5'" . C A 1 59 ? -13.065 15.955  -10.021 1.00 242.31 ? 63 C C "C5'" 1 
ATOM 1241 C "C4'" . C A 1 59 ? -12.010 17.030  -10.110 1.00 243.93 ? 63 C C "C4'" 1 
ATOM 1242 O "O4'" . C A 1 59 ? -11.338 17.226  -8.842  1.00 244.72 ? 63 C C "O4'" 1 
ATOM 1243 C "C3'" . C A 1 59 ? -10.846 16.700  -11.010 1.00 245.64 ? 63 C C "C3'" 1 
ATOM 1244 O "O3'" . C A 1 59 ? -11.185 16.642  -12.373 1.00 248.96 ? 63 C C "O3'" 1 
ATOM 1245 C "C2'" . C A 1 59 ? -9.856  17.758  -10.585 1.00 245.48 ? 63 C C "C2'" 1 
ATOM 1246 O "O2'" . C A 1 59 ? -10.307 19.034  -10.949 1.00 244.24 ? 63 C C "O2'" 1 
ATOM 1247 C "C1'" . C A 1 59 ? -10.013 17.672  -9.076  1.00 245.71 ? 63 C C "C1'" 1 
ATOM 1248 N N1    . C A 1 59 ? -9.065  16.723  -8.475  1.00 20.00  ? 63 C C N1    1 
ATOM 1249 C C2    . C A 1 59 ? -7.712  16.999  -8.609  1.00 20.00  ? 63 C C C2    1 
ATOM 1250 O O2    . C A 1 59 ? -7.376  18.034  -9.186  1.00 20.00  ? 63 C C O2    1 
ATOM 1251 N N3    . C A 1 59 ? -6.807  16.177  -8.040  1.00 20.00  ? 63 C C N3    1 
ATOM 1252 C C4    . C A 1 59 ? -7.213  15.079  -7.408  1.00 20.00  ? 63 C C C4    1 
ATOM 1253 N N4    . C A 1 59 ? -6.282  14.282  -6.885  1.00 20.00  ? 63 C C N4    1 
ATOM 1254 C C5    . C A 1 59 ? -8.593  14.756  -7.276  1.00 20.00  ? 63 C C C5    1 
ATOM 1255 C C6    . C A 1 59 ? -9.477  15.596  -7.827  1.00 20.00  ? 63 C C C6    1 
ATOM 1256 P P     . G A 1 60 ? -10.935 15.310  -13.136 1.00 251.92 ? 64 G C P     1 
ATOM 1257 O OP1   . G A 1 60 ? -11.869 15.244  -14.251 1.00 251.56 ? 64 G C OP1   1 
ATOM 1258 O OP2   . G A 1 60 ? -10.972 14.235  -12.151 1.00 251.89 ? 64 G C OP2   1 
ATOM 1259 O "O5'" . G A 1 60 ? -9.453  15.526  -13.666 1.00 255.81 ? 64 G C "O5'" 1 
ATOM 1260 C "C5'" . G A 1 60 ? -8.958  16.870  -13.826 1.00 259.88 ? 64 G C "C5'" 1 
ATOM 1261 C "C4'" . G A 1 60 ? -7.460  16.976  -13.642 1.00 262.66 ? 64 G C "C4'" 1 
ATOM 1262 O "O4'" . G A 1 60 ? -7.039  16.707  -12.282 1.00 263.58 ? 64 G C "O4'" 1 
ATOM 1263 C "C3'" . G A 1 60 ? -6.581  15.999  -14.372 1.00 264.73 ? 64 G C "C3'" 1 
ATOM 1264 O "O3'" . G A 1 60 ? -6.631  16.284  -15.739 1.00 267.41 ? 64 G C "O3'" 1 
ATOM 1265 C "C2'" . G A 1 60 ? -5.248  16.348  -13.747 1.00 264.74 ? 64 G C "C2'" 1 
ATOM 1266 O "O2'" . G A 1 60 ? -4.962  17.684  -14.077 1.00 264.96 ? 64 G C "O2'" 1 
ATOM 1267 C "C1'" . G A 1 60 ? -5.641  16.435  -12.276 1.00 264.30 ? 64 G C "C1'" 1 
ATOM 1268 N N9    . G A 1 60 ? -5.401  15.210  -11.516 1.00 20.00  ? 64 G C N9    1 
ATOM 1269 C C8    . G A 1 60 ? -6.274  14.165  -11.356 1.00 20.00  ? 64 G C C8    1 
ATOM 1270 N N7    . G A 1 60 ? -5.795  13.205  -10.614 1.00 20.00  ? 64 G C N7    1 
ATOM 1271 C C5    . G A 1 60 ? -4.513  13.626  -10.292 1.00 20.00  ? 64 G C C5    1 
ATOM 1272 C C6    . G A 1 60 ? -3.509  13.002  -9.493  1.00 20.00  ? 64 G C C6    1 
ATOM 1273 O O6    . G A 1 60 ? -3.551  11.909  -8.916  1.00 20.00  ? 64 G C O6    1 
ATOM 1274 N N1    . G A 1 60 ? -2.372  13.795  -9.386  1.00 20.00  ? 64 G C N1    1 
ATOM 1275 C C2    . G A 1 60 ? -2.214  15.025  -9.972  1.00 20.00  ? 64 G C C2    1 
ATOM 1276 N N2    . G A 1 60 ? -1.039  15.633  -9.750  1.00 20.00  ? 64 G C N2    1 
ATOM 1277 N N3    . G A 1 60 ? -3.141  15.619  -10.714 1.00 20.00  ? 64 G C N3    1 
ATOM 1278 C C4    . G A 1 60 ? -4.258  14.868  -10.830 1.00 20.00  ? 64 G C C4    1 
ATOM 1279 P P     . G A 1 61 ? -6.503  15.130  -16.760 1.00 269.49 ? 65 G C P     1 
ATOM 1280 O OP1   . G A 1 61 ? -5.818  15.664  -17.934 1.00 269.78 ? 65 G C OP1   1 
ATOM 1281 O OP2   . G A 1 61 ? -7.794  14.445  -16.877 1.00 269.36 ? 65 G C OP2   1 
ATOM 1282 O "O5'" . G A 1 61 ? -5.529  14.115  -16.046 1.00 270.43 ? 65 G C "O5'" 1 
ATOM 1283 C "C5'" . G A 1 61 ? -4.888  13.097  -16.827 1.00 271.57 ? 65 G C "C5'" 1 
ATOM 1284 C "C4'" . G A 1 61 ? -3.392  13.125  -16.641 1.00 272.69 ? 65 G C "C4'" 1 
ATOM 1285 O "O4'" . G A 1 61 ? -3.032  13.769  -15.379 1.00 272.98 ? 65 G C "O4'" 1 
ATOM 1286 C "C3'" . G A 1 61 ? -2.713  11.769  -16.576 1.00 273.53 ? 65 G C "C3'" 1 
ATOM 1287 O "O3'" . G A 1 61 ? -2.469  11.317  -17.905 1.00 275.21 ? 65 G C "O3'" 1 
ATOM 1288 C "C2'" . G A 1 61 ? -1.463  12.149  -15.802 1.00 273.28 ? 65 G C "C2'" 1 
ATOM 1289 O "O2'" . G A 1 61 ? -0.646  13.005  -16.568 1.00 272.92 ? 65 G C "O2'" 1 
ATOM 1290 C "C1'" . G A 1 61 ? -2.079  12.983  -14.696 1.00 273.01 ? 65 G C "C1'" 1 
ATOM 1291 N N9    . G A 1 61 ? -2.784  12.155  -13.726 1.00 272.97 ? 65 G C N9    1 
ATOM 1292 C C8    . G A 1 61 ? -4.138  12.122  -13.509 1.00 272.79 ? 65 G C C8    1 
ATOM 1293 N N7    . G A 1 61 ? -4.489  11.248  -12.607 1.00 272.67 ? 65 G C N7    1 
ATOM 1294 C C5    . G A 1 61 ? -3.294  10.687  -12.187 1.00 272.72 ? 65 G C C5    1 
ATOM 1295 C C6    . G A 1 61 ? -3.040  9.702   -11.196 1.00 272.48 ? 65 G C C6    1 
ATOM 1296 O O6    . G A 1 61 ? -3.850  9.089   -10.495 1.00 271.98 ? 65 G C O6    1 
ATOM 1297 N N1    . G A 1 61 ? -1.688  9.400   -11.107 1.00 272.17 ? 65 G C N1    1 
ATOM 1298 C C2    . G A 1 61 ? -0.700  9.997   -11.849 1.00 272.58 ? 65 G C C2    1 
ATOM 1299 N N2    . G A 1 61 ? 0.552   9.583   -11.597 1.00 272.07 ? 65 G C N2    1 
ATOM 1300 N N3    . G A 1 61 ? -0.920  10.931  -12.765 1.00 273.02 ? 65 G C N3    1 
ATOM 1301 C C4    . G A 1 61 ? -2.233  11.226  -12.879 1.00 273.01 ? 65 G C C4    1 
ATOM 1302 P P     . G A 1 62 ? -2.764  9.785   -18.423 1.00 276.62 ? 66 G C P     1 
ATOM 1303 O OP1   . G A 1 62 ? -2.477  9.860   -19.878 1.00 277.10 ? 66 G C OP1   1 
ATOM 1304 O OP2   . G A 1 62 ? -4.092  9.311   -17.960 1.00 276.66 ? 66 G C OP2   1 
ATOM 1305 O "O5'" . G A 1 62 ? -1.641  8.891   -17.736 1.00 278.34 ? 66 G C "O5'" 1 
ATOM 1306 C "C5'" . G A 1 62 ? -0.342  9.437   -17.434 1.00 280.20 ? 66 G C "C5'" 1 
ATOM 1307 C "C4'" . G A 1 62 ? 0.518   8.395   -16.762 1.00 281.61 ? 66 G C "C4'" 1 
ATOM 1308 O "O4'" . G A 1 62 ? 0.462   8.581   -15.322 1.00 282.02 ? 66 G C "O4'" 1 
ATOM 1309 C "C3'" . G A 1 62 ? 0.100   6.951   -16.997 1.00 282.97 ? 66 G C "C3'" 1 
ATOM 1310 O "O3'" . G A 1 62 ? 0.722   6.442   -18.171 1.00 285.25 ? 66 G C "O3'" 1 
ATOM 1311 C "C2'" . G A 1 62 ? 0.622   6.252   -15.746 1.00 282.89 ? 66 G C "C2'" 1 
ATOM 1312 O "O2'" . G A 1 62 ? 1.993   5.920   -15.822 1.00 283.18 ? 66 G C "O2'" 1 
ATOM 1313 C "C1'" . G A 1 62 ? 0.387   7.321   -14.678 1.00 282.35 ? 66 G C "C1'" 1 
ATOM 1314 N N9    . G A 1 62 ? -0.916  7.217   -14.030 1.00 20.00  ? 66 G C N9    1 
ATOM 1315 C C8    . G A 1 62 ? -2.074  7.866   -14.387 1.00 20.00  ? 66 G C C8    1 
ATOM 1316 N N7    . G A 1 62 ? -3.085  7.572   -13.615 1.00 20.00  ? 66 G C N7    1 
ATOM 1317 C C5    . G A 1 62 ? -2.564  6.675   -12.693 1.00 20.00  ? 66 G C C5    1 
ATOM 1318 C C6    . G A 1 62 ? -3.190  6.007   -11.602 1.00 20.00  ? 66 G C C6    1 
ATOM 1319 O O6    . G A 1 62 ? -4.365  6.080   -11.226 1.00 20.00  ? 66 G C O6    1 
ATOM 1320 N N1    . G A 1 62 ? -2.295  5.185   -10.923 1.00 20.00  ? 66 G C N1    1 
ATOM 1321 C C2    . G A 1 62 ? -0.969  5.026   -11.249 1.00 20.00  ? 66 G C C2    1 
ATOM 1322 N N2    . G A 1 62 ? -0.266  4.187   -10.473 1.00 20.00  ? 66 G C N2    1 
ATOM 1323 N N3    . G A 1 62 ? -0.374  5.641   -12.262 1.00 20.00  ? 66 G C N3    1 
ATOM 1324 C C4    . G A 1 62 ? -1.226  6.446   -12.935 1.00 20.00  ? 66 G C C4    1 
ATOM 1325 P P     . G A 1 63 ? -0.156  6.141   -19.474 1.00 287.14 ? 67 G C P     1 
ATOM 1326 O OP1   . G A 1 63 ? 0.702   6.360   -20.666 1.00 287.62 ? 67 G C OP1   1 
ATOM 1327 O OP2   . G A 1 63 ? -1.437  6.880   -19.346 1.00 286.92 ? 67 G C OP2   1 
ATOM 1328 O "O5'" . G A 1 63 ? -0.457  4.582   -19.353 1.00 287.34 ? 67 G C "O5'" 1 
ATOM 1329 C "C5'" . G A 1 63 ? -1.199  4.057   -18.235 1.00 287.85 ? 67 G C "C5'" 1 
ATOM 1330 C "C4'" . G A 1 63 ? -0.256  3.449   -17.224 1.00 288.60 ? 67 G C "C4'" 1 
ATOM 1331 O "O4'" . G A 1 63 ? -0.038  4.397   -16.143 1.00 288.98 ? 67 G C "O4'" 1 
ATOM 1332 C "C3'" . G A 1 63 ? -0.745  2.165   -16.562 1.00 289.20 ? 67 G C "C3'" 1 
ATOM 1333 O "O3'" . G A 1 63 ? -0.260  1.025   -17.261 1.00 289.77 ? 67 G C "O3'" 1 
ATOM 1334 C "C2'" . G A 1 63 ? -0.137  2.254   -15.168 1.00 289.36 ? 67 G C "C2'" 1 
ATOM 1335 O "O2'" . G A 1 63 ? 1.206   1.816   -15.116 1.00 289.62 ? 67 G C "O2'" 1 
ATOM 1336 C "C1'" . G A 1 63 ? -0.223  3.754   -14.897 1.00 289.47 ? 67 G C "C1'" 1 
ATOM 1337 N N9    . G A 1 63 ? -1.513  4.172   -14.357 1.00 20.00  ? 67 G C N9    1 
ATOM 1338 C C8    . G A 1 63 ? -2.289  5.222   -14.785 1.00 20.00  ? 67 G C C8    1 
ATOM 1339 N N7    . G A 1 63 ? -3.396  5.351   -14.106 1.00 20.00  ? 67 G C N7    1 
ATOM 1340 C C5    . G A 1 63 ? -3.349  4.326   -13.173 1.00 20.00  ? 67 G C C5    1 
ATOM 1341 C C6    . G A 1 63 ? -4.277  3.961   -12.157 1.00 20.00  ? 67 G C C6    1 
ATOM 1342 O O6    . G A 1 63 ? -5.358  4.491   -11.874 1.00 20.00  ? 67 G C O6    1 
ATOM 1343 N N1    . G A 1 63 ? -3.837  2.857   -11.433 1.00 20.00  ? 67 G C N1    1 
ATOM 1344 C C2    . G A 1 63 ? -2.657  2.188   -11.657 1.00 20.00  ? 67 G C C2    1 
ATOM 1345 N N2    . G A 1 63 ? -2.408  1.144   -10.852 1.00 20.00  ? 67 G C N2    1 
ATOM 1346 N N3    . G A 1 63 ? -1.784  2.517   -12.599 1.00 20.00  ? 67 G C N3    1 
ATOM 1347 C C4    . G A 1 63 ? -2.191  3.588   -13.315 1.00 20.00  ? 67 G C C4    1 
ATOM 1348 P P     . U A 1 64 ? -1.253  0.157   -18.164 1.00 290.08 ? 68 U C P     1 
ATOM 1349 O OP1   . U A 1 64 ? -0.497  -0.320  -19.350 1.00 290.15 ? 68 U C OP1   1 
ATOM 1350 O OP2   . U A 1 64 ? -2.503  0.937   -18.355 1.00 290.12 ? 68 U C OP2   1 
ATOM 1351 O "O5'" . U A 1 64 ? -1.578  -1.097  -17.239 1.00 289.97 ? 68 U C "O5'" 1 
ATOM 1352 C "C5'" . U A 1 64 ? -0.645  -1.532  -16.231 1.00 289.66 ? 68 U C "C5'" 1 
ATOM 1353 C "C4'" . U A 1 64 ? -1.378  -2.228  -15.108 1.00 289.43 ? 68 U C "C4'" 1 
ATOM 1354 O "O4'" . U A 1 64 ? -1.637  -1.276  -14.041 1.00 288.80 ? 68 U C "O4'" 1 
ATOM 1355 C "C3'" . U A 1 64 ? -2.735  -2.814  -15.475 1.00 289.70 ? 68 U C "C3'" 1 
ATOM 1356 O "O3'" . U A 1 64 ? -2.599  -4.164  -15.904 1.00 291.32 ? 68 U C "O3'" 1 
ATOM 1357 C "C2'" . U A 1 64 ? -3.495  -2.732  -14.157 1.00 289.04 ? 68 U C "C2'" 1 
ATOM 1358 O "O2'" . U A 1 64 ? -3.209  -3.802  -13.279 1.00 289.42 ? 68 U C "O2'" 1 
ATOM 1359 C "C1'" . U A 1 64 ? -2.969  -1.417  -13.585 1.00 288.19 ? 68 U C "C1'" 1 
ATOM 1360 N N1    . U A 1 64 ? -3.733  -0.243  -14.029 1.00 20.00  ? 68 U C N1    1 
ATOM 1361 C C2    . U A 1 64 ? -4.870  0.091   -13.319 1.00 20.00  ? 68 U C C2    1 
ATOM 1362 O O2    . U A 1 64 ? -5.257  -0.544  -12.352 1.00 20.00  ? 68 U C O2    1 
ATOM 1363 N N3    . U A 1 64 ? -5.536  1.196   -13.785 1.00 20.00  ? 68 U C N3    1 
ATOM 1364 C C4    . U A 1 64 ? -5.195  1.986   -14.862 1.00 20.00  ? 68 U C C4    1 
ATOM 1365 O O4    . U A 1 64 ? -5.902  2.950   -15.155 1.00 20.00  ? 68 U C O4    1 
ATOM 1366 C C5    . U A 1 64 ? -4.007  1.575   -15.545 1.00 20.00  ? 68 U C C5    1 
ATOM 1367 C C6    . U A 1 64 ? -3.333  0.501   -15.115 1.00 20.00  ? 68 U C C6    1 
ATOM 1368 P P     . U A 1 65 ? -3.599  -4.756  -17.003 1.00 292.79 ? 69 U C P     1 
ATOM 1369 O OP1   . U A 1 65 ? -3.052  -6.056  -17.469 1.00 293.03 ? 69 U C OP1   1 
ATOM 1370 O OP2   . U A 1 65 ? -3.887  -3.685  -17.990 1.00 292.96 ? 69 U C OP2   1 
ATOM 1371 O "O5'" . U A 1 65 ? -4.924  -5.041  -16.166 1.00 293.15 ? 69 U C "O5'" 1 
ATOM 1372 C "C5'" . U A 1 65 ? -4.899  -5.917  -15.023 1.00 293.63 ? 69 U C "C5'" 1 
ATOM 1373 C "C4'" . U A 1 65 ? -6.169  -5.764  -14.219 1.00 293.76 ? 69 U C "C4'" 1 
ATOM 1374 O "O4'" . U A 1 65 ? -6.237  -4.414  -13.683 1.00 293.74 ? 69 U C "O4'" 1 
ATOM 1375 C "C3'" . U A 1 65 ? -7.464  -5.958  -14.994 1.00 293.92 ? 69 U C "C3'" 1 
ATOM 1376 O "O3'" . U A 1 65 ? -7.858  -7.325  -14.967 1.00 293.62 ? 69 U C "O3'" 1 
ATOM 1377 C "C2'" . U A 1 65 ? -8.446  -5.089  -14.217 1.00 293.96 ? 69 U C "C2'" 1 
ATOM 1378 O "O2'" . U A 1 65 ? -8.978  -5.732  -13.076 1.00 294.03 ? 69 U C "O2'" 1 
ATOM 1379 C "C1'" . U A 1 65 ? -7.557  -3.915  -13.806 1.00 293.99 ? 69 U C "C1'" 1 
ATOM 1380 N N1    . U A 1 65 ? -7.544  -2.821  -14.787 1.00 20.00  ? 69 U C N1    1 
ATOM 1381 C C2    . U A 1 65 ? -8.389  -1.751  -14.566 1.00 20.00  ? 69 U C C2    1 
ATOM 1382 O O2    . U A 1 65 ? -9.133  -1.682  -13.603 1.00 20.00  ? 69 U C O2    1 
ATOM 1383 N N3    . U A 1 65 ? -8.327  -0.764  -15.518 1.00 20.00  ? 69 U C N3    1 
ATOM 1384 C C4    . U A 1 65 ? -7.530  -0.734  -16.641 1.00 20.00  ? 69 U C C4    1 
ATOM 1385 O O4    . U A 1 65 ? -7.592  0.231   -17.404 1.00 20.00  ? 69 U C O4    1 
ATOM 1386 C C5    . U A 1 65 ? -6.684  -1.877  -16.799 1.00 20.00  ? 69 U C C5    1 
ATOM 1387 C C6    . U A 1 65 ? -6.719  -2.857  -15.888 1.00 20.00  ? 69 U C C6    1 
ATOM 1388 P P     . U A 1 66 ? -8.925  -7.872  -16.026 1.00 293.24 ? 70 U C P     1 
ATOM 1389 O OP1   . U A 1 66 ? -8.613  -9.299  -16.298 1.00 293.37 ? 70 U C OP1   1 
ATOM 1390 O OP2   . U A 1 66 ? -8.991  -6.906  -17.153 1.00 293.24 ? 70 U C OP2   1 
ATOM 1391 O "O5'" . U A 1 66 ? -10.298 -7.805  -15.221 1.00 291.62 ? 70 U C "O5'" 1 
ATOM 1392 C "C5'" . U A 1 66 ? -11.548 -7.599  -15.904 1.00 289.92 ? 70 U C "C5'" 1 
ATOM 1393 C "C4'" . U A 1 66 ? -12.584 -7.063  -14.946 1.00 288.53 ? 70 U C "C4'" 1 
ATOM 1394 O "O4'" . U A 1 66 ? -12.014 -5.955  -14.196 1.00 288.06 ? 70 U C "O4'" 1 
ATOM 1395 C "C3'" . U A 1 66 ? -13.855 -6.522  -15.589 1.00 287.59 ? 70 U C "C3'" 1 
ATOM 1396 O "O3'" . U A 1 66 ? -14.851 -7.535  -15.655 1.00 285.30 ? 70 U C "O3'" 1 
ATOM 1397 C "C2'" . U A 1 66 ? -14.269 -5.412  -14.629 1.00 287.75 ? 70 U C "C2'" 1 
ATOM 1398 O "O2'" . U A 1 66 ? -14.993 -5.882  -13.510 1.00 287.76 ? 70 U C "O2'" 1 
ATOM 1399 C "C1'" . U A 1 66 ? -12.911 -4.862  -14.199 1.00 287.69 ? 70 U C "C1'" 1 
ATOM 1400 N N1    . U A 1 66 ? -12.380 -3.835  -15.108 1.00 20.00  ? 70 U C N1    1 
ATOM 1401 C C2    . U A 1 66 ? -12.940 -2.574  -15.049 1.00 20.00  ? 70 U C C2    1 
ATOM 1402 O O2    . U A 1 66 ? -13.844 -2.286  -14.286 1.00 20.00  ? 70 U C O2    1 
ATOM 1403 N N3    . U A 1 66 ? -12.400 -1.664  -15.922 1.00 20.00  ? 70 U C N3    1 
ATOM 1404 C C4    . U A 1 66 ? -11.381 -1.876  -16.827 1.00 20.00  ? 70 U C C4    1 
ATOM 1405 O O4    . U A 1 66 ? -11.006 -0.949  -17.547 1.00 20.00  ? 70 U C O4    1 
ATOM 1406 C C5    . U A 1 66 ? -10.855 -3.207  -16.826 1.00 20.00  ? 70 U C C5    1 
ATOM 1407 C C6    . U A 1 66 ? -11.360 -4.119  -15.987 1.00 20.00  ? 70 U C C6    1 
ATOM 1408 P P     . C A 1 67 ? -15.202 -8.225  -17.055 1.00 283.00 ? 71 C C P     1 
ATOM 1409 O OP1   . C A 1 67 ? -15.821 -9.545  -16.776 1.00 282.88 ? 71 C C OP1   1 
ATOM 1410 O OP2   . C A 1 67 ? -13.998 -8.145  -17.921 1.00 282.85 ? 71 C C OP2   1 
ATOM 1411 O "O5'" . C A 1 67 ? -16.320 -7.264  -17.659 1.00 281.51 ? 71 C C "O5'" 1 
ATOM 1412 C "C5'" . C A 1 67 ? -15.975 -5.970  -18.190 1.00 279.86 ? 71 C C "C5'" 1 
ATOM 1413 C "C4'" . C A 1 67 ? -17.098 -4.991  -17.945 1.00 278.92 ? 71 C C "C4'" 1 
ATOM 1414 O "O4'" . C A 1 67 ? -16.610 -3.898  -17.116 1.00 279.49 ? 71 C C "O4'" 1 
ATOM 1415 C "C3'" . C A 1 67 ? -17.671 -4.320  -19.191 1.00 277.90 ? 71 C C "C3'" 1 
ATOM 1416 O "O3'" . C A 1 67 ? -18.634 -4.976  -20.037 1.00 274.30 ? 71 C C "O3'" 1 
ATOM 1417 C "C2'" . C A 1 67 ? -18.151 -2.976  -18.643 1.00 279.01 ? 71 C C "C2'" 1 
ATOM 1418 O "O2'" . C A 1 67 ? -19.336 -2.910  -17.875 1.00 279.18 ? 71 C C "O2'" 1 
ATOM 1419 C "C1'" . C A 1 67 ? -17.022 -2.656  -17.663 1.00 280.00 ? 71 C C "C1'" 1 
ATOM 1420 N N1    . C A 1 67 ? -15.858 -2.026  -18.301 1.00 20.00  ? 71 C C N1    1 
ATOM 1421 C C2    . C A 1 67 ? -15.952 -0.692  -18.709 1.00 20.00  ? 71 C C C2    1 
ATOM 1422 O O2    . C A 1 67 ? -17.015 -0.084  -18.522 1.00 20.00  ? 71 C C O2    1 
ATOM 1423 N N3    . C A 1 67 ? -14.886 -0.104  -19.296 1.00 20.00  ? 71 C C N3    1 
ATOM 1424 C C4    . C A 1 67 ? -13.758 -0.797  -19.480 1.00 20.00  ? 71 C C C4    1 
ATOM 1425 N N4    . C A 1 67 ? -12.731 -0.175  -20.064 1.00 20.00  ? 71 C C N4    1 
ATOM 1426 C C5    . C A 1 67 ? -13.635 -2.156  -19.073 1.00 20.00  ? 71 C C C5    1 
ATOM 1427 C C6    . C A 1 67 ? -14.699 -2.726  -18.494 1.00 20.00  ? 71 C C C6    1 
ATOM 1428 P P     . C A 1 68 ? -20.185 -5.173  -19.624 1.00 271.03 ? 72 C C P     1 
ATOM 1429 O OP1   . C A 1 68 ? -20.313 -5.076  -18.147 1.00 271.61 ? 72 C C OP1   1 
ATOM 1430 O OP2   . C A 1 68 ? -20.699 -6.376  -20.327 1.00 270.52 ? 72 C C OP2   1 
ATOM 1431 O "O5'" . C A 1 68 ? -20.888 -3.890  -20.257 1.00 266.66 ? 72 C C "O5'" 1 
ATOM 1432 C "C5'" . C A 1 68 ? -21.687 -3.010  -19.444 1.00 262.13 ? 72 C C "C5'" 1 
ATOM 1433 C "C4'" . C A 1 68 ? -21.809 -1.657  -20.103 1.00 258.77 ? 72 C C "C4'" 1 
ATOM 1434 O "O4'" . C A 1 68 ? -20.611 -0.881  -19.833 1.00 257.92 ? 72 C C "O4'" 1 
ATOM 1435 C "C3'" . C A 1 68 ? -21.947 -1.677  -21.620 1.00 256.06 ? 72 C C "C3'" 1 
ATOM 1436 O "O3'" . C A 1 68 ? -23.317 -1.739  -21.997 1.00 250.87 ? 72 C C "O3'" 1 
ATOM 1437 C "C2'" . C A 1 68 ? -21.331 -0.343  -22.023 1.00 256.62 ? 72 C C "C2'" 1 
ATOM 1438 O "O2'" . C A 1 68 ? -22.225 0.745   -21.904 1.00 257.10 ? 72 C C "O2'" 1 
ATOM 1439 C "C1'" . C A 1 68 ? -20.193 -0.216  -21.012 1.00 256.79 ? 72 C C "C1'" 1 
ATOM 1440 N N1    . C A 1 68 ? -18.937 -0.832  -21.465 1.00 255.92 ? 72 C C N1    1 
ATOM 1441 C C2    . C A 1 68 ? -17.954 -0.018  -22.031 1.00 255.36 ? 72 C C C2    1 
ATOM 1442 O O2    . C A 1 68 ? -18.168 1.199   -22.132 1.00 255.25 ? 72 C C O2    1 
ATOM 1443 N N3    . C A 1 68 ? -16.795 -0.577  -22.453 1.00 254.92 ? 72 C C N3    1 
ATOM 1444 C C4    . C A 1 68 ? -16.603 -1.891  -22.325 1.00 254.71 ? 72 C C C4    1 
ATOM 1445 N N4    . C A 1 68 ? -15.445 -2.400  -22.755 1.00 254.71 ? 72 C C N4    1 
ATOM 1446 C C5    . C A 1 68 ? -17.591 -2.744  -21.753 1.00 254.73 ? 72 C C C5    1 
ATOM 1447 C C6    . C A 1 68 ? -18.731 -2.178  -21.340 1.00 255.29 ? 72 C C C6    1 
ATOM 1448 P P     . G A 1 69 ? -23.741 -2.457  -23.364 1.00 245.79 ? 73 G C P     1 
ATOM 1449 O OP1   . G A 1 69 ? -25.121 -2.980  -23.200 1.00 245.95 ? 73 G C OP1   1 
ATOM 1450 O OP2   . G A 1 69 ? -22.645 -3.381  -23.755 1.00 245.77 ? 73 G C OP2   1 
ATOM 1451 O "O5'" . G A 1 69 ? -23.783 -1.252  -24.405 1.00 241.43 ? 73 G C "O5'" 1 
ATOM 1452 C "C5'" . G A 1 69 ? -22.933 -1.250  -25.567 1.00 236.73 ? 73 G C "C5'" 1 
ATOM 1453 C "C4'" . G A 1 69 ? -22.620 0.169   -25.981 1.00 233.19 ? 73 G C "C4'" 1 
ATOM 1454 O "O4'" . G A 1 69 ? -21.678 0.746   -25.034 1.00 233.31 ? 73 G C "O4'" 1 
ATOM 1455 C "C3'" . G A 1 69 ? -21.979 0.324   -27.356 1.00 229.38 ? 73 G C "C3'" 1 
ATOM 1456 O "O3'" . G A 1 69 ? -22.974 0.565   -28.345 1.00 220.45 ? 73 G C "O3'" 1 
ATOM 1457 C "C2'" . G A 1 69 ? -21.086 1.546   -27.174 1.00 230.96 ? 73 G C "C2'" 1 
ATOM 1458 O "O2'" . G A 1 69 ? -21.776 2.769   -27.319 1.00 230.88 ? 73 G C "O2'" 1 
ATOM 1459 C "C1'" . G A 1 69 ? -20.613 1.363   -25.732 1.00 233.13 ? 73 G C "C1'" 1 
ATOM 1460 N N9    . G A 1 69 ? -19.457 0.516   -25.608 1.00 20.00  ? 73 G C N9    1 
ATOM 1461 C C8    . G A 1 69 ? -19.395 -0.778  -25.144 1.00 20.00  ? 73 G C C8    1 
ATOM 1462 N N7    . G A 1 69 ? -18.182 -1.287  -25.152 1.00 20.00  ? 73 G C N7    1 
ATOM 1463 C C5    . G A 1 69 ? -17.375 -0.272  -25.650 1.00 20.00  ? 73 G C C5    1 
ATOM 1464 C C6    . G A 1 69 ? -15.977 -0.248  -25.898 1.00 20.00  ? 73 G C C6    1 
ATOM 1465 O O6    . G A 1 69 ? -15.147 -1.151  -25.709 1.00 20.00  ? 73 G C O6    1 
ATOM 1466 N N1    . G A 1 69 ? -15.556 0.978   -26.417 1.00 20.00  ? 73 G C N1    1 
ATOM 1467 C C2    . G A 1 69 ? -16.381 2.042   -26.670 1.00 20.00  ? 73 G C C2    1 
ATOM 1468 N N2    . G A 1 69 ? -15.814 3.140   -27.163 1.00 20.00  ? 73 G C N2    1 
ATOM 1469 N N3    . G A 1 69 ? -17.686 2.030   -26.451 1.00 20.00  ? 73 G C N3    1 
ATOM 1470 C C4    . G A 1 69 ? -18.136 0.844   -25.940 1.00 20.00  ? 73 G C C4    1 
ATOM 1471 P P     . C A 1 70 ? -24.174 -0.477  -28.687 1.00 212.33 ? 74 C C P     1 
ATOM 1472 O OP1   . C A 1 70 ? -25.329 -0.122  -27.857 1.00 212.35 ? 74 C C OP1   1 
ATOM 1473 O OP2   . C A 1 70 ? -23.647 -1.843  -28.643 1.00 212.39 ? 74 C C OP2   1 
ATOM 1474 O "O5'" . C A 1 70 ? -24.573 -0.116  -30.180 1.00 203.16 ? 74 C C "O5'" 1 
ATOM 1475 C "C5'" . C A 1 70 ? -25.935 0.107   -30.522 1.00 194.08 ? 74 C C "C5'" 1 
ATOM 1476 C "C4'" . C A 1 70 ? -26.209 1.577   -30.597 1.00 187.81 ? 74 C C "C4'" 1 
ATOM 1477 O "O4'" . C A 1 70 ? -25.449 2.150   -31.692 1.00 185.14 ? 74 C C "O4'" 1 
ATOM 1478 C "C3'" . C A 1 70 ? -27.658 1.927   -30.866 1.00 183.22 ? 74 C C "C3'" 1 
ATOM 1479 O "O3'" . C A 1 70 ? -28.312 2.081   -29.604 1.00 177.15 ? 74 C C "O3'" 1 
ATOM 1480 C "C2'" . C A 1 70 ? -27.522 3.217   -31.657 1.00 183.14 ? 74 C C "C2'" 1 
ATOM 1481 O "O2'" . C A 1 70 ? -27.326 4.256   -30.723 1.00 183.64 ? 74 C C "O2'" 1 
ATOM 1482 C "C1'" . C A 1 70 ? -26.291 2.928   -32.515 1.00 182.92 ? 74 C C "C1'" 1 
ATOM 1483 N N1    . C A 1 70 ? -26.508 2.198   -33.787 1.00 181.28 ? 74 C C N1    1 
ATOM 1484 C C2    . C A 1 70 ? -27.066 2.858   -34.895 1.00 180.28 ? 74 C C C2    1 
ATOM 1485 O O2    . C A 1 70 ? -27.410 4.046   -34.788 1.00 180.02 ? 74 C C O2    1 
ATOM 1486 N N3    . C A 1 70 ? -27.245 2.175   -36.045 1.00 180.11 ? 74 C C N3    1 
ATOM 1487 C C4    . C A 1 70 ? -26.860 0.902   -36.129 1.00 179.47 ? 74 C C C4    1 
ATOM 1488 N N4    . C A 1 70 ? -27.052 0.269   -37.285 1.00 178.91 ? 74 C C N4    1 
ATOM 1489 C C5    . C A 1 70 ? -26.284 0.213   -35.027 1.00 180.03 ? 74 C C C5    1 
ATOM 1490 C C6    . C A 1 70 ? -26.105 0.899   -33.895 1.00 180.62 ? 74 C C C6    1 
ATOM 1491 P P     . C A 1 71 ? -29.808 1.560   -29.375 1.00 171.44 ? 75 C C P     1 
ATOM 1492 O OP1   . C A 1 71 ? -30.427 2.401   -28.359 1.00 171.35 ? 75 C C OP1   1 
ATOM 1493 O OP2   . C A 1 71 ? -29.810 0.109   -29.224 1.00 171.54 ? 75 C C OP2   1 
ATOM 1494 O "O5'" . C A 1 71 ? -30.486 1.800   -30.788 1.00 168.33 ? 75 C C "O5'" 1 
ATOM 1495 C "C5'" . C A 1 71 ? -30.878 3.098   -31.267 1.00 164.36 ? 75 C C "C5'" 1 
ATOM 1496 C "C4'" . C A 1 71 ? -31.300 2.919   -32.684 1.00 161.77 ? 75 C C "C4'" 1 
ATOM 1497 O "O4'" . C A 1 71 ? -30.187 2.397   -33.439 1.00 160.48 ? 75 C C "O4'" 1 
ATOM 1498 C "C3'" . C A 1 71 ? -32.326 1.833   -32.864 1.00 160.11 ? 75 C C "C3'" 1 
ATOM 1499 O "O3'" . C A 1 71 ? -33.558 2.371   -32.429 1.00 158.39 ? 75 C C "O3'" 1 
ATOM 1500 C "C2'" . C A 1 71 ? -32.158 1.558   -34.338 1.00 159.63 ? 75 C C "C2'" 1 
ATOM 1501 O "O2'" . C A 1 71 ? -32.437 2.734   -35.049 1.00 159.47 ? 75 C C "O2'" 1 
ATOM 1502 C "C1'" . C A 1 71 ? -30.650 1.504   -34.429 1.00 159.31 ? 75 C C "C1'" 1 
ATOM 1503 N N1    . C A 1 71 ? -30.069 0.191   -34.158 1.00 158.20 ? 75 C C N1    1 
ATOM 1504 C C2    . C A 1 71 ? -29.743 -0.640  -35.229 1.00 157.36 ? 75 C C C2    1 
ATOM 1505 O O2    . C A 1 71 ? -30.007 -0.269  -36.376 1.00 156.81 ? 75 C C O2    1 
ATOM 1506 N N3    . C A 1 71 ? -29.163 -1.828  -34.987 1.00 157.16 ? 75 C C N3    1 
ATOM 1507 C C4    . C A 1 71 ? -28.884 -2.190  -33.738 1.00 157.09 ? 75 C C C4    1 
ATOM 1508 N N4    . C A 1 71 ? -28.328 -3.383  -33.547 1.00 156.96 ? 75 C C N4    1 
ATOM 1509 C C5    . C A 1 71 ? -29.193 -1.359  -32.628 1.00 157.52 ? 75 C C C5    1 
ATOM 1510 C C6    . C A 1 71 ? -29.771 -0.184  -32.882 1.00 157.63 ? 75 C C C6    1 
ATOM 1511 P P     . A A 1 72 ? -34.717 1.431   -31.943 1.00 156.79 ? 76 A C P     1 
ATOM 1512 O OP1   . A A 1 72 ? -35.802 2.286   -31.466 1.00 156.56 ? 76 A C OP1   1 
ATOM 1513 O OP2   . A A 1 72 ? -34.161 0.367   -31.122 1.00 157.06 ? 76 A C OP2   1 
ATOM 1514 O "O5'" . A A 1 72 ? -35.289 0.835   -33.284 1.00 156.41 ? 76 A C "O5'" 1 
ATOM 1515 C "C5'" . A A 1 72 ? -36.338 1.511   -33.965 1.00 155.83 ? 76 A C "C5'" 1 
ATOM 1516 C "C4'" . A A 1 72 ? -36.554 0.818   -35.268 1.00 155.33 ? 76 A C "C4'" 1 
ATOM 1517 O "O4'" . A A 1 72 ? -35.269 0.683   -35.897 1.00 155.25 ? 76 A C "O4'" 1 
ATOM 1518 C "C3'" . A A 1 72 ? -37.043 -0.608  -35.152 1.00 154.87 ? 76 A C "C3'" 1 
ATOM 1519 O "O3'" . A A 1 72 ? -38.451 -0.629  -35.077 1.00 154.68 ? 76 A C "O3'" 1 
ATOM 1520 C "C2'" . A A 1 72 ? -36.557 -1.186  -36.456 1.00 155.00 ? 76 A C "C2'" 1 
ATOM 1521 O "O2'" . A A 1 72 ? -37.340 -0.753  -37.531 1.00 154.68 ? 76 A C "O2'" 1 
ATOM 1522 C "C1'" . A A 1 72 ? -35.181 -0.545  -36.556 1.00 154.93 ? 76 A C "C1'" 1 
ATOM 1523 N N9    . A A 1 72 ? -34.179 -1.329  -35.866 1.00 154.94 ? 76 A C N9    1 
ATOM 1524 C C8    . A A 1 72 ? -33.908 -1.317  -34.529 1.00 154.76 ? 76 A C C8    1 
ATOM 1525 N N7    . A A 1 72 ? -32.995 -2.178  -34.170 1.00 154.91 ? 76 A C N7    1 
ATOM 1526 C C5    . A A 1 72 ? -32.661 -2.820  -35.349 1.00 154.92 ? 76 A C C5    1 
ATOM 1527 C C6    . A A 1 72 ? -31.772 -3.858  -35.633 1.00 154.59 ? 76 A C C6    1 
ATOM 1528 N N6    . A A 1 72 ? -31.005 -4.441  -34.717 1.00 154.35 ? 76 A C N6    1 
ATOM 1529 N N1    . A A 1 72 ? -31.688 -4.278  -36.909 1.00 154.66 ? 76 A C N1    1 
ATOM 1530 C C2    . A A 1 72 ? -32.452 -3.689  -37.828 1.00 153.96 ? 76 A C C2    1 
ATOM 1531 N N3    . A A 1 72 ? -33.331 -2.707  -37.683 1.00 154.21 ? 76 A C N3    1 
ATOM 1532 C C4    . A A 1 72 ? -33.379 -2.304  -36.403 1.00 154.75 ? 76 A C C4    1 
# 
loop_
_atom_site_anisotrop.id 
_atom_site_anisotrop.type_symbol 
_atom_site_anisotrop.pdbx_label_atom_id 
_atom_site_anisotrop.pdbx_label_alt_id 
_atom_site_anisotrop.pdbx_label_comp_id 
_atom_site_anisotrop.pdbx_label_asym_id 
_atom_site_anisotrop.pdbx_label_seq_id 
_atom_site_anisotrop.pdbx_PDB_ins_code 
_atom_site_anisotrop.U[1][1] 
_atom_site_anisotrop.U[2][2] 
_atom_site_anisotrop.U[3][3] 
_atom_site_anisotrop.U[1][2] 
_atom_site_anisotrop.U[1][3] 
_atom_site_anisotrop.U[2][3] 
_atom_site_anisotrop.pdbx_auth_seq_id 
_atom_site_anisotrop.pdbx_auth_comp_id 
_atom_site_anisotrop.pdbx_auth_asym_id 
_atom_site_anisotrop.pdbx_auth_atom_id 
174 P P     . G A 9  ? 0.9885 1.0162 1.0325 -0.2110 -0.0938 0.2116  10 G C P     
175 O OP1   . G A 9  ? 1.0189 1.0220 1.0711 -0.2098 -0.0994 0.2227  10 G C OP1   
176 O OP2   . G A 9  ? 0.9624 0.9999 1.0008 -0.1998 -0.0952 0.1935  10 G C OP2   
177 O "O5'" . G A 9  ? 0.9821 1.0144 1.0457 -0.2232 -0.0894 0.2080  10 G C "O5'" 
178 C "C5'" . G A 9  ? 0.9943 1.0177 1.0676 -0.2361 -0.0866 0.2238  10 G C "C5'" 
179 C "C4'" . G A 9  ? 0.9896 1.0173 1.0849 -0.2464 -0.0829 0.2150  10 G C "C4'" 
180 O "O4'" . G A 9  ? 0.9499 1.0054 1.0397 -0.2487 -0.0773 0.2063  10 G C "O4'" 
181 C "C3'" . G A 9  ? 0.9961 1.0148 1.1086 -0.2417 -0.0877 0.1963  10 G C "C3'" 
182 O "O3'" . G A 9  ? 1.0356 1.0272 1.1650 -0.2441 -0.0911 0.2018  10 G C "O3'" 
183 C "C2'" . G A 9  ? 0.9713 1.0094 1.0970 -0.2502 -0.0835 0.1836  10 G C "C2'" 
184 O "O2'" . G A 9  ? 0.9909 1.0198 1.1367 -0.2651 -0.0800 0.1911  10 G C "O2'" 
185 C "C1'" . G A 9  ? 0.9299 0.9930 1.0375 -0.2502 -0.0780 0.1881  10 G C "C1'" 
197 P P     . A A 10 ? 0.9885 1.0162 1.0325 -0.2110 -0.0938 0.2116  11 A C P     
198 O OP1   . A A 10 ? 1.0189 1.0220 1.0711 -0.2098 -0.0994 0.2227  11 A C OP1   
199 O OP2   . A A 10 ? 0.9624 0.9999 1.0008 -0.1998 -0.0952 0.1935  11 A C OP2   
200 O "O5'" . A A 10 ? 0.9821 1.0144 1.0457 -0.2232 -0.0894 0.2080  11 A C "O5'" 
201 C "C5'" . A A 10 ? 0.9943 1.0177 1.0676 -0.2361 -0.0866 0.2238  11 A C "C5'" 
202 C "C4'" . A A 10 ? 0.9896 1.0173 1.0849 -0.2464 -0.0829 0.2150  11 A C "C4'" 
203 O "O4'" . A A 10 ? 0.9499 1.0054 1.0397 -0.2487 -0.0773 0.2063  11 A C "O4'" 
204 C "C3'" . A A 10 ? 0.9961 1.0148 1.1086 -0.2417 -0.0877 0.1963  11 A C "C3'" 
205 O "O3'" . A A 10 ? 1.0356 1.0272 1.1650 -0.2441 -0.0911 0.2018  11 A C "O3'" 
206 C "C2'" . A A 10 ? 0.9713 1.0094 1.0970 -0.2502 -0.0835 0.1836  11 A C "C2'" 
207 O "O2'" . A A 10 ? 0.9909 1.0198 1.1367 -0.2651 -0.0800 0.1911  11 A C "O2'" 
208 C "C1'" . A A 10 ? 0.9299 0.9930 1.0375 -0.2502 -0.0780 0.1881  11 A C "C1'" 
219 P P     . U A 11 ? 1.0681 1.0443 1.2073 -0.2340 -0.0972 0.1858  12 U C P     
220 O OP1   . U A 11 ? 1.0965 1.0441 1.2524 -0.2364 -0.0995 0.1970  12 U C OP1   
221 O OP2   . U A 11 ? 1.0389 1.0250 1.1570 -0.2199 -0.1001 0.1791  12 U C OP2   
222 O "O5'" . U A 11 ? 1.0620 1.0482 1.2185 -0.2399 -0.0961 0.1647  12 U C "O5'" 
223 C "C5'" . U A 11 ? 1.0767 1.0551 1.2572 -0.2540 -0.0931 0.1651  12 U C "C5'" 
224 C "C4'" . U A 11 ? 1.0643 1.0606 1.2562 -0.2589 -0.0926 0.1436  12 U C "C4'" 
225 O "O4'" . U A 11 ? 1.0510 1.0772 1.2290 -0.2588 -0.0897 0.1427  12 U C "O4'" 
226 C "C3'" . U A 11 ? 1.0465 1.0441 1.2382 -0.2491 -0.0978 0.1217  12 U C "C3'" 
227 O "O3'" . U A 11 ? 1.0587 1.0332 1.2708 -0.2514 -0.0997 0.1131  12 U C "O3'" 
228 C "C2'" . U A 11 ? 1.0306 1.0575 1.2233 -0.2526 -0.0975 0.1065  12 U C "C2'" 
229 O "O2'" . U A 11 ? 1.0331 1.0591 1.2511 -0.2669 -0.0957 0.0986  12 U C "O2'" 
230 C "C1'" . U A 11 ? 1.0356 1.0802 1.2143 -0.2542 -0.0930 0.1215  12 U C "C1'" 
239 P P     . C A 12 ? 1.0731 1.0372 1.2804 -0.2382 -0.1044 0.0991  13 C C P     
240 O OP1   . C A 12 ? 1.0862 1.0273 1.3205 -0.2445 -0.1042 0.0898  13 C C OP1   
241 O OP2   . C A 12 ? 1.0673 1.0269 1.2538 -0.2257 -0.1060 0.1127  13 C C OP2   
242 O "O5'" . C A 12 ? 1.0424 1.0336 1.2398 -0.2343 -0.1069 0.0779  13 C C "O5'" 
243 C "C5'" . C A 12 ? 1.0288 1.0300 1.2432 -0.2443 -0.1073 0.0604  13 C C "C5'" 
244 C "C4'" . C A 12 ? 0.9910 1.0235 1.1930 -0.2406 -0.1103 0.0466  13 C C "C4'" 
245 O "O4'" . C A 12 ? 0.9563 1.0083 1.1437 -0.2384 -0.1084 0.0597  13 C C "O4'" 
246 C "C3'" . C A 12 ? 0.9721 1.0108 1.1564 -0.2272 -0.1146 0.0344  13 C C "C3'" 
247 O "O3'" . C A 12 ? 1.0012 1.0310 1.1963 -0.2287 -0.1167 0.0149  13 C C "O3'" 
248 C "C2'" . C A 12 ? 0.9400 1.0111 1.1126 -0.2250 -0.1169 0.0302  13 C C "C2'" 
249 O "O2'" . C A 12 ? 0.9501 1.0370 1.1387 -0.2351 -0.1191 0.0137  13 C C "O2'" 
250 C "C1'" . C A 12 ? 0.9172 0.9928 1.0886 -0.2290 -0.1122 0.0496  13 C C "C1'" 
259 P P     . A A 13 ? 1.0174 1.0418 1.1971 -0.2154 -0.1190 0.0052  14 A C P     
260 O OP1   . A A 13 ? 1.0373 1.0527 1.2331 -0.2207 -0.1195 -0.0163 14 A C OP1   
261 O OP2   . A A 13 ? 1.0113 1.0189 1.1802 -0.2059 -0.1172 0.0234  14 A C OP2   
262 O "O5'" . A A 13 ? 0.9921 1.0474 1.1504 -0.2085 -0.1231 -0.0014 14 A C "O5'" 
263 C "C5'" . A A 13 ? 1.0011 1.0797 1.1647 -0.2152 -0.1267 -0.0175 14 A C "C5'" 
264 C "C4'" . A A 13 ? 0.9988 1.1055 1.1426 -0.2071 -0.1305 -0.0155 14 A C "C4'" 
265 O "O4'" . A A 13 ? 0.9799 1.0891 1.1174 -0.2040 -0.1275 0.0043  14 A C "O4'" 
266 C "C3'" . A A 13 ? 1.0184 1.1266 1.1391 -0.1936 -0.1325 -0.0186 14 A C "C3'" 
267 O "O3'" . A A 13 ? 1.0592 1.1766 1.1783 -0.1947 -0.1365 -0.0390 14 A C "O3'" 
268 C "C2'" . A A 13 ? 0.9759 1.1047 1.0810 -0.1856 -0.1341 -0.0069 14 A C "C2'" 
269 O "O2'" . A A 13 ? 0.9663 1.1240 1.0722 -0.1880 -0.1395 -0.0169 14 A C "O2'" 
270 C "C1'" . A A 13 ? 0.9524 1.0747 1.0677 -0.1912 -0.1293 0.0091  14 A C "C1'" 
301 P P     . G A 15 ? 1.0744 1.2375 1.0700 -0.1369 -0.1451 -0.0353 18 G C P     
302 O OP1   . G A 15 ? 1.1014 1.2370 1.1036 -0.1371 -0.1383 -0.0361 18 G C OP1   
303 O OP2   . G A 15 ? 1.1084 1.2924 1.0958 -0.1400 -0.1506 -0.0516 18 G C OP2   
304 O "O5'" . G A 15 ? 1.0280 1.1971 1.0063 -0.1250 -0.1453 -0.0179 18 G C "O5'" 
305 C "C5'" . G A 15 ? 0.9673 1.1281 0.9279 -0.1159 -0.1418 -0.0130 18 G C "C5'" 
306 C "C4'" . G A 15 ? 0.9056 1.0772 0.8522 -0.1061 -0.1436 0.0017  18 G C "C4'" 
307 O "O4'" . G A 15 ? 0.8661 1.0247 0.7980 -0.0982 -0.1385 0.0082  18 G C "O4'" 
308 C "C3'" . G A 15 ? 0.9021 1.1010 0.8381 -0.1040 -0.1512 -0.0013 18 G C "C3'" 
309 O "O3'" . G A 15 ? 0.9104 1.1201 0.8470 -0.0976 -0.1538 0.0125  18 G C "O3'" 
310 C "C2'" . G A 15 ? 0.8817 1.0790 0.7962 -0.0978 -0.1493 -0.0017 18 G C "C2'" 
311 O "O2'" . G A 15 ? 0.8811 1.0991 0.7799 -0.0916 -0.1551 0.0039  18 G C "O2'" 
312 C "C1'" . G A 15 ? 0.8574 1.0317 0.7707 -0.0918 -0.1416 0.0106  18 G C "C1'" 
324 P P     . U A 16 ? 0.9228 1.1547 0.8753 -0.1024 -0.1602 0.0109  19 U C P     
325 O OP1   . U A 16 ? 0.9425 1.1933 0.8948 -0.1093 -0.1673 -0.0046 19 U C OP1   
326 O OP2   . U A 16 ? 0.9333 1.1520 0.9041 -0.1080 -0.1552 0.0143  19 U C OP2   
327 O "O5'" . U A 16 ? 0.9233 1.1706 0.8689 -0.0911 -0.1637 0.0249  19 U C "O5'" 
328 C "C5'" . U A 16 ? 0.8945 1.1301 0.8404 -0.0833 -0.1581 0.0392  19 U C "C5'" 
329 C "C4'" . U A 16 ? 0.8944 1.1459 0.8345 -0.0723 -0.1623 0.0502  19 U C "C4'" 
330 O "O4'" . U A 16 ? 0.8970 1.1504 0.8167 -0.0665 -0.1648 0.0518  19 U C "O4'" 
331 C "C3'" . U A 16 ? 0.9042 1.1848 0.8568 -0.0732 -0.1707 0.0480  19 U C "C3'" 
332 O "O3'" . U A 16 ? 0.9262 1.2141 0.8811 -0.0620 -0.1713 0.0611  19 U C "O3'" 
333 C "C2'" . U A 16 ? 0.9182 1.2150 0.8569 -0.0737 -0.1791 0.0410  19 U C "C2'" 
334 O "O2'" . U A 16 ? 0.9318 1.2583 0.8748 -0.0700 -0.1891 0.0430  19 U C "O2'" 
335 C "C1'" . U A 16 ? 0.9169 1.1977 0.8338 -0.0651 -0.1749 0.0497  19 U C "C1'" 
366 P P     . G A 18 ? 0.7842 0.9960 0.7884 -0.0932 -0.1287 0.0715  21 G C P     
367 O OP1   . G A 18 ? 0.8251 1.0227 0.8133 -0.0883 -0.1307 0.0705  21 G C OP1   
368 O OP2   . G A 18 ? 0.7582 0.9617 0.7645 -0.0947 -0.1209 0.0785  21 G C OP2   
369 O "O5'" . G A 18 ? 0.8189 1.0366 0.8366 -0.1060 -0.1317 0.0628  21 G C "O5'" 
370 C "C5'" . G A 18 ? 0.8095 1.0416 0.8445 -0.1137 -0.1300 0.0623  21 G C "C5'" 
371 C "C4'" . G A 18 ? 0.8080 1.0486 0.8557 -0.1246 -0.1346 0.0521  21 G C "C4'" 
372 O "O4'" . G A 18 ? 0.7984 1.0173 0.8407 -0.1296 -0.1347 0.0479  21 G C "O4'" 
373 C "C3'" . G A 18 ? 0.8297 1.0785 0.8965 -0.1363 -0.1310 0.0519  21 G C "C3'" 
374 O "O3'" . G A 18 ? 0.8495 1.1263 0.9291 -0.1348 -0.1327 0.0506  21 G C "O3'" 
375 C "C2'" . G A 18 ? 0.8291 1.0711 0.9041 -0.1479 -0.1341 0.0421  21 G C "C2'" 
376 O "O2'" . G A 18 ? 0.8341 1.0981 0.9153 -0.1487 -0.1423 0.0310  21 G C "O2'" 
377 C "C1'" . G A 18 ? 0.8179 1.0349 0.8763 -0.1430 -0.1340 0.0425  21 G C "C1'" 
389 P P     . A A 19 ? 0.8713 1.1587 0.9671 -0.1423 -0.1251 0.0549  22 A C P     
390 O OP1   . A A 19 ? 0.8936 1.2123 1.0028 -0.1375 -0.1285 0.0520  22 A C OP1   
391 O OP2   . A A 19 ? 0.8535 1.1224 0.9380 -0.1400 -0.1164 0.0652  22 A C OP2   
392 O "O5'" . A A 19 ? 0.8626 1.1455 0.9729 -0.1591 -0.1245 0.0496  22 A C "O5'" 
393 C "C5'" . A A 19 ? 0.8396 1.1386 0.9634 -0.1657 -0.1319 0.0377  22 A C "C5'" 
394 C "C4'" . A A 19 ? 0.8217 1.1088 0.9584 -0.1818 -0.1295 0.0336  22 A C "C4'" 
395 O "O4'" . A A 19 ? 0.8090 1.0644 0.9330 -0.1821 -0.1279 0.0360  22 A C "O4'" 
396 C "C3'" . A A 19 ? 0.7977 1.0859 0.9484 -0.1927 -0.1204 0.0409  22 A C "C3'" 
397 O "O3'" . A A 19 ? 0.7776 1.0961 0.9490 -0.1985 -0.1210 0.0357  22 A C "O3'" 
398 C "C2'" . A A 19 ? 0.8076 1.0707 0.9632 -0.2050 -0.1185 0.0401  22 A C "C2'" 
399 O "O2'" . A A 19 ? 0.8257 1.0992 0.9993 -0.2154 -0.1236 0.0266  22 A C "O2'" 
400 C "C1'" . A A 19 ? 0.8071 1.0471 0.9425 -0.1952 -0.1219 0.0401  22 A C "C1'" 
411 P P     . U A 20 ? 0.7620 1.0930 0.9445 -0.2037 -0.1107 0.0443  23 U C P     
412 O OP1   . U A 20 ? 0.7638 1.1296 0.9688 -0.2072 -0.1136 0.0361  23 U C OP1   
413 O OP2   . U A 20 ? 0.7629 1.0853 0.9265 -0.1916 -0.1055 0.0548  23 U C OP2   
414 O "O5'" . U A 20 ? 0.7814 1.0922 0.9713 -0.2205 -0.1037 0.0494  23 U C "O5'" 
415 C "C5'" . U A 20 ? 0.7832 1.0974 0.9940 -0.2354 -0.1058 0.0408  23 U C "C5'" 
416 C "C4'" . U A 20 ? 0.8007 1.0864 1.0136 -0.2479 -0.0998 0.0484  23 U C "C4'" 
417 O "O4'" . U A 20 ? 0.7978 1.0533 0.9912 -0.2401 -0.1025 0.0519  23 U C "O4'" 
418 C "C3'" . U A 20 ? 0.8121 1.0934 1.0237 -0.2543 -0.0883 0.0640  23 U C "C3'" 
419 O "O3'" . U A 20 ? 0.8371 1.1394 1.0715 -0.2680 -0.0825 0.0629  23 U C "O3'" 
420 C "C2'" . U A 20 ? 0.8214 1.0668 1.0258 -0.2595 -0.0865 0.0729  23 U C "C2'" 
421 O "O2'" . U A 20 ? 0.8223 1.0604 1.0484 -0.2750 -0.0865 0.0680  23 U C "O2'" 
422 C "C1'" . U A 20 ? 0.8285 1.0599 1.0169 -0.2459 -0.0951 0.0663  23 U C "C1'" 
431 P P     . C A 21 ? 0.7620 1.0930 0.9445 -0.2037 -0.1107 0.0443  24 C C P     
432 O OP1   . C A 21 ? 0.7638 1.1296 0.9688 -0.2072 -0.1136 0.0361  24 C C OP1   
433 O OP2   . C A 21 ? 0.7629 1.0853 0.9265 -0.1916 -0.1055 0.0548  24 C C OP2   
434 O "O5'" . C A 21 ? 0.7814 1.0922 0.9713 -0.2205 -0.1037 0.0494  24 C C "O5'" 
435 C "C5'" . C A 21 ? 0.7832 1.0974 0.9940 -0.2354 -0.1058 0.0408  24 C C "C5'" 
436 C "C4'" . C A 21 ? 0.8007 1.0864 1.0136 -0.2479 -0.0998 0.0484  24 C C "C4'" 
437 O "O4'" . C A 21 ? 0.7978 1.0533 0.9912 -0.2401 -0.1025 0.0519  24 C C "O4'" 
438 C "C3'" . C A 21 ? 0.8121 1.0934 1.0237 -0.2543 -0.0883 0.0640  24 C C "C3'" 
439 O "O3'" . C A 21 ? 0.8371 1.1394 1.0715 -0.2680 -0.0825 0.0629  24 C C "O3'" 
440 C "C2'" . C A 21 ? 0.8214 1.0668 1.0258 -0.2595 -0.0865 0.0729  24 C C "C2'" 
441 O "O2'" . C A 21 ? 0.8223 1.0604 1.0484 -0.2750 -0.0865 0.0680  24 C C "O2'" 
442 C "C1'" . C A 21 ? 0.8285 1.0599 1.0169 -0.2459 -0.0951 0.0663  24 C C "C1'" 
451 P P     . G A 22 ? 0.8634 1.1801 1.0973 -0.2715 -0.0705 0.0747  25 G C P     
452 O OP1   . G A 22 ? 0.8875 1.2256 1.1495 -0.2873 -0.0662 0.0700  25 G C OP1   
453 O OP2   . G A 22 ? 0.8591 1.1909 1.0790 -0.2547 -0.0709 0.0742  25 G C OP2   
454 O "O5'" . G A 22 ? 0.8750 1.1603 1.0929 -0.2766 -0.0636 0.0920  25 G C "O5'" 
455 C "C5'" . G A 22 ? 0.8938 1.1593 1.1231 -0.2922 -0.0611 0.0978  25 G C "C5'" 
456 C "C4'" . G A 22 ? 0.9049 1.1388 1.1157 -0.2922 -0.0582 0.1147  25 G C "C4'" 
457 O "O4'" . G A 22 ? 0.8885 1.1050 1.0802 -0.2766 -0.0662 0.1121  25 G C "O4'" 
458 C "C3'" . G A 22 ? 0.9024 1.1399 1.0966 -0.2929 -0.0484 0.1306  25 G C "C3'" 
459 O "O3'" . G A 22 ? 0.9267 1.1706 1.1338 -0.3102 -0.0387 0.1399  25 G C "O3'" 
460 C "C2'" . G A 22 ? 0.8966 1.1028 1.0695 -0.2861 -0.0517 0.1422  25 G C "C2'" 
461 O "O2'" . G A 22 ? 0.8993 1.0811 1.0808 -0.2985 -0.0507 0.1531  25 G C "O2'" 
462 C "C1'" . G A 22 ? 0.8982 1.0970 1.0687 -0.2728 -0.0627 0.1282  25 G C "C1'" 
474 P P     . A A 23 ? 0.9352 1.2019 1.1334 -0.3138 -0.0264 0.1488  26 A C P     
475 O OP1   . A A 23 ? 0.9563 1.2249 1.1698 -0.3338 -0.0170 0.1591  26 A C OP1   
476 O OP2   . A A 23 ? 0.9231 1.2204 1.1246 -0.3027 -0.0269 0.1345  26 A C OP2   
477 O "O5'" . A A 23 ? 0.9295 1.1779 1.0963 -0.3054 -0.0256 0.1630  26 A C "O5'" 
478 C "C5'" . A A 23 ? 0.9450 1.1651 1.1027 -0.3124 -0.0254 0.1804  26 A C "C5'" 
479 C "C4'" . A A 23 ? 0.9521 1.1603 1.0801 -0.3013 -0.0271 0.1897  26 A C "C4'" 
480 O "O4'" . A A 23 ? 0.9438 1.1425 1.0655 -0.2848 -0.0375 0.1783  26 A C "O4'" 
481 C "C3'" . A A 23 ? 0.9602 1.1919 1.0711 -0.2977 -0.0186 0.1904  26 A C "C3'" 
482 O "O3'" . A A 23 ? 0.9884 1.2258 1.0931 -0.3118 -0.0080 0.2059  26 A C "O3'" 
483 C "C2'" . A A 23 ? 0.9500 1.1684 1.0371 -0.2820 -0.0253 0.1907  26 A C "C2'" 
484 O "O2'" . A A 23 ? 0.9714 1.1680 1.0420 -0.2860 -0.0263 0.2089  26 A C "O2'" 
485 C "C1'" . A A 23 ? 0.9330 1.1377 1.0315 -0.2728 -0.0367 0.1786  26 A C "C1'" 
496 P P     . A A 24 ? 0.9932 1.2640 1.0925 -0.3151 0.0051  0.2028  27 A C P     
497 O OP1   . A A 24 ? 1.0281 1.3008 1.1230 -0.3328 0.0155  0.2205  27 A C OP1   
498 O OP2   . A A 24 ? 0.9588 1.2542 1.0811 -0.3109 0.0055  0.1835  27 A C OP2   
499 O "O5'" . A A 24 ? 0.9957 1.2662 1.0665 -0.3008 0.0038  0.2016  27 A C "O5'" 
500 C "C5'" . A A 24 ? 1.0237 1.2746 1.0696 -0.3009 0.0013  0.2173  27 A C "C5'" 
501 C "C4'" . A A 24 ? 1.0346 1.2846 1.0598 -0.2849 -0.0025 0.2102  27 A C "C4'" 
502 O "O4'" . A A 24 ? 1.0173 1.2569 1.0522 -0.2710 -0.0134 0.1972  27 A C "O4'" 
503 C "C3'" . A A 24 ? 1.0460 1.3239 1.0651 -0.2807 0.0072  0.1987  27 A C "C3'" 
504 O "O3'" . A A 24 ? 1.0770 1.3652 1.0762 -0.2901 0.0173  0.2091  27 A C "O3'" 
505 C "C2'" . A A 24 ? 1.0275 1.2981 1.0377 -0.2624 -0.0008 0.1875  27 A C "C2'" 
506 O "O2'" . A A 24 ? 1.0425 1.2983 1.0269 -0.2597 -0.0039 0.1971  27 A C "O2'" 
507 C "C1'" . A A 24 ? 1.0033 1.2557 1.0303 -0.2574 -0.0126 0.1841  27 A C "C1'" 
# 
